data_4PFQ
#
_entry.id   4PFQ
#
_cell.length_a   51.210
_cell.length_b   123.587
_cell.length_c   123.285
_cell.angle_alpha   90.00
_cell.angle_beta   90.45
_cell.angle_gamma   90.00
#
_symmetry.space_group_name_H-M   'P 1 21 1'
#
loop_
_entity.id
_entity.type
_entity.pdbx_description
1 polymer 'Hypoxanthine phosphoribosyltransferase'
2 non-polymer 'MAGNESIUM ION'
3 water water
#
_entity_poly.entity_id   1
_entity_poly.type   'polypeptide(L)'
_entity_poly.pdbx_seq_one_letter_code
;(MSE)HHHHHHSSGVDLGTENLYFQS(MSE)VPQTHPHPDVDRVLLDEQQIRDRLAELGEQIAADYAEEPPVLVGVLRGA
V(MSE)V(MSE)ADLARQIDLKVE(MSE)DW(MSE)AVSSYGSGTKSSGVVRILKDLSGDITDRNVLIVEDIIDSGLTLK
WLLSNLRSRGPKSVEVAALLRKPDAARVDIDVKYIGFDIPSEFVIGYGLDYAENYRNLPYVGVLSRSVYED
;
_entity_poly.pdbx_strand_id   A,B,C,D,E,F,G,H
#
loop_
_chem_comp.id
_chem_comp.type
_chem_comp.name
_chem_comp.formula
MG non-polymer 'MAGNESIUM ION' 'Mg 2'
#
# COMPACT_ATOMS: atom_id res chain seq x y z
N PRO A 29 -19.88 -38.95 -32.46
CA PRO A 29 -18.91 -37.84 -32.60
C PRO A 29 -19.54 -36.50 -33.08
N HIS A 30 -19.32 -35.41 -32.35
CA HIS A 30 -19.70 -34.05 -32.80
C HIS A 30 -18.78 -33.51 -33.91
N PRO A 31 -19.34 -32.89 -34.97
CA PRO A 31 -18.49 -32.45 -36.11
C PRO A 31 -17.57 -31.21 -35.83
N ASP A 32 -17.95 -30.34 -34.90
CA ASP A 32 -17.08 -29.23 -34.46
C ASP A 32 -15.99 -29.59 -33.42
N VAL A 33 -16.08 -30.79 -32.88
CA VAL A 33 -15.15 -31.28 -31.95
C VAL A 33 -14.14 -32.18 -32.69
N ASP A 34 -12.87 -31.81 -32.69
CA ASP A 34 -11.85 -32.77 -33.18
C ASP A 34 -11.75 -34.09 -32.41
N ARG A 35 -11.74 -34.02 -31.08
CA ARG A 35 -11.68 -35.24 -30.25
C ARG A 35 -12.07 -34.88 -28.82
N VAL A 36 -12.45 -35.89 -28.03
CA VAL A 36 -12.83 -35.68 -26.64
C VAL A 36 -11.56 -35.77 -25.80
N LEU A 37 -11.30 -34.77 -25.00
CA LEU A 37 -10.13 -34.73 -24.14
C LEU A 37 -10.44 -35.30 -22.78
N LEU A 38 -11.56 -34.89 -22.19
CA LEU A 38 -11.99 -35.43 -20.91
C LEU A 38 -13.45 -35.74 -21.00
N ASP A 39 -13.81 -36.99 -20.70
CA ASP A 39 -15.20 -37.36 -20.82
C ASP A 39 -15.98 -37.12 -19.55
N GLU A 40 -17.30 -37.18 -19.70
CA GLU A 40 -18.21 -36.80 -18.65
C GLU A 40 -17.90 -37.52 -17.35
N GLN A 41 -17.60 -38.82 -17.46
CA GLN A 41 -17.33 -39.61 -16.26
C GLN A 41 -16.01 -39.25 -15.62
N GLN A 42 -14.97 -39.05 -16.42
CA GLN A 42 -13.72 -38.59 -15.86
C GLN A 42 -13.93 -37.31 -15.07
N ILE A 43 -14.70 -36.35 -15.60
CA ILE A 43 -14.86 -35.04 -14.88
C ILE A 43 -15.61 -35.29 -13.59
N ARG A 44 -16.72 -36.04 -13.67
CA ARG A 44 -17.44 -36.39 -12.45
C ARG A 44 -16.55 -37.10 -11.37
N ASP A 45 -15.73 -38.08 -11.77
CA ASP A 45 -14.91 -38.79 -10.78
C ASP A 45 -13.92 -37.83 -10.12
N ARG A 46 -13.30 -36.98 -10.93
CA ARG A 46 -12.33 -36.08 -10.39
C ARG A 46 -12.96 -35.05 -9.44
N LEU A 47 -14.14 -34.53 -9.79
CA LEU A 47 -14.75 -33.53 -8.95
C LEU A 47 -15.24 -34.13 -7.69
N ALA A 48 -15.60 -35.44 -7.71
CA ALA A 48 -15.92 -36.10 -6.50
C ALA A 48 -14.75 -36.17 -5.53
N GLU A 49 -13.55 -36.52 -6.03
CA GLU A 49 -12.32 -36.48 -5.22
C GLU A 49 -12.03 -35.06 -4.75
N LEU A 50 -12.08 -34.08 -5.67
CA LEU A 50 -11.74 -32.68 -5.21
C LEU A 50 -12.70 -32.24 -4.12
N GLY A 51 -13.98 -32.58 -4.31
CA GLY A 51 -15.01 -32.15 -3.35
C GLY A 51 -14.69 -32.64 -1.95
N GLU A 52 -14.20 -33.87 -1.92
CA GLU A 52 -13.96 -34.54 -0.66
C GLU A 52 -12.76 -33.89 -0.01
N GLN A 53 -11.71 -33.68 -0.79
CA GLN A 53 -10.51 -33.04 -0.26
C GLN A 53 -10.85 -31.63 0.24
N ILE A 54 -11.63 -30.86 -0.52
CA ILE A 54 -12.02 -29.54 -0.10
C ILE A 54 -12.84 -29.60 1.19
N ALA A 55 -13.77 -30.57 1.29
CA ALA A 55 -14.62 -30.63 2.45
C ALA A 55 -13.78 -30.92 3.70
N ALA A 56 -12.78 -31.79 3.60
CA ALA A 56 -11.86 -31.99 4.72
C ALA A 56 -11.02 -30.75 5.04
N ASP A 57 -10.46 -30.06 4.04
CA ASP A 57 -9.59 -28.94 4.31
C ASP A 57 -10.36 -27.79 4.95
N TYR A 58 -11.65 -27.65 4.68
CA TYR A 58 -12.41 -26.48 5.19
C TYR A 58 -13.44 -26.84 6.25
N ALA A 59 -13.28 -27.99 6.87
CA ALA A 59 -14.27 -28.55 7.78
C ALA A 59 -14.69 -27.57 8.88
N GLU A 60 -13.73 -26.75 9.33
CA GLU A 60 -13.97 -25.85 10.46
C GLU A 60 -14.66 -24.55 10.03
N GLU A 61 -14.61 -24.23 8.75
CA GLU A 61 -14.99 -22.90 8.30
C GLU A 61 -15.22 -22.95 6.78
N PRO A 62 -16.47 -23.23 6.39
CA PRO A 62 -16.71 -23.48 4.95
C PRO A 62 -16.39 -22.20 4.13
N PRO A 63 -15.85 -22.38 2.92
CA PRO A 63 -15.64 -21.28 1.97
C PRO A 63 -16.84 -20.71 1.24
N VAL A 64 -16.71 -19.43 0.90
CA VAL A 64 -17.51 -18.80 -0.13
C VAL A 64 -16.88 -19.22 -1.46
N LEU A 65 -17.61 -19.94 -2.27
CA LEU A 65 -17.18 -20.33 -3.63
C LEU A 65 -17.47 -19.16 -4.55
N VAL A 66 -16.44 -18.73 -5.24
CA VAL A 66 -16.56 -17.62 -6.13
C VAL A 66 -16.28 -18.04 -7.54
N GLY A 67 -17.23 -17.77 -8.41
CA GLY A 67 -17.06 -18.10 -9.81
C GLY A 67 -17.14 -16.88 -10.68
N VAL A 68 -16.32 -16.87 -11.72
CA VAL A 68 -16.39 -15.83 -12.72
C VAL A 68 -17.18 -16.35 -13.94
N LEU A 69 -18.27 -15.70 -14.23
CA LEU A 69 -19.09 -16.05 -15.36
C LEU A 69 -18.32 -15.86 -16.69
N ARG A 70 -18.62 -16.63 -17.72
CA ARG A 70 -19.63 -17.68 -17.78
C ARG A 70 -18.96 -19.03 -17.73
N GLY A 71 -17.64 -19.03 -17.90
CA GLY A 71 -16.89 -20.28 -17.99
C GLY A 71 -16.92 -21.19 -16.78
N ALA A 72 -17.07 -20.59 -15.60
CA ALA A 72 -17.13 -21.34 -14.34
C ALA A 72 -18.47 -22.02 -14.06
N VAL A 73 -19.47 -21.83 -14.89
CA VAL A 73 -20.81 -22.32 -14.50
C VAL A 73 -20.88 -23.84 -14.21
N MSE A 74 -20.46 -24.69 -15.14
CA MSE A 74 -20.55 -26.12 -14.97
C MSE A 74 -19.69 -26.61 -13.84
O MSE A 74 -20.12 -27.35 -13.01
CB MSE A 74 -20.22 -26.87 -16.24
CG MSE A 74 -21.42 -27.41 -16.96
SE MSE A 74 -22.43 -25.87 -17.48
CE MSE A 74 -23.32 -26.51 -19.07
N VAL A 75 -18.47 -26.15 -13.77
CA VAL A 75 -17.54 -26.64 -12.71
C VAL A 75 -18.06 -26.21 -11.35
N MSE A 76 -18.52 -24.99 -11.23
CA MSE A 76 -19.10 -24.54 -10.00
C MSE A 76 -20.36 -25.23 -9.61
O MSE A 76 -20.48 -25.63 -8.50
CB MSE A 76 -19.38 -23.06 -10.06
CG MSE A 76 -19.60 -22.67 -8.61
SE MSE A 76 -18.28 -21.43 -8.02
CE MSE A 76 -19.61 -20.27 -7.23
N ALA A 77 -21.29 -25.43 -10.49
CA ALA A 77 -22.51 -26.15 -10.15
C ALA A 77 -22.15 -27.56 -9.68
N ASP A 78 -21.21 -28.18 -10.37
CA ASP A 78 -20.94 -29.62 -10.10
C ASP A 78 -20.07 -29.77 -8.87
N LEU A 79 -19.02 -28.98 -8.77
CA LEU A 79 -18.08 -29.11 -7.65
C LEU A 79 -18.79 -28.74 -6.32
N ALA A 80 -19.64 -27.70 -6.35
CA ALA A 80 -20.37 -27.28 -5.16
C ALA A 80 -21.18 -28.47 -4.61
N ARG A 81 -21.84 -29.20 -5.47
CA ARG A 81 -22.59 -30.38 -5.06
C ARG A 81 -21.76 -31.55 -4.56
N GLN A 82 -20.46 -31.55 -4.79
CA GLN A 82 -19.57 -32.58 -4.24
C GLN A 82 -18.88 -32.19 -2.95
N ILE A 83 -19.19 -31.01 -2.44
CA ILE A 83 -18.55 -30.51 -1.21
C ILE A 83 -19.62 -30.61 -0.19
N ASP A 84 -19.40 -31.50 0.77
CA ASP A 84 -20.35 -31.71 1.85
C ASP A 84 -20.07 -30.74 3.00
N LEU A 85 -20.26 -29.46 2.78
CA LEU A 85 -20.18 -28.43 3.82
C LEU A 85 -21.20 -27.38 3.50
N LYS A 86 -21.49 -26.54 4.46
CA LYS A 86 -22.37 -25.38 4.20
C LYS A 86 -21.62 -24.25 3.50
N VAL A 87 -21.30 -24.46 2.23
CA VAL A 87 -20.67 -23.46 1.43
C VAL A 87 -21.67 -22.37 1.08
N GLU A 88 -21.17 -21.18 0.71
CA GLU A 88 -21.94 -20.21 -0.01
C GLU A 88 -21.42 -20.11 -1.42
N MSE A 89 -22.19 -19.45 -2.32
CA MSE A 89 -21.75 -19.26 -3.70
C MSE A 89 -21.97 -17.80 -4.07
O MSE A 89 -22.98 -17.23 -3.73
CB MSE A 89 -22.58 -20.14 -4.60
CG MSE A 89 -22.51 -21.64 -4.13
SE MSE A 89 -23.52 -22.83 -5.30
CE MSE A 89 -22.65 -22.68 -7.07
N ASP A 90 -20.99 -17.21 -4.75
CA ASP A 90 -21.10 -15.83 -5.21
C ASP A 90 -20.46 -15.77 -6.59
N TRP A 91 -20.85 -14.77 -7.39
CA TRP A 91 -20.43 -14.66 -8.78
C TRP A 91 -19.93 -13.30 -9.17
N MSE A 92 -18.99 -13.28 -10.13
CA MSE A 92 -18.56 -12.04 -10.78
C MSE A 92 -18.73 -12.13 -12.28
O MSE A 92 -18.76 -13.23 -12.81
CB MSE A 92 -17.14 -11.70 -10.47
CG MSE A 92 -17.00 -11.58 -8.95
SE MSE A 92 -15.09 -11.26 -8.57
CE MSE A 92 -14.89 -9.48 -9.38
N ALA A 93 -18.90 -10.97 -12.94
CA ALA A 93 -18.92 -10.87 -14.41
C ALA A 93 -18.00 -9.78 -14.82
N VAL A 94 -17.20 -10.06 -15.82
CA VAL A 94 -16.11 -9.16 -16.16
C VAL A 94 -16.08 -8.88 -17.68
N SER A 95 -15.46 -7.77 -18.05
CA SER A 95 -15.14 -7.41 -19.40
C SER A 95 -13.65 -7.03 -19.47
N SER A 96 -13.10 -6.96 -20.67
CA SER A 96 -11.72 -6.57 -20.88
C SER A 96 -11.57 -5.05 -20.86
N TYR A 97 -10.42 -4.56 -20.44
CA TYR A 97 -10.02 -3.17 -20.65
C TYR A 97 -8.96 -3.16 -21.79
N GLY A 98 -9.04 -4.10 -22.72
CA GLY A 98 -8.16 -4.05 -23.91
C GLY A 98 -6.72 -4.34 -23.54
N SER A 99 -5.84 -3.46 -23.97
CA SER A 99 -4.41 -3.68 -23.76
C SER A 99 -4.04 -3.78 -22.26
N GLY A 100 -4.78 -3.09 -21.40
CA GLY A 100 -4.53 -3.19 -19.95
C GLY A 100 -4.74 -4.58 -19.38
N THR A 101 -5.75 -5.28 -19.89
CA THR A 101 -6.03 -6.63 -19.43
C THR A 101 -4.84 -7.58 -19.74
N LYS A 102 -4.25 -7.41 -20.90
CA LYS A 102 -3.11 -8.25 -21.32
C LYS A 102 -1.93 -7.95 -20.39
N SER A 103 -1.67 -6.67 -20.07
CA SER A 103 -0.43 -6.37 -19.40
C SER A 103 -0.48 -6.52 -17.89
N SER A 104 -1.63 -6.31 -17.23
CA SER A 104 -1.70 -6.49 -15.78
C SER A 104 -2.73 -7.49 -15.28
N GLY A 105 -3.65 -7.93 -16.15
CA GLY A 105 -4.72 -8.82 -15.74
C GLY A 105 -5.96 -8.06 -15.30
N VAL A 106 -5.90 -6.73 -15.26
CA VAL A 106 -7.01 -5.96 -14.80
C VAL A 106 -8.22 -6.18 -15.70
N VAL A 107 -9.39 -6.31 -15.10
CA VAL A 107 -10.64 -6.43 -15.84
C VAL A 107 -11.67 -5.46 -15.32
N ARG A 108 -12.65 -5.15 -16.16
CA ARG A 108 -13.76 -4.29 -15.91
C ARG A 108 -14.86 -5.12 -15.26
N ILE A 109 -15.25 -4.74 -14.04
CA ILE A 109 -16.19 -5.50 -13.30
C ILE A 109 -17.59 -5.10 -13.73
N LEU A 110 -18.30 -6.03 -14.33
CA LEU A 110 -19.68 -5.78 -14.77
C LEU A 110 -20.64 -6.21 -13.74
N LYS A 111 -20.24 -7.20 -12.93
CA LYS A 111 -20.98 -7.54 -11.74
C LYS A 111 -20.05 -7.93 -10.69
N ASP A 112 -20.11 -7.23 -9.59
CA ASP A 112 -19.21 -7.55 -8.49
C ASP A 112 -19.82 -8.58 -7.58
N LEU A 113 -18.99 -9.13 -6.65
CA LEU A 113 -19.48 -9.95 -5.62
C LEU A 113 -20.63 -9.22 -4.94
N SER A 114 -21.67 -10.00 -4.66
CA SER A 114 -22.77 -9.49 -3.89
C SER A 114 -22.45 -9.41 -2.42
N GLY A 115 -21.59 -10.28 -1.90
CA GLY A 115 -21.29 -10.42 -0.43
C GLY A 115 -19.90 -9.97 0.00
N ASP A 116 -19.85 -9.36 1.18
CA ASP A 116 -18.62 -9.04 1.89
C ASP A 116 -17.87 -10.35 2.16
N ILE A 117 -16.58 -10.38 1.90
CA ILE A 117 -15.80 -11.56 2.15
C ILE A 117 -14.83 -11.28 3.29
N THR A 118 -14.97 -10.11 3.94
CA THR A 118 -14.16 -9.82 5.12
C THR A 118 -14.14 -10.99 6.10
N ASP A 119 -12.94 -11.45 6.46
CA ASP A 119 -12.71 -12.53 7.42
C ASP A 119 -13.31 -13.88 6.98
N ARG A 120 -13.60 -14.04 5.70
CA ARG A 120 -14.19 -15.31 5.18
C ARG A 120 -13.09 -16.07 4.49
N ASN A 121 -13.27 -17.37 4.42
CA ASN A 121 -12.49 -18.17 3.52
C ASN A 121 -13.18 -18.10 2.17
N VAL A 122 -12.38 -17.93 1.12
CA VAL A 122 -12.85 -17.85 -0.19
C VAL A 122 -12.14 -18.85 -1.05
N LEU A 123 -12.89 -19.49 -1.96
CA LEU A 123 -12.37 -20.39 -2.92
C LEU A 123 -12.86 -20.01 -4.28
N ILE A 124 -11.95 -19.48 -5.09
CA ILE A 124 -12.27 -19.13 -6.45
C ILE A 124 -12.29 -20.43 -7.21
N VAL A 125 -13.36 -20.62 -7.95
CA VAL A 125 -13.51 -21.85 -8.77
C VAL A 125 -13.40 -21.51 -10.22
N GLU A 126 -12.32 -21.97 -10.83
CA GLU A 126 -11.99 -21.61 -12.20
C GLU A 126 -12.12 -22.76 -13.20
N ASP A 127 -12.54 -22.41 -14.43
CA ASP A 127 -12.55 -23.29 -15.60
C ASP A 127 -11.20 -23.67 -16.23
N ILE A 128 -10.32 -22.68 -16.39
CA ILE A 128 -8.99 -22.89 -16.90
C ILE A 128 -8.01 -21.95 -16.26
N ILE A 129 -6.80 -22.43 -16.01
CA ILE A 129 -5.70 -21.52 -15.76
C ILE A 129 -4.60 -21.70 -16.81
N ASP A 130 -3.96 -20.58 -17.12
CA ASP A 130 -2.94 -20.54 -18.19
C ASP A 130 -2.02 -19.37 -17.99
N SER A 131 -1.46 -18.83 -19.05
CA SER A 131 -0.47 -17.72 -18.89
C SER A 131 -1.15 -16.33 -18.74
N GLY A 132 -2.46 -16.23 -19.02
CA GLY A 132 -3.18 -14.99 -18.77
C GLY A 132 -3.04 -14.53 -17.34
N LEU A 133 -2.92 -13.20 -17.18
CA LEU A 133 -2.76 -12.57 -15.89
C LEU A 133 -4.07 -12.24 -15.13
N THR A 134 -5.22 -12.63 -15.66
CA THR A 134 -6.46 -12.19 -14.98
C THR A 134 -6.70 -12.89 -13.62
N LEU A 135 -6.34 -14.16 -13.49
CA LEU A 135 -6.49 -14.83 -12.22
C LEU A 135 -5.61 -14.25 -11.15
N LYS A 136 -4.35 -14.00 -11.47
CA LYS A 136 -3.48 -13.30 -10.55
C LYS A 136 -4.00 -11.95 -10.11
N TRP A 137 -4.49 -11.14 -11.04
CA TRP A 137 -5.09 -9.85 -10.65
C TRP A 137 -6.32 -10.07 -9.81
N LEU A 138 -7.20 -11.00 -10.20
CA LEU A 138 -8.41 -11.23 -9.39
C LEU A 138 -8.06 -11.67 -7.95
N LEU A 139 -7.03 -12.54 -7.82
CA LEU A 139 -6.60 -13.00 -6.51
C LEU A 139 -6.12 -11.86 -5.63
N SER A 140 -5.25 -11.07 -6.18
CA SER A 140 -4.85 -9.87 -5.51
C SER A 140 -6.04 -8.88 -5.24
N ASN A 141 -6.97 -8.76 -6.16
CA ASN A 141 -8.12 -7.89 -5.90
C ASN A 141 -8.93 -8.44 -4.70
N LEU A 142 -9.16 -9.76 -4.63
CA LEU A 142 -9.98 -10.24 -3.54
C LEU A 142 -9.25 -10.14 -2.20
N ARG A 143 -7.94 -10.38 -2.23
CA ARG A 143 -7.15 -10.25 -1.02
CA ARG A 143 -7.14 -10.26 -1.02
C ARG A 143 -7.12 -8.83 -0.51
N SER A 144 -7.47 -7.86 -1.35
CA SER A 144 -7.59 -6.46 -0.86
C SER A 144 -8.92 -6.19 -0.16
N ARG A 145 -9.81 -7.17 -0.08
CA ARG A 145 -11.13 -6.96 0.53
C ARG A 145 -11.26 -7.55 1.92
N GLY A 146 -10.14 -7.80 2.58
CA GLY A 146 -10.08 -8.36 3.94
C GLY A 146 -10.44 -9.84 4.19
N PRO A 147 -10.33 -10.73 3.19
CA PRO A 147 -10.74 -12.13 3.52
C PRO A 147 -9.70 -12.82 4.41
N LYS A 148 -10.11 -13.82 5.16
CA LYS A 148 -9.22 -14.63 5.98
C LYS A 148 -8.27 -15.38 5.06
N SER A 149 -8.73 -15.90 3.92
CA SER A 149 -7.86 -16.53 2.99
C SER A 149 -8.56 -16.63 1.65
N VAL A 150 -7.80 -16.79 0.60
CA VAL A 150 -8.30 -16.96 -0.76
C VAL A 150 -7.44 -18.03 -1.34
N GLU A 151 -8.08 -19.12 -1.80
CA GLU A 151 -7.42 -20.19 -2.53
C GLU A 151 -8.15 -20.40 -3.87
N VAL A 152 -7.55 -21.21 -4.71
CA VAL A 152 -8.11 -21.46 -6.04
C VAL A 152 -8.30 -22.95 -6.27
N ALA A 153 -9.44 -23.30 -6.87
CA ALA A 153 -9.66 -24.62 -7.45
C ALA A 153 -9.91 -24.41 -8.96
N ALA A 154 -9.13 -25.09 -9.79
CA ALA A 154 -9.28 -24.98 -11.25
C ALA A 154 -9.51 -26.30 -11.91
N LEU A 155 -10.48 -26.39 -12.84
CA LEU A 155 -10.74 -27.63 -13.46
C LEU A 155 -9.56 -28.05 -14.34
N LEU A 156 -9.09 -27.13 -15.19
CA LEU A 156 -8.09 -27.41 -16.17
C LEU A 156 -6.90 -26.49 -16.03
N ARG A 157 -5.71 -27.07 -16.18
CA ARG A 157 -4.48 -26.31 -16.24
C ARG A 157 -3.68 -26.63 -17.48
N LYS A 158 -3.36 -25.58 -18.25
CA LYS A 158 -2.54 -25.72 -19.42
C LYS A 158 -1.05 -25.59 -19.02
N PRO A 159 -0.14 -26.11 -19.86
CA PRO A 159 1.27 -25.95 -19.68
C PRO A 159 1.76 -24.54 -19.39
N ASP A 160 1.27 -23.56 -20.14
CA ASP A 160 1.79 -22.18 -19.94
C ASP A 160 1.36 -21.53 -18.60
N ALA A 161 0.51 -22.20 -17.84
CA ALA A 161 0.20 -21.71 -16.48
C ALA A 161 1.44 -21.63 -15.56
N ALA A 162 2.48 -22.45 -15.81
CA ALA A 162 3.75 -22.35 -15.08
C ALA A 162 4.40 -20.97 -15.13
N ARG A 163 4.08 -20.17 -16.14
CA ARG A 163 4.70 -18.86 -16.35
C ARG A 163 4.18 -17.78 -15.40
N VAL A 164 3.03 -18.02 -14.76
CA VAL A 164 2.51 -17.07 -13.80
C VAL A 164 2.75 -17.65 -12.43
N ASP A 165 3.29 -16.87 -11.51
CA ASP A 165 3.63 -17.42 -10.19
C ASP A 165 2.41 -17.31 -9.29
N ILE A 166 1.51 -18.26 -9.42
CA ILE A 166 0.46 -18.40 -8.45
C ILE A 166 0.24 -19.82 -7.97
N ASP A 167 -0.02 -19.88 -6.68
CA ASP A 167 -0.28 -21.12 -6.01
C ASP A 167 -1.77 -21.52 -6.15
N VAL A 168 -2.01 -22.60 -6.90
CA VAL A 168 -3.33 -23.13 -7.12
C VAL A 168 -3.47 -24.43 -6.36
N LYS A 169 -4.27 -24.40 -5.30
CA LYS A 169 -4.32 -25.55 -4.38
C LYS A 169 -5.00 -26.77 -4.96
N TYR A 170 -6.02 -26.59 -5.81
CA TYR A 170 -6.79 -27.75 -6.28
C TYR A 170 -6.88 -27.71 -7.82
N ILE A 171 -6.45 -28.75 -8.47
CA ILE A 171 -6.39 -28.82 -9.91
C ILE A 171 -7.03 -30.08 -10.35
N GLY A 172 -8.03 -29.94 -11.23
CA GLY A 172 -8.71 -31.09 -11.78
C GLY A 172 -7.75 -31.90 -12.65
N PHE A 173 -7.28 -31.27 -13.72
CA PHE A 173 -6.49 -31.99 -14.79
C PHE A 173 -5.49 -31.06 -15.38
N ASP A 174 -4.30 -31.59 -15.62
CA ASP A 174 -3.37 -30.93 -16.55
C ASP A 174 -3.79 -31.34 -17.93
N ILE A 175 -3.81 -30.38 -18.85
CA ILE A 175 -4.16 -30.69 -20.24
C ILE A 175 -3.10 -30.09 -21.13
N PRO A 176 -3.04 -30.54 -22.38
CA PRO A 176 -2.11 -29.94 -23.34
C PRO A 176 -2.62 -28.57 -23.81
N SER A 177 -1.79 -27.85 -24.55
CA SER A 177 -2.14 -26.53 -25.06
C SER A 177 -3.02 -26.69 -26.31
N GLU A 178 -4.33 -26.80 -26.10
CA GLU A 178 -5.28 -26.92 -27.16
C GLU A 178 -6.36 -25.95 -26.86
N PHE A 179 -7.07 -25.51 -27.87
CA PHE A 179 -8.25 -24.74 -27.58
C PHE A 179 -9.37 -25.73 -27.21
N VAL A 180 -9.84 -25.63 -25.96
CA VAL A 180 -10.78 -26.57 -25.44
C VAL A 180 -12.19 -25.97 -25.40
N ILE A 181 -13.20 -26.84 -25.58
CA ILE A 181 -14.61 -26.43 -25.51
C ILE A 181 -15.40 -27.43 -24.76
N GLY A 182 -16.61 -27.03 -24.36
CA GLY A 182 -17.47 -27.87 -23.64
C GLY A 182 -17.37 -27.63 -22.14
N TYR A 183 -18.30 -28.25 -21.41
CA TYR A 183 -18.34 -28.18 -19.93
C TYR A 183 -18.26 -26.75 -19.47
N GLY A 184 -19.03 -25.90 -20.16
CA GLY A 184 -19.14 -24.47 -19.84
C GLY A 184 -18.25 -23.57 -20.64
N LEU A 185 -17.23 -24.15 -21.28
CA LEU A 185 -16.29 -23.38 -22.05
C LEU A 185 -16.80 -23.23 -23.48
N ASP A 186 -16.71 -22.04 -24.00
CA ASP A 186 -17.21 -21.76 -25.36
C ASP A 186 -16.14 -21.50 -26.44
N TYR A 187 -16.58 -21.61 -27.69
CA TYR A 187 -15.99 -20.90 -28.77
C TYR A 187 -17.08 -20.06 -29.46
N ALA A 188 -16.87 -18.72 -29.45
CA ALA A 188 -17.83 -17.77 -29.99
C ALA A 188 -19.23 -18.05 -29.46
N GLU A 189 -19.33 -18.23 -28.15
CA GLU A 189 -20.58 -18.52 -27.46
C GLU A 189 -21.24 -19.86 -27.65
N ASN A 190 -20.66 -20.69 -28.50
CA ASN A 190 -21.15 -22.04 -28.70
C ASN A 190 -20.42 -23.12 -27.83
N TYR A 191 -21.07 -24.29 -27.69
CA TYR A 191 -20.52 -25.49 -27.14
C TYR A 191 -20.42 -25.53 -25.64
N ARG A 192 -21.02 -24.55 -24.95
CA ARG A 192 -20.92 -24.56 -23.51
C ARG A 192 -21.66 -25.74 -22.92
N ASN A 193 -22.64 -26.28 -23.64
CA ASN A 193 -23.48 -27.35 -23.08
C ASN A 193 -23.01 -28.74 -23.39
N LEU A 194 -21.82 -28.92 -23.98
CA LEU A 194 -21.29 -30.23 -24.14
C LEU A 194 -20.94 -30.75 -22.76
N PRO A 195 -21.28 -32.03 -22.50
CA PRO A 195 -21.04 -32.55 -21.16
C PRO A 195 -19.58 -33.08 -20.91
N TYR A 196 -18.75 -32.93 -21.91
CA TYR A 196 -17.34 -33.30 -21.84
C TYR A 196 -16.53 -32.10 -22.29
N VAL A 197 -15.22 -32.24 -22.20
CA VAL A 197 -14.30 -31.21 -22.67
C VAL A 197 -13.68 -31.75 -23.92
N GLY A 198 -13.83 -30.99 -24.99
CA GLY A 198 -13.30 -31.39 -26.25
C GLY A 198 -12.23 -30.44 -26.73
N VAL A 199 -11.56 -30.85 -27.79
CA VAL A 199 -10.69 -29.97 -28.54
C VAL A 199 -11.46 -29.42 -29.76
N LEU A 200 -11.47 -28.11 -29.91
CA LEU A 200 -12.14 -27.52 -31.04
C LEU A 200 -11.44 -27.90 -32.37
N SER A 201 -12.27 -28.35 -33.32
CA SER A 201 -11.85 -28.74 -34.68
C SER A 201 -11.43 -27.53 -35.50
N ARG A 202 -10.24 -27.57 -36.11
CA ARG A 202 -9.78 -26.38 -36.90
C ARG A 202 -10.71 -26.01 -38.09
N SER A 203 -11.58 -26.93 -38.52
CA SER A 203 -12.61 -26.58 -39.54
C SER A 203 -13.61 -25.47 -39.13
N VAL A 204 -13.86 -25.35 -37.82
CA VAL A 204 -14.68 -24.26 -37.27
C VAL A 204 -13.83 -22.95 -37.06
N TYR A 205 -12.56 -23.19 -36.69
CA TYR A 205 -11.65 -22.24 -36.05
C TYR A 205 -11.54 -20.90 -36.74
N PRO B 29 20.61 38.63 32.12
CA PRO B 29 20.36 38.77 30.68
C PRO B 29 21.50 38.24 29.78
N HIS B 30 21.19 37.35 28.84
CA HIS B 30 22.17 36.80 27.85
C HIS B 30 22.40 37.65 26.57
N PRO B 31 23.67 37.84 26.15
CA PRO B 31 23.94 38.76 25.01
C PRO B 31 23.56 38.22 23.61
N ASP B 32 23.56 36.91 23.45
CA ASP B 32 23.09 36.27 22.21
C ASP B 32 21.55 36.11 22.08
N VAL B 33 20.85 36.38 23.17
CA VAL B 33 19.43 36.24 23.21
C VAL B 33 18.84 37.65 23.07
N ASP B 34 18.05 37.87 22.02
CA ASP B 34 17.37 39.13 21.91
C ASP B 34 16.36 39.39 23.04
N ARG B 35 15.55 38.41 23.35
CA ARG B 35 14.58 38.51 24.40
C ARG B 35 14.12 37.09 24.76
N VAL B 36 13.55 36.95 25.95
CA VAL B 36 13.01 35.69 26.40
C VAL B 36 11.58 35.63 25.89
N LEU B 37 11.27 34.56 25.19
CA LEU B 37 9.94 34.31 24.72
C LEU B 37 9.11 33.57 25.77
N LEU B 38 9.64 32.46 26.27
CA LEU B 38 8.92 31.68 27.30
C LEU B 38 9.88 31.42 28.41
N ASP B 39 9.52 31.81 29.64
CA ASP B 39 10.46 31.60 30.76
C ASP B 39 10.29 30.24 31.39
N GLU B 40 11.23 29.93 32.25
CA GLU B 40 11.36 28.62 32.82
C GLU B 40 10.08 28.21 33.54
N GLN B 41 9.47 29.15 34.27
CA GLN B 41 8.26 28.84 35.01
C GLN B 41 7.08 28.63 34.09
N GLN B 42 6.98 29.43 33.02
CA GLN B 42 5.88 29.23 32.07
C GLN B 42 5.95 27.86 31.46
N ILE B 43 7.15 27.43 31.08
CA ILE B 43 7.27 26.09 30.51
C ILE B 43 6.83 25.05 31.53
N ARG B 44 7.38 25.14 32.73
CA ARG B 44 7.09 24.15 33.77
C ARG B 44 5.56 24.07 34.06
N ASP B 45 4.90 25.24 34.17
CA ASP B 45 3.47 25.23 34.40
C ASP B 45 2.70 24.58 33.24
N ARG B 46 3.07 24.90 32.01
CA ARG B 46 2.38 24.33 30.88
C ARG B 46 2.62 22.79 30.71
N LEU B 47 3.84 22.31 30.96
CA LEU B 47 4.07 20.87 30.85
C LEU B 47 3.39 20.10 31.97
N ALA B 48 3.25 20.71 33.15
CA ALA B 48 2.46 20.11 34.17
C ALA B 48 1.00 19.88 33.74
N GLU B 49 0.39 20.90 33.10
CA GLU B 49 -0.98 20.73 32.55
C GLU B 49 -1.02 19.66 31.46
N LEU B 50 -0.10 19.74 30.51
CA LEU B 50 -0.06 18.71 29.43
C LEU B 50 0.12 17.29 29.98
N GLY B 51 0.96 17.17 31.00
CA GLY B 51 1.19 15.87 31.61
C GLY B 51 -0.06 15.24 32.19
N GLU B 52 -0.90 16.09 32.79
CA GLU B 52 -2.05 15.67 33.52
C GLU B 52 -3.10 15.25 32.42
N GLN B 53 -3.25 16.06 31.39
CA GLN B 53 -4.15 15.71 30.29
C GLN B 53 -3.73 14.43 29.55
N ILE B 54 -2.43 14.28 29.27
CA ILE B 54 -1.93 13.04 28.68
C ILE B 54 -2.22 11.83 29.61
N ALA B 55 -1.99 11.98 30.91
CA ALA B 55 -2.16 10.87 31.81
C ALA B 55 -3.60 10.42 31.80
N ALA B 56 -4.54 11.37 31.77
CA ALA B 56 -5.94 11.00 31.68
C ALA B 56 -6.26 10.32 30.35
N ASP B 57 -5.79 10.86 29.23
CA ASP B 57 -6.13 10.31 27.93
C ASP B 57 -5.59 8.91 27.76
N TYR B 58 -4.49 8.55 28.42
CA TYR B 58 -3.87 7.25 28.18
C TYR B 58 -3.93 6.32 29.39
N ALA B 59 -4.87 6.58 30.30
CA ALA B 59 -4.95 5.87 31.57
C ALA B 59 -5.01 4.36 31.44
N GLU B 60 -5.67 3.87 30.40
CA GLU B 60 -5.86 2.44 30.19
C GLU B 60 -4.64 1.76 29.53
N GLU B 61 -3.76 2.53 28.90
CA GLU B 61 -2.75 1.94 28.03
C GLU B 61 -1.64 3.01 27.79
N PRO B 62 -0.68 3.05 28.69
CA PRO B 62 0.31 4.11 28.61
C PRO B 62 1.05 4.09 27.27
N PRO B 63 1.40 5.27 26.76
CA PRO B 63 2.19 5.41 25.54
C PRO B 63 3.66 5.14 25.67
N VAL B 64 4.24 4.74 24.53
CA VAL B 64 5.67 4.87 24.29
C VAL B 64 5.91 6.33 23.83
N LEU B 65 6.64 7.09 24.61
CA LEU B 65 7.05 8.42 24.26
C LEU B 65 8.23 8.30 23.33
N VAL B 66 8.09 8.88 22.16
CA VAL B 66 9.16 8.84 21.18
C VAL B 66 9.70 10.23 20.93
N GLY B 67 10.99 10.35 21.06
CA GLY B 67 11.64 11.66 20.79
C GLY B 67 12.64 11.55 19.72
N VAL B 68 12.74 12.60 18.92
CA VAL B 68 13.84 12.73 17.97
C VAL B 68 14.97 13.63 18.53
N LEU B 69 16.15 13.06 18.67
CA LEU B 69 17.32 13.80 19.14
C LEU B 69 17.69 14.94 18.12
N ARG B 70 18.24 16.05 18.58
CA ARG B 70 18.58 16.35 19.97
C ARG B 70 17.57 17.35 20.56
N GLY B 71 16.76 17.92 19.70
CA GLY B 71 15.86 19.01 20.07
C GLY B 71 14.83 18.64 21.11
N ALA B 72 14.45 17.35 21.14
CA ALA B 72 13.41 16.86 22.01
C ALA B 72 13.89 16.57 23.45
N VAL B 73 15.15 16.74 23.73
CA VAL B 73 15.66 16.22 25.01
C VAL B 73 14.99 16.84 26.24
N MSE B 74 15.00 18.17 26.35
CA MSE B 74 14.47 18.89 27.54
C MSE B 74 12.98 18.66 27.62
O MSE B 74 12.51 18.22 28.68
CB MSE B 74 14.67 20.39 27.53
CG MSE B 74 16.02 21.00 27.95
SE MSE B 74 17.58 19.85 27.58
CE MSE B 74 19.06 21.11 28.11
N VAL B 75 12.25 18.80 26.52
CA VAL B 75 10.79 18.63 26.59
C VAL B 75 10.42 17.18 26.94
N MSE B 76 11.13 16.22 26.42
CA MSE B 76 10.92 14.83 26.77
C MSE B 76 11.26 14.55 28.20
O MSE B 76 10.44 14.00 28.88
CB MSE B 76 11.71 13.90 25.89
CG MSE B 76 11.10 12.52 26.10
SE MSE B 76 10.20 11.73 24.57
CE MSE B 76 11.43 10.25 24.54
N ALA B 77 12.42 14.94 28.68
CA ALA B 77 12.79 14.63 30.07
C ALA B 77 11.74 15.26 31.01
N ASP B 78 11.31 16.50 30.67
CA ASP B 78 10.42 17.24 31.63
C ASP B 78 8.99 16.76 31.54
N LEU B 79 8.49 16.61 30.31
CA LEU B 79 7.16 16.15 30.16
C LEU B 79 6.92 14.72 30.66
N ALA B 80 7.88 13.82 30.45
CA ALA B 80 7.74 12.48 30.93
C ALA B 80 7.52 12.45 32.42
N ARG B 81 8.24 13.31 33.13
CA ARG B 81 8.11 13.36 34.55
C ARG B 81 6.80 13.95 35.02
N GLN B 82 6.04 14.60 34.13
CA GLN B 82 4.76 15.15 34.49
C GLN B 82 3.64 14.23 34.07
N ILE B 83 3.94 13.05 33.57
CA ILE B 83 2.94 12.09 33.17
C ILE B 83 2.95 10.95 34.19
N ASP B 84 1.89 10.86 34.97
CA ASP B 84 1.81 9.86 36.03
C ASP B 84 1.25 8.55 35.47
N LEU B 85 2.01 7.91 34.58
CA LEU B 85 1.68 6.59 34.04
C LEU B 85 2.98 5.87 33.82
N LYS B 86 2.89 4.57 33.67
CA LYS B 86 4.06 3.77 33.36
C LYS B 86 4.41 3.87 31.88
N VAL B 87 4.86 5.06 31.47
CA VAL B 87 5.25 5.28 30.11
C VAL B 87 6.54 4.54 29.84
N GLU B 88 6.85 4.35 28.56
CA GLU B 88 8.18 3.99 28.14
C GLU B 88 8.72 5.14 27.33
N MSE B 89 10.04 5.12 27.10
CA MSE B 89 10.66 6.19 26.33
C MSE B 89 11.59 5.54 25.31
O MSE B 89 12.29 4.62 25.61
CB MSE B 89 11.51 7.08 27.23
CG MSE B 89 10.65 7.61 28.40
SE MSE B 89 11.65 8.88 29.50
CE MSE B 89 12.58 7.57 30.44
N ASP B 90 11.55 5.99 24.08
CA ASP B 90 12.40 5.52 23.01
C ASP B 90 12.83 6.71 22.18
N TRP B 91 13.91 6.59 21.45
CA TRP B 91 14.54 7.69 20.76
C TRP B 91 14.92 7.36 19.36
N MSE B 92 14.89 8.39 18.51
CA MSE B 92 15.51 8.30 17.19
C MSE B 92 16.55 9.35 16.98
O MSE B 92 16.46 10.43 17.59
CB MSE B 92 14.41 8.42 16.09
CG MSE B 92 13.41 7.29 16.31
SE MSE B 92 11.97 7.49 14.92
CE MSE B 92 13.01 7.15 13.33
N ALA B 93 17.51 9.08 16.06
CA ALA B 93 18.40 10.11 15.56
C ALA B 93 18.34 10.13 14.05
N VAL B 94 18.30 11.35 13.49
CA VAL B 94 18.13 11.49 12.04
C VAL B 94 19.15 12.42 11.42
N SER B 95 19.31 12.32 10.10
CA SER B 95 20.10 13.27 9.29
C SER B 95 19.25 13.64 8.07
N SER B 96 19.64 14.67 7.34
CA SER B 96 18.91 15.07 6.11
C SER B 96 19.34 14.19 4.95
N TYR B 97 18.45 14.05 3.99
CA TYR B 97 18.84 13.57 2.68
C TYR B 97 18.87 14.78 1.72
N GLY B 98 19.18 15.97 2.20
CA GLY B 98 19.32 17.16 1.33
C GLY B 98 18.02 17.58 0.71
N SER B 99 18.00 17.70 -0.61
CA SER B 99 16.82 18.20 -1.30
C SER B 99 15.58 17.30 -1.10
N GLY B 100 15.81 16.01 -0.95
CA GLY B 100 14.69 15.08 -0.63
C GLY B 100 13.96 15.34 0.68
N THR B 101 14.69 15.75 1.70
CA THR B 101 14.10 16.11 2.97
C THR B 101 13.15 17.31 2.82
N LYS B 102 13.55 18.29 2.05
CA LYS B 102 12.71 19.48 1.83
C LYS B 102 11.43 19.11 1.11
N SER B 103 11.53 18.24 0.11
CA SER B 103 10.35 18.01 -0.71
C SER B 103 9.40 16.93 -0.18
N SER B 104 9.88 15.93 0.57
CA SER B 104 8.94 14.92 1.13
C SER B 104 8.96 14.77 2.66
N GLY B 105 9.92 15.37 3.34
CA GLY B 105 10.09 15.19 4.74
C GLY B 105 10.96 13.97 5.08
N VAL B 106 11.33 13.17 4.08
CA VAL B 106 12.13 11.97 4.36
C VAL B 106 13.43 12.34 5.06
N VAL B 107 13.81 11.58 6.08
CA VAL B 107 15.10 11.73 6.76
C VAL B 107 15.85 10.40 6.83
N ARG B 108 17.16 10.49 6.98
CA ARG B 108 18.05 9.37 7.07
C ARG B 108 18.06 8.97 8.52
N ILE B 109 17.75 7.69 8.81
CA ILE B 109 17.73 7.25 10.16
C ILE B 109 19.11 6.81 10.61
N LEU B 110 19.64 7.52 11.59
CA LEU B 110 20.92 7.16 12.21
C LEU B 110 20.81 6.34 13.39
N LYS B 111 19.69 6.47 14.09
CA LYS B 111 19.38 5.52 15.12
C LYS B 111 17.88 5.31 15.13
N ASP B 112 17.46 4.07 14.96
CA ASP B 112 16.07 3.76 14.92
C ASP B 112 15.56 3.48 16.27
N LEU B 113 14.24 3.50 16.41
CA LEU B 113 13.63 2.97 17.59
C LEU B 113 14.22 1.62 17.97
N SER B 114 14.51 1.47 19.28
CA SER B 114 14.95 0.23 19.83
C SER B 114 13.84 -0.76 19.99
N GLY B 115 12.59 -0.29 20.23
CA GLY B 115 11.45 -1.17 20.50
C GLY B 115 10.41 -1.25 19.38
N ASP B 116 9.83 -2.45 19.21
CA ASP B 116 8.64 -2.69 18.42
C ASP B 116 7.53 -1.79 18.95
N ILE B 117 6.82 -1.11 18.07
CA ILE B 117 5.66 -0.38 18.48
C ILE B 117 4.39 -1.02 18.02
N THR B 118 4.47 -2.21 17.48
CA THR B 118 3.27 -2.96 17.06
C THR B 118 2.23 -2.99 18.17
N ASP B 119 1.02 -2.55 17.85
CA ASP B 119 -0.13 -2.54 18.81
C ASP B 119 0.11 -1.67 20.06
N ARG B 120 1.03 -0.72 19.99
CA ARG B 120 1.31 0.16 21.09
C ARG B 120 0.75 1.50 20.77
N ASN B 121 0.47 2.25 21.82
CA ASN B 121 0.15 3.67 21.69
C ASN B 121 1.45 4.41 21.73
N VAL B 122 1.62 5.33 20.80
CA VAL B 122 2.85 6.04 20.65
C VAL B 122 2.54 7.54 20.69
N LEU B 123 3.38 8.27 21.39
CA LEU B 123 3.27 9.70 21.48
C LEU B 123 4.59 10.29 21.14
N ILE B 124 4.66 10.89 19.95
CA ILE B 124 5.85 11.60 19.53
C ILE B 124 5.89 12.89 20.30
N VAL B 125 7.03 13.17 20.88
CA VAL B 125 7.21 14.41 21.63
C VAL B 125 8.15 15.26 20.80
N GLU B 126 7.64 16.37 20.31
CA GLU B 126 8.41 17.31 19.53
C GLU B 126 8.71 18.65 20.23
N ASP B 127 9.83 19.21 19.86
CA ASP B 127 10.21 20.57 20.18
C ASP B 127 9.48 21.70 19.46
N ILE B 128 9.43 21.57 18.17
CA ILE B 128 8.79 22.57 17.34
C ILE B 128 8.06 21.94 16.18
N ILE B 129 6.90 22.49 15.84
CA ILE B 129 6.27 22.18 14.56
C ILE B 129 6.10 23.44 13.74
N ASP B 130 6.25 23.28 12.43
CA ASP B 130 6.24 24.36 11.48
C ASP B 130 5.89 23.83 10.07
N SER B 131 6.30 24.52 9.01
CA SER B 131 5.90 24.17 7.64
C SER B 131 6.81 23.06 7.08
N GLY B 132 7.90 22.71 7.77
CA GLY B 132 8.69 21.53 7.38
C GLY B 132 7.86 20.25 7.40
N LEU B 133 8.18 19.39 6.46
CA LEU B 133 7.48 18.15 6.26
C LEU B 133 8.01 16.95 7.03
N THR B 134 9.05 17.12 7.87
CA THR B 134 9.65 15.90 8.50
C THR B 134 8.74 15.25 9.50
N LEU B 135 7.93 16.03 10.22
CA LEU B 135 7.01 15.41 11.14
C LEU B 135 5.99 14.54 10.40
N LYS B 136 5.43 15.06 9.30
CA LYS B 136 4.42 14.35 8.55
C LYS B 136 4.96 13.06 7.98
N TRP B 137 6.16 13.12 7.44
CA TRP B 137 6.87 11.89 7.05
C TRP B 137 7.13 10.93 8.22
N LEU B 138 7.58 11.44 9.37
CA LEU B 138 7.85 10.56 10.50
C LEU B 138 6.55 9.88 10.98
N LEU B 139 5.46 10.65 11.02
CA LEU B 139 4.19 10.10 11.42
C LEU B 139 3.75 8.94 10.53
N SER B 140 3.90 9.14 9.25
CA SER B 140 3.62 8.17 8.29
C SER B 140 4.52 6.97 8.43
N ASN B 141 5.78 7.21 8.68
CA ASN B 141 6.70 6.14 8.89
C ASN B 141 6.32 5.31 10.10
N LEU B 142 5.97 5.92 11.21
CA LEU B 142 5.67 5.13 12.40
C LEU B 142 4.34 4.38 12.25
N ARG B 143 3.39 4.99 11.56
CA ARG B 143 2.12 4.32 11.29
C ARG B 143 2.30 3.13 10.38
N SER B 144 3.41 3.05 9.65
CA SER B 144 3.68 1.84 8.85
C SER B 144 4.22 0.67 9.66
N ARG B 145 4.43 0.86 10.96
CA ARG B 145 5.02 -0.20 11.79
C ARG B 145 4.03 -0.90 12.72
N GLY B 146 2.74 -0.78 12.40
CA GLY B 146 1.66 -1.44 13.12
C GLY B 146 1.27 -0.92 14.51
N PRO B 147 1.48 0.36 14.81
CA PRO B 147 1.09 0.76 16.18
C PRO B 147 -0.41 0.87 16.28
N LYS B 148 -0.94 0.77 17.49
CA LYS B 148 -2.37 0.97 17.71
C LYS B 148 -2.73 2.44 17.41
N SER B 149 -1.89 3.40 17.78
CA SER B 149 -2.14 4.82 17.45
C SER B 149 -0.81 5.57 17.58
N VAL B 150 -0.71 6.67 16.87
CA VAL B 150 0.37 7.57 16.98
C VAL B 150 -0.26 8.97 17.05
N GLU B 151 0.10 9.72 18.11
CA GLU B 151 -0.29 11.12 18.29
C GLU B 151 0.97 11.94 18.55
N VAL B 152 0.80 13.26 18.60
CA VAL B 152 1.92 14.17 18.74
C VAL B 152 1.68 15.16 19.87
N ALA B 153 2.72 15.37 20.67
CA ALA B 153 2.79 16.46 21.61
C ALA B 153 3.94 17.33 21.22
N ALA B 154 3.70 18.63 21.07
CA ALA B 154 4.74 19.56 20.65
C ALA B 154 4.84 20.74 21.56
N LEU B 155 6.04 21.08 21.98
CA LEU B 155 6.20 22.17 22.90
C LEU B 155 5.78 23.50 22.21
N LEU B 156 6.29 23.71 21.02
CA LEU B 156 6.12 24.96 20.31
C LEU B 156 5.53 24.78 18.92
N ARG B 157 4.60 25.67 18.58
CA ARG B 157 4.03 25.71 17.21
C ARG B 157 4.12 27.11 16.62
N LYS B 158 4.75 27.19 15.45
CA LYS B 158 4.84 28.43 14.72
C LYS B 158 3.65 28.59 13.77
N PRO B 159 3.38 29.82 13.33
CA PRO B 159 2.26 30.13 12.43
C PRO B 159 2.23 29.30 11.16
N ASP B 160 3.38 29.11 10.53
CA ASP B 160 3.38 28.35 9.29
C ASP B 160 3.05 26.82 9.44
N ALA B 161 2.91 26.33 10.66
CA ALA B 161 2.50 24.95 10.88
C ALA B 161 1.13 24.67 10.25
N ALA B 162 0.29 25.70 10.14
CA ALA B 162 -1.04 25.59 9.50
C ALA B 162 -0.99 25.07 8.06
N ARG B 163 0.17 25.22 7.41
CA ARG B 163 0.31 24.83 6.01
C ARG B 163 0.44 23.32 5.81
N VAL B 164 0.72 22.57 6.87
CA VAL B 164 0.85 21.12 6.76
C VAL B 164 -0.39 20.55 7.42
N ASP B 165 -1.04 19.59 6.78
CA ASP B 165 -2.28 19.03 7.39
C ASP B 165 -1.89 17.89 8.30
N ILE B 166 -1.51 18.22 9.54
CA ILE B 166 -1.42 17.19 10.56
C ILE B 166 -2.05 17.55 11.89
N ASP B 167 -2.71 16.58 12.42
CA ASP B 167 -3.43 16.74 13.66
C ASP B 167 -2.46 16.54 14.87
N VAL B 168 -2.21 17.62 15.60
CA VAL B 168 -1.35 17.61 16.74
C VAL B 168 -2.15 17.76 17.97
N LYS B 169 -2.25 16.71 18.74
CA LYS B 169 -3.22 16.66 19.83
C LYS B 169 -2.82 17.53 21.01
N TYR B 170 -1.52 17.68 21.28
CA TYR B 170 -1.11 18.41 22.46
C TYR B 170 -0.04 19.47 22.08
N ILE B 171 -0.34 20.72 22.38
CA ILE B 171 0.51 21.84 22.03
C ILE B 171 0.78 22.62 23.28
N GLY B 172 2.05 22.84 23.53
CA GLY B 172 2.48 23.70 24.62
C GLY B 172 2.09 25.14 24.37
N PHE B 173 2.65 25.74 23.34
CA PHE B 173 2.52 27.20 23.07
C PHE B 173 2.50 27.45 21.57
N ASP B 174 1.65 28.38 21.16
CA ASP B 174 1.79 29.01 19.84
C ASP B 174 2.78 30.13 19.99
N ILE B 175 3.73 30.21 19.06
CA ILE B 175 4.74 31.27 19.13
C ILE B 175 4.78 31.94 17.79
N PRO B 176 5.34 33.14 17.75
CA PRO B 176 5.48 33.85 16.48
C PRO B 176 6.60 33.23 15.65
N SER B 177 6.72 33.67 14.41
CA SER B 177 7.80 33.15 13.52
C SER B 177 9.10 33.85 13.84
N GLU B 178 9.84 33.27 14.76
CA GLU B 178 11.13 33.80 15.18
C GLU B 178 12.07 32.60 15.23
N PHE B 179 13.34 32.83 15.05
CA PHE B 179 14.31 31.71 15.28
C PHE B 179 14.50 31.58 16.80
N VAL B 180 14.08 30.43 17.35
CA VAL B 180 14.05 30.29 18.79
C VAL B 180 15.20 29.37 19.27
N ILE B 181 15.66 29.62 20.50
CA ILE B 181 16.80 28.87 21.07
C ILE B 181 16.54 28.63 22.52
N GLY B 182 17.27 27.68 23.09
CA GLY B 182 17.12 27.31 24.45
C GLY B 182 16.25 26.09 24.61
N TYR B 183 16.27 25.53 25.82
CA TYR B 183 15.36 24.43 26.22
C TYR B 183 15.52 23.29 25.24
N GLY B 184 16.77 22.99 24.95
CA GLY B 184 17.16 21.94 24.05
C GLY B 184 17.35 22.35 22.61
N LEU B 185 16.87 23.53 22.22
CA LEU B 185 16.98 24.00 20.86
C LEU B 185 18.28 24.77 20.69
N ASP B 186 18.97 24.53 19.58
CA ASP B 186 20.25 25.15 19.33
C ASP B 186 20.27 26.16 18.17
N TYR B 187 21.34 26.92 18.19
CA TYR B 187 21.83 27.57 17.00
C TYR B 187 23.27 27.27 16.86
N ALA B 188 23.62 26.60 15.77
CA ALA B 188 24.95 26.05 15.55
C ALA B 188 25.47 25.37 16.83
N GLU B 189 24.65 24.46 17.37
CA GLU B 189 25.00 23.59 18.53
C GLU B 189 25.08 24.29 19.87
N ASN B 190 24.91 25.63 19.86
CA ASN B 190 24.92 26.38 21.09
C ASN B 190 23.50 26.59 21.65
N TYR B 191 23.46 26.95 22.94
CA TYR B 191 22.29 27.45 23.64
C TYR B 191 21.29 26.44 24.03
N ARG B 192 21.60 25.15 23.87
CA ARG B 192 20.60 24.18 24.20
C ARG B 192 20.35 24.15 25.69
N ASN B 193 21.31 24.60 26.50
CA ASN B 193 21.17 24.50 27.96
C ASN B 193 20.53 25.72 28.60
N LEU B 194 20.02 26.67 27.81
CA LEU B 194 19.24 27.73 28.39
C LEU B 194 17.98 27.12 28.94
N PRO B 195 17.60 27.55 30.15
CA PRO B 195 16.39 26.96 30.74
C PRO B 195 15.09 27.57 30.29
N TYR B 196 15.16 28.51 29.37
CA TYR B 196 14.03 29.19 28.81
C TYR B 196 14.13 29.11 27.29
N VAL B 197 13.08 29.57 26.62
CA VAL B 197 13.10 29.67 25.16
C VAL B 197 13.27 31.12 24.83
N GLY B 198 14.33 31.43 24.11
CA GLY B 198 14.64 32.74 23.70
C GLY B 198 14.54 32.91 22.20
N VAL B 199 14.58 34.19 21.79
CA VAL B 199 14.73 34.55 20.40
C VAL B 199 16.20 34.83 20.17
N LEU B 200 16.76 34.21 19.15
CA LEU B 200 18.11 34.47 18.79
C LEU B 200 18.32 35.90 18.29
N SER B 201 19.33 36.55 18.87
CA SER B 201 19.72 37.95 18.52
C SER B 201 20.37 38.03 17.15
N ARG B 202 19.92 38.92 16.28
CA ARG B 202 20.56 39.02 14.92
C ARG B 202 22.07 39.39 14.94
N SER B 203 22.56 39.94 16.05
CA SER B 203 24.01 40.19 16.19
C SER B 203 24.90 38.91 16.12
N VAL B 204 24.35 37.76 16.54
CA VAL B 204 25.05 36.47 16.41
C VAL B 204 24.80 35.86 15.03
N TYR B 205 23.64 36.18 14.44
CA TYR B 205 23.17 35.54 13.22
C TYR B 205 24.16 35.63 12.08
N VAL C 24 -6.62 5.83 46.11
CA VAL C 24 -6.45 4.39 46.51
C VAL C 24 -6.96 4.16 47.96
N PRO C 25 -7.88 3.21 48.13
CA PRO C 25 -8.42 2.98 49.47
C PRO C 25 -7.37 2.46 50.48
N GLN C 26 -7.57 2.80 51.75
CA GLN C 26 -6.65 2.44 52.85
C GLN C 26 -6.66 0.90 53.15
N THR C 27 -7.78 0.20 52.90
CA THR C 27 -7.83 -1.25 52.99
C THR C 27 -7.01 -1.96 51.86
N HIS C 28 -6.61 -1.27 50.81
CA HIS C 28 -5.85 -1.93 49.73
C HIS C 28 -4.43 -2.32 50.23
N PRO C 29 -4.03 -3.62 50.15
CA PRO C 29 -2.71 -4.05 50.67
C PRO C 29 -1.55 -3.74 49.69
N HIS C 30 -0.85 -2.64 49.94
CA HIS C 30 0.23 -2.14 49.12
C HIS C 30 1.05 -1.24 50.04
N PRO C 31 2.38 -1.13 49.82
CA PRO C 31 3.09 -0.17 50.69
C PRO C 31 2.61 1.28 50.55
N ASP C 32 2.54 2.02 51.65
CA ASP C 32 2.19 3.45 51.55
C ASP C 32 3.28 4.30 50.87
N VAL C 33 4.53 3.90 51.00
CA VAL C 33 5.64 4.70 50.52
C VAL C 33 6.53 3.66 49.86
N ASP C 34 6.55 3.66 48.55
CA ASP C 34 7.49 2.84 47.81
C ASP C 34 8.85 3.52 48.09
N ARG C 35 9.90 2.73 48.33
CA ARG C 35 11.10 3.27 49.01
C ARG C 35 11.91 4.25 48.14
N VAL C 36 11.84 5.53 48.50
CA VAL C 36 12.54 6.58 47.81
C VAL C 36 13.93 6.70 48.41
N LEU C 37 14.94 6.63 47.56
CA LEU C 37 16.31 6.76 47.97
C LEU C 37 16.76 8.23 47.90
N LEU C 38 16.49 8.88 46.77
CA LEU C 38 16.82 10.30 46.62
C LEU C 38 15.65 11.01 46.03
N ASP C 39 15.20 12.06 46.66
CA ASP C 39 14.00 12.67 46.20
C ASP C 39 14.28 13.76 45.25
N GLU C 40 13.22 14.27 44.67
CA GLU C 40 13.34 15.21 43.60
C GLU C 40 14.13 16.47 44.02
N GLN C 41 13.85 16.98 45.21
CA GLN C 41 14.54 18.13 45.71
C GLN C 41 15.99 17.85 46.00
N GLN C 42 16.31 16.69 46.58
CA GLN C 42 17.73 16.35 46.83
C GLN C 42 18.53 16.29 45.54
N ILE C 43 17.94 15.72 44.50
CA ILE C 43 18.64 15.65 43.19
C ILE C 43 18.85 17.05 42.65
N ARG C 44 17.82 17.86 42.65
CA ARG C 44 17.91 19.22 42.14
C ARG C 44 18.95 20.03 42.89
N ASP C 45 18.97 19.95 44.22
CA ASP C 45 19.95 20.71 44.99
C ASP C 45 21.35 20.26 44.63
N ARG C 46 21.56 18.96 44.58
CA ARG C 46 22.92 18.48 44.32
C ARG C 46 23.40 18.85 42.88
N LEU C 47 22.50 18.79 41.89
CA LEU C 47 22.91 19.10 40.50
C LEU C 47 23.18 20.57 40.40
N ALA C 48 22.51 21.40 41.22
CA ALA C 48 22.82 22.81 41.25
C ALA C 48 24.27 23.05 41.72
N GLU C 49 24.69 22.32 42.75
CA GLU C 49 26.08 22.41 43.25
C GLU C 49 27.04 21.87 42.21
N LEU C 50 26.75 20.72 41.63
CA LEU C 50 27.64 20.19 40.59
C LEU C 50 27.78 21.12 39.42
N GLY C 51 26.67 21.71 39.01
CA GLY C 51 26.65 22.61 37.91
C GLY C 51 27.54 23.82 38.11
N GLU C 52 27.55 24.32 39.33
CA GLU C 52 28.32 25.48 39.68
C GLU C 52 29.78 25.06 39.62
N GLN C 53 30.10 23.91 40.21
CA GLN C 53 31.50 23.48 40.28
C GLN C 53 32.03 23.22 38.89
N ILE C 54 31.23 22.60 38.04
CA ILE C 54 31.59 22.36 36.64
C ILE C 54 31.79 23.70 35.91
N ALA C 55 30.88 24.64 36.11
CA ALA C 55 30.99 25.94 35.42
C ALA C 55 32.30 26.67 35.79
N ALA C 56 32.69 26.61 37.05
CA ALA C 56 33.98 27.17 37.45
C ALA C 56 35.17 26.41 36.84
N ASP C 57 35.13 25.07 36.88
CA ASP C 57 36.26 24.28 36.36
C ASP C 57 36.46 24.45 34.87
N TYR C 58 35.41 24.73 34.11
CA TYR C 58 35.52 24.78 32.64
C TYR C 58 35.33 26.21 32.08
N ALA C 59 35.52 27.21 32.92
CA ALA C 59 35.20 28.61 32.56
C ALA C 59 35.88 29.08 31.29
N GLU C 60 37.07 28.61 31.05
CA GLU C 60 37.84 29.03 29.89
C GLU C 60 37.50 28.28 28.61
N GLU C 61 36.87 27.12 28.72
CA GLU C 61 36.71 26.23 27.60
C GLU C 61 35.56 25.25 27.93
N PRO C 62 34.32 25.64 27.59
CA PRO C 62 33.21 24.81 27.95
C PRO C 62 33.26 23.40 27.34
N PRO C 63 32.76 22.41 28.07
CA PRO C 63 32.75 21.05 27.60
C PRO C 63 31.64 20.72 26.64
N VAL C 64 31.87 19.67 25.88
CA VAL C 64 30.84 18.89 25.24
C VAL C 64 30.35 17.88 26.23
N LEU C 65 29.05 17.98 26.58
CA LEU C 65 28.42 17.04 27.44
C LEU C 65 28.02 15.85 26.62
N VAL C 66 28.44 14.67 27.07
CA VAL C 66 28.16 13.47 26.36
C VAL C 66 27.34 12.59 27.23
N GLY C 67 26.22 12.17 26.69
CA GLY C 67 25.42 11.19 27.39
C GLY C 67 25.18 9.90 26.62
N VAL C 68 25.11 8.77 27.34
CA VAL C 68 24.74 7.48 26.78
C VAL C 68 23.26 7.17 27.03
N LEU C 69 22.48 7.02 25.97
CA LEU C 69 21.11 6.74 26.07
C LEU C 69 20.93 5.32 26.66
N ARG C 70 19.83 5.07 27.35
CA ARG C 70 18.74 6.03 27.63
C ARG C 70 18.85 6.56 29.08
N GLY C 71 19.70 5.90 29.85
CA GLY C 71 19.82 6.22 31.29
C GLY C 71 20.16 7.67 31.62
N ALA C 72 20.93 8.31 30.74
CA ALA C 72 21.46 9.62 30.99
C ALA C 72 20.49 10.74 30.73
N VAL C 73 19.32 10.44 30.21
CA VAL C 73 18.44 11.53 29.72
C VAL C 73 18.07 12.60 30.76
N MSE C 74 17.57 12.19 31.91
CA MSE C 74 17.20 13.13 32.96
C MSE C 74 18.41 13.87 33.46
O MSE C 74 18.37 15.09 33.61
CB MSE C 74 16.53 12.45 34.13
CG MSE C 74 15.35 11.56 33.95
SE MSE C 74 14.32 11.91 32.37
CE MSE C 74 12.73 10.88 32.44
N VAL C 75 19.46 13.15 33.87
CA VAL C 75 20.61 13.84 34.50
C VAL C 75 21.20 14.84 33.54
N MSE C 76 21.32 14.45 32.30
CA MSE C 76 21.84 15.30 31.30
C MSE C 76 20.99 16.52 31.02
O MSE C 76 21.51 17.58 30.98
CB MSE C 76 22.06 14.46 30.09
CG MSE C 76 22.88 15.31 29.18
SE MSE C 76 24.67 14.77 28.76
CE MSE C 76 24.26 14.82 26.88
N ALA C 77 19.71 16.38 30.89
CA ALA C 77 18.80 17.53 30.67
C ALA C 77 18.88 18.47 31.87
N ASP C 78 18.97 17.91 33.07
CA ASP C 78 18.92 18.76 34.28
C ASP C 78 20.26 19.41 34.56
N LEU C 79 21.32 18.62 34.51
CA LEU C 79 22.62 19.16 34.81
C LEU C 79 23.02 20.24 33.85
N ALA C 80 22.73 20.03 32.55
CA ALA C 80 23.14 20.95 31.53
C ALA C 80 22.59 22.32 31.86
N ARG C 81 21.34 22.35 32.31
CA ARG C 81 20.68 23.57 32.66
C ARG C 81 21.22 24.23 33.92
N GLN C 82 22.02 23.54 34.71
CA GLN C 82 22.65 24.12 35.86
C GLN C 82 24.09 24.54 35.59
N ILE C 83 24.53 24.43 34.36
CA ILE C 83 25.89 24.78 34.04
C ILE C 83 25.79 26.08 33.25
N ASP C 84 26.25 27.17 33.83
CA ASP C 84 26.16 28.49 33.17
C ASP C 84 27.37 28.74 32.26
N LEU C 85 27.47 27.93 31.21
CA LEU C 85 28.47 28.08 30.18
C LEU C 85 27.82 27.75 28.85
N LYS C 86 28.50 28.08 27.77
CA LYS C 86 28.10 27.62 26.49
C LYS C 86 28.54 26.18 26.20
N VAL C 87 27.90 25.23 26.86
CA VAL C 87 28.18 23.83 26.65
C VAL C 87 27.57 23.43 25.31
N GLU C 88 28.00 22.29 24.81
CA GLU C 88 27.34 21.61 23.77
C GLU C 88 26.89 20.29 24.33
N MSE C 89 25.99 19.64 23.61
CA MSE C 89 25.49 18.36 24.08
C MSE C 89 25.54 17.37 22.91
O MSE C 89 25.16 17.70 21.78
CB MSE C 89 24.04 18.45 24.56
CG MSE C 89 23.90 19.54 25.66
SE MSE C 89 22.06 19.59 26.33
CE MSE C 89 21.43 20.62 24.90
N ASP C 90 25.91 16.12 23.20
CA ASP C 90 26.00 15.06 22.16
C ASP C 90 25.69 13.74 22.82
N TRP C 91 25.25 12.77 22.03
CA TRP C 91 24.72 11.51 22.56
C TRP C 91 25.32 10.29 21.88
N MSE C 92 25.39 9.20 22.65
CA MSE C 92 25.63 7.87 22.09
C MSE C 92 24.57 6.90 22.45
O MSE C 92 23.87 7.05 23.44
CB MSE C 92 26.94 7.31 22.57
CG MSE C 92 28.01 8.35 22.14
SE MSE C 92 29.75 7.71 22.94
CE MSE C 92 29.89 6.03 21.88
N ALA C 93 24.39 5.90 21.59
CA ALA C 93 23.57 4.73 21.94
C ALA C 93 24.40 3.48 21.79
N VAL C 94 24.24 2.54 22.72
CA VAL C 94 25.07 1.40 22.75
C VAL C 94 24.21 0.15 23.04
N SER C 95 24.75 -1.01 22.70
CA SER C 95 24.14 -2.30 22.96
C SER C 95 25.28 -3.26 23.40
N SER C 96 24.90 -4.37 23.99
CA SER C 96 25.82 -5.41 24.48
C SER C 96 26.37 -6.28 23.40
N TYR C 97 27.62 -6.69 23.55
CA TYR C 97 28.21 -7.73 22.73
C TYR C 97 28.26 -9.03 23.53
N GLY C 98 27.33 -9.21 24.49
CA GLY C 98 27.24 -10.44 25.24
C GLY C 98 28.46 -10.61 26.14
N SER C 99 29.09 -11.78 26.05
CA SER C 99 30.16 -12.11 27.01
C SER C 99 31.33 -11.14 26.94
N GLY C 100 31.59 -10.62 25.76
CA GLY C 100 32.62 -9.60 25.59
C GLY C 100 32.40 -8.33 26.44
N THR C 101 31.14 -7.91 26.57
CA THR C 101 30.82 -6.71 27.33
C THR C 101 31.14 -6.88 28.81
N LYS C 102 30.85 -8.08 29.31
CA LYS C 102 31.17 -8.48 30.69
C LYS C 102 32.71 -8.48 30.94
N SER C 103 33.47 -9.02 30.02
CA SER C 103 34.88 -9.15 30.27
C SER C 103 35.76 -7.92 29.92
N SER C 104 35.45 -7.12 28.90
CA SER C 104 36.28 -5.94 28.62
C SER C 104 35.55 -4.58 28.72
N GLY C 105 34.21 -4.60 28.80
CA GLY C 105 33.43 -3.38 28.77
C GLY C 105 33.01 -2.98 27.36
N VAL C 106 33.53 -3.67 26.34
CA VAL C 106 33.23 -3.28 24.96
C VAL C 106 31.74 -3.34 24.70
N VAL C 107 31.24 -2.33 24.03
CA VAL C 107 29.84 -2.29 23.65
C VAL C 107 29.79 -2.02 22.15
N ARG C 108 28.67 -2.38 21.56
CA ARG C 108 28.37 -2.05 20.16
C ARG C 108 27.85 -0.59 20.14
N ILE C 109 28.45 0.20 19.25
CA ILE C 109 27.98 1.59 19.05
C ILE C 109 26.88 1.65 18.05
N LEU C 110 25.65 1.83 18.57
CA LEU C 110 24.49 1.93 17.69
C LEU C 110 24.36 3.33 17.16
N LYS C 111 24.76 4.32 17.95
CA LYS C 111 24.78 5.67 17.45
C LYS C 111 26.00 6.28 18.04
N ASP C 112 26.89 6.71 17.18
CA ASP C 112 28.10 7.30 17.64
C ASP C 112 27.83 8.85 17.86
N LEU C 113 28.78 9.48 18.49
CA LEU C 113 28.84 10.98 18.55
C LEU C 113 28.66 11.59 17.18
N SER C 114 27.80 12.61 17.12
CA SER C 114 27.65 13.41 15.93
C SER C 114 28.90 14.25 15.67
N GLY C 115 29.52 14.79 16.71
CA GLY C 115 30.57 15.78 16.58
C GLY C 115 31.97 15.19 16.80
N ASP C 116 32.93 15.73 16.05
CA ASP C 116 34.40 15.58 16.35
C ASP C 116 34.70 16.15 17.73
N ILE C 117 35.43 15.42 18.55
CA ILE C 117 35.82 15.93 19.86
C ILE C 117 37.29 16.31 19.92
N THR C 118 37.95 16.28 18.77
CA THR C 118 39.36 16.64 18.70
C THR C 118 39.64 17.98 19.38
N ASP C 119 40.56 18.01 20.33
CA ASP C 119 40.94 19.20 21.07
C ASP C 119 39.82 19.81 21.89
N ARG C 120 38.77 19.06 22.18
CA ARG C 120 37.67 19.58 22.95
C ARG C 120 37.78 19.02 24.34
N ASN C 121 37.20 19.74 25.30
CA ASN C 121 36.95 19.17 26.59
C ASN C 121 35.63 18.42 26.52
N VAL C 122 35.60 17.21 27.07
CA VAL C 122 34.46 16.30 27.04
C VAL C 122 34.11 15.87 28.44
N LEU C 123 32.82 15.91 28.72
CA LEU C 123 32.35 15.53 30.02
C LEU C 123 31.24 14.52 29.82
N ILE C 124 31.54 13.24 30.13
CA ILE C 124 30.59 12.21 30.10
C ILE C 124 29.68 12.39 31.26
N VAL C 125 28.37 12.41 30.99
CA VAL C 125 27.39 12.54 32.06
C VAL C 125 26.72 11.21 32.23
N GLU C 126 26.98 10.54 33.38
CA GLU C 126 26.43 9.22 33.63
C GLU C 126 25.34 9.25 34.63
N ASP C 127 24.38 8.34 34.42
CA ASP C 127 23.38 7.95 35.42
C ASP C 127 23.90 7.18 36.65
N ILE C 128 24.81 6.22 36.45
CA ILE C 128 25.31 5.39 37.52
C ILE C 128 26.61 4.73 37.21
N ILE C 129 27.50 4.62 38.18
CA ILE C 129 28.67 3.82 37.97
C ILE C 129 28.73 2.75 39.01
N ASP C 130 29.24 1.63 38.59
CA ASP C 130 29.38 0.42 39.42
C ASP C 130 30.55 -0.46 38.94
N SER C 131 30.47 -1.77 39.14
CA SER C 131 31.61 -2.65 38.84
C SER C 131 31.65 -3.03 37.36
N GLY C 132 30.57 -2.77 36.63
CA GLY C 132 30.64 -2.89 35.18
C GLY C 132 31.79 -2.08 34.52
N LEU C 133 32.38 -2.67 33.49
CA LEU C 133 33.56 -2.13 32.79
C LEU C 133 33.23 -1.23 31.61
N THR C 134 31.96 -0.96 31.36
CA THR C 134 31.63 -0.22 30.12
C THR C 134 32.12 1.24 30.18
N LEU C 135 32.07 1.87 31.36
CA LEU C 135 32.49 3.28 31.46
C LEU C 135 33.97 3.40 31.26
N LYS C 136 34.73 2.46 31.83
CA LYS C 136 36.16 2.40 31.53
C LYS C 136 36.48 2.22 30.05
N TRP C 137 35.84 1.26 29.43
CA TRP C 137 36.04 1.10 27.98
C TRP C 137 35.63 2.40 27.22
N LEU C 138 34.48 2.97 27.56
CA LEU C 138 34.02 4.17 26.79
C LEU C 138 35.02 5.31 26.95
N LEU C 139 35.54 5.46 28.17
CA LEU C 139 36.49 6.52 28.41
C LEU C 139 37.70 6.38 27.54
N SER C 140 38.18 5.18 27.50
CA SER C 140 39.32 4.90 26.66
C SER C 140 38.94 5.15 25.21
N ASN C 141 37.74 4.78 24.83
CA ASN C 141 37.36 4.98 23.43
C ASN C 141 37.36 6.50 23.08
N LEU C 142 36.85 7.33 23.98
CA LEU C 142 36.76 8.76 23.65
C LEU C 142 38.13 9.40 23.69
N ARG C 143 38.99 8.91 24.56
CA ARG C 143 40.37 9.33 24.62
C ARG C 143 41.14 8.99 23.39
N SER C 144 40.73 7.99 22.66
CA SER C 144 41.40 7.66 21.41
C SER C 144 41.01 8.61 20.27
N ARG C 145 40.12 9.57 20.49
CA ARG C 145 39.61 10.44 19.39
C ARG C 145 40.19 11.87 19.45
N GLY C 146 41.31 12.03 20.15
CA GLY C 146 42.04 13.29 20.24
C GLY C 146 41.42 14.41 21.07
N PRO C 147 40.52 14.11 22.05
CA PRO C 147 40.05 15.25 22.84
C PRO C 147 41.13 15.83 23.72
N LYS C 148 40.96 17.07 24.14
CA LYS C 148 41.89 17.70 25.05
C LYS C 148 41.78 17.02 26.39
N SER C 149 40.56 16.71 26.84
CA SER C 149 40.39 15.96 28.09
C SER C 149 39.04 15.27 28.06
N VAL C 150 38.94 14.19 28.81
CA VAL C 150 37.67 13.55 29.04
C VAL C 150 37.58 13.34 30.52
N GLU C 151 36.48 13.78 31.12
CA GLU C 151 36.18 13.55 32.55
C GLU C 151 34.78 13.03 32.66
N VAL C 152 34.39 12.65 33.87
CA VAL C 152 33.10 12.08 34.09
C VAL C 152 32.37 12.71 35.26
N ALA C 153 31.08 12.92 35.06
CA ALA C 153 30.17 13.34 36.07
C ALA C 153 29.15 12.24 36.16
N ALA C 154 28.98 11.68 37.35
CA ALA C 154 27.99 10.60 37.53
C ALA C 154 26.99 10.97 38.62
N LEU C 155 25.71 10.79 38.34
CA LEU C 155 24.73 11.09 39.38
C LEU C 155 24.93 10.17 40.60
N LEU C 156 25.01 8.86 40.33
CA LEU C 156 25.01 7.85 41.37
C LEU C 156 26.22 6.96 41.31
N ARG C 157 26.76 6.64 42.47
CA ARG C 157 27.84 5.66 42.57
C ARG C 157 27.56 4.60 43.61
N LYS C 158 27.68 3.33 43.20
CA LYS C 158 27.48 2.22 44.11
C LYS C 158 28.80 1.78 44.71
N PRO C 159 28.76 1.00 45.83
CA PRO C 159 29.98 0.52 46.53
C PRO C 159 30.94 -0.28 45.65
N ASP C 160 30.40 -1.13 44.79
CA ASP C 160 31.26 -1.92 43.89
C ASP C 160 31.96 -1.11 42.76
N ALA C 161 31.66 0.17 42.62
CA ALA C 161 32.43 1.02 41.69
C ALA C 161 33.91 1.11 42.08
N ALA C 162 34.24 0.95 43.36
CA ALA C 162 35.64 0.91 43.85
C ALA C 162 36.51 -0.18 43.16
N ARG C 163 35.87 -1.22 42.62
CA ARG C 163 36.58 -2.34 41.98
C ARG C 163 37.12 -2.01 40.58
N VAL C 164 36.63 -0.93 39.96
CA VAL C 164 37.18 -0.48 38.68
C VAL C 164 38.03 0.75 38.88
N ASP C 165 39.23 0.76 38.32
CA ASP C 165 40.15 1.85 38.56
C ASP C 165 39.88 2.96 37.59
N ILE C 166 38.91 3.80 37.91
CA ILE C 166 38.72 5.04 37.15
C ILE C 166 38.43 6.28 37.97
N ASP C 167 39.02 7.36 37.50
CA ASP C 167 38.87 8.62 38.17
C ASP C 167 37.60 9.28 37.69
N VAL C 168 36.64 9.42 38.60
CA VAL C 168 35.41 10.17 38.34
C VAL C 168 35.40 11.47 39.08
N LYS C 169 35.45 12.57 38.34
CA LYS C 169 35.65 13.87 38.97
C LYS C 169 34.45 14.40 39.72
N TYR C 170 33.26 14.09 39.25
CA TYR C 170 32.05 14.65 39.86
C TYR C 170 31.06 13.53 40.17
N ILE C 171 30.64 13.45 41.41
CA ILE C 171 29.74 12.42 41.89
C ILE C 171 28.62 13.07 42.63
N GLY C 172 27.41 12.77 42.21
CA GLY C 172 26.23 13.29 42.87
C GLY C 172 26.10 12.68 44.24
N PHE C 173 25.93 11.36 44.29
CA PHE C 173 25.60 10.66 45.53
C PHE C 173 26.25 9.29 45.53
N ASP C 174 26.80 8.88 46.68
CA ASP C 174 27.12 7.46 46.93
C ASP C 174 25.84 6.80 47.42
N ILE C 175 25.51 5.65 46.85
CA ILE C 175 24.32 4.97 47.23
C ILE C 175 24.70 3.54 47.60
N PRO C 176 23.83 2.86 48.36
CA PRO C 176 24.06 1.46 48.65
C PRO C 176 23.84 0.57 47.41
N SER C 177 24.21 -0.71 47.52
CA SER C 177 24.00 -1.66 46.45
C SER C 177 22.55 -2.13 46.43
N GLU C 178 21.72 -1.40 45.71
CA GLU C 178 20.32 -1.71 45.59
C GLU C 178 20.02 -1.61 44.11
N PHE C 179 18.99 -2.31 43.65
CA PHE C 179 18.56 -2.09 42.28
C PHE C 179 17.70 -0.82 42.27
N VAL C 180 18.18 0.20 41.57
CA VAL C 180 17.56 1.50 41.64
C VAL C 180 16.76 1.76 40.37
N ILE C 181 15.73 2.59 40.49
CA ILE C 181 14.90 2.97 39.37
C ILE C 181 14.55 4.44 39.47
N GLY C 182 14.06 4.98 38.36
CA GLY C 182 13.59 6.36 38.30
C GLY C 182 14.68 7.28 37.79
N TYR C 183 14.27 8.52 37.51
CA TYR C 183 15.20 9.52 37.09
C TYR C 183 16.02 8.99 35.92
N GLY C 184 15.30 8.38 34.99
CA GLY C 184 15.84 7.92 33.75
C GLY C 184 16.38 6.51 33.80
N LEU C 185 16.50 5.93 34.98
CA LEU C 185 16.85 4.51 35.14
C LEU C 185 15.60 3.58 35.12
N ASP C 186 15.71 2.49 34.40
CA ASP C 186 14.58 1.57 34.24
C ASP C 186 14.71 0.20 34.91
N TYR C 187 13.56 -0.43 35.03
CA TYR C 187 13.51 -1.88 35.16
C TYR C 187 12.59 -2.37 34.08
N ALA C 188 13.12 -3.19 33.20
CA ALA C 188 12.41 -3.68 32.02
C ALA C 188 11.68 -2.53 31.32
N GLU C 189 12.42 -1.44 31.07
CA GLU C 189 11.91 -0.26 30.37
C GLU C 189 10.94 0.64 31.13
N ASN C 190 10.51 0.22 32.32
CA ASN C 190 9.56 0.98 33.12
C ASN C 190 10.28 1.87 34.10
N TYR C 191 9.54 2.87 34.59
CA TYR C 191 9.91 3.72 35.72
C TYR C 191 10.89 4.82 35.41
N ARG C 192 11.22 5.00 34.16
CA ARG C 192 12.22 6.01 33.85
C ARG C 192 11.69 7.41 34.09
N ASN C 193 10.37 7.55 34.10
CA ASN C 193 9.78 8.87 34.29
C ASN C 193 9.51 9.24 35.75
N LEU C 194 9.93 8.41 36.72
CA LEU C 194 9.83 8.82 38.12
C LEU C 194 10.77 10.00 38.37
N PRO C 195 10.34 11.00 39.18
CA PRO C 195 11.17 12.21 39.30
C PRO C 195 12.19 12.07 40.39
N TYR C 196 12.19 10.90 41.02
CA TYR C 196 13.07 10.61 42.09
C TYR C 196 13.80 9.30 41.75
N VAL C 197 14.77 8.94 42.58
CA VAL C 197 15.41 7.66 42.48
C VAL C 197 14.90 6.77 43.58
N GLY C 198 14.35 5.64 43.16
CA GLY C 198 13.78 4.67 44.11
C GLY C 198 14.47 3.34 44.08
N VAL C 199 14.17 2.52 45.09
CA VAL C 199 14.65 1.14 45.17
C VAL C 199 13.54 0.24 44.68
N LEU C 200 13.84 -0.59 43.70
CA LEU C 200 12.81 -1.48 43.18
C LEU C 200 12.50 -2.48 44.31
N SER C 201 11.32 -2.53 44.92
CA SER C 201 11.21 -3.59 45.93
C SER C 201 11.00 -4.97 45.33
N ARG C 202 11.85 -5.92 45.71
CA ARG C 202 11.67 -7.32 45.40
C ARG C 202 11.05 -8.26 46.48
N SER C 203 10.68 -7.76 47.66
CA SER C 203 10.27 -8.58 48.79
C SER C 203 8.73 -8.69 48.75
N VAL C 204 8.15 -9.66 49.39
CA VAL C 204 6.70 -9.79 49.44
C VAL C 204 6.16 -8.78 50.45
N TYR C 205 5.31 -7.87 49.99
CA TYR C 205 4.72 -6.90 50.88
C TYR C 205 3.70 -7.63 51.71
N GLU C 206 3.60 -7.30 53.00
CA GLU C 206 2.61 -7.94 53.82
C GLU C 206 1.73 -6.96 54.54
N ASP C 207 0.44 -7.17 54.52
CA ASP C 207 -0.47 -6.21 55.10
C ASP C 207 -0.41 -6.19 56.59
N PRO D 29 -33.60 32.43 3.12
CA PRO D 29 -32.85 31.35 3.82
C PRO D 29 -33.55 30.00 3.77
N HIS D 30 -32.89 28.96 3.27
CA HIS D 30 -33.53 27.65 3.21
C HIS D 30 -33.76 27.09 4.61
N PRO D 31 -34.98 26.61 4.91
CA PRO D 31 -35.26 26.17 6.29
C PRO D 31 -34.48 24.87 6.73
N ASP D 32 -34.09 24.02 5.78
CA ASP D 32 -33.29 22.81 6.10
C ASP D 32 -31.78 23.07 6.18
N VAL D 33 -31.39 24.29 5.85
CA VAL D 33 -30.02 24.71 5.92
C VAL D 33 -29.78 25.59 7.15
N ASP D 34 -28.89 25.18 8.02
CA ASP D 34 -28.51 25.99 9.17
C ASP D 34 -27.87 27.28 8.83
N ARG D 35 -26.92 27.22 7.92
CA ARG D 35 -26.19 28.40 7.43
C ARG D 35 -25.43 27.97 6.17
N VAL D 36 -25.07 28.95 5.36
CA VAL D 36 -24.34 28.75 4.17
C VAL D 36 -22.90 28.75 4.57
N LEU D 37 -22.20 27.69 4.23
CA LEU D 37 -20.80 27.58 4.51
C LEU D 37 -20.00 28.18 3.36
N LEU D 38 -20.30 27.77 2.11
CA LEU D 38 -19.57 28.27 0.96
C LEU D 38 -20.59 28.68 -0.08
N ASP D 39 -20.56 29.94 -0.53
CA ASP D 39 -21.56 30.41 -1.48
C ASP D 39 -21.13 30.14 -2.91
N GLU D 40 -22.10 30.30 -3.80
CA GLU D 40 -21.93 29.93 -5.18
C GLU D 40 -20.75 30.62 -5.85
N GLN D 41 -20.60 31.93 -5.57
CA GLN D 41 -19.44 32.67 -6.07
C GLN D 41 -18.07 32.21 -5.46
N GLN D 42 -18.01 31.95 -4.17
CA GLN D 42 -16.78 31.38 -3.60
C GLN D 42 -16.37 30.05 -4.28
N ILE D 43 -17.35 29.16 -4.51
CA ILE D 43 -17.00 27.88 -5.13
C ILE D 43 -16.45 28.17 -6.53
N ARG D 44 -17.19 28.92 -7.29
CA ARG D 44 -16.77 29.22 -8.64
C ARG D 44 -15.37 29.85 -8.71
N ASP D 45 -15.10 30.84 -7.86
CA ASP D 45 -13.79 31.45 -7.85
C ASP D 45 -12.74 30.39 -7.52
N ARG D 46 -12.99 29.56 -6.53
CA ARG D 46 -11.96 28.59 -6.14
C ARG D 46 -11.69 27.54 -7.27
N LEU D 47 -12.76 27.07 -7.92
CA LEU D 47 -12.61 26.05 -8.94
C LEU D 47 -11.90 26.64 -10.14
N ALA D 48 -12.06 27.94 -10.37
CA ALA D 48 -11.33 28.61 -11.43
C ALA D 48 -9.83 28.61 -11.17
N GLU D 49 -9.43 28.86 -9.92
CA GLU D 49 -8.02 28.72 -9.51
C GLU D 49 -7.55 27.28 -9.63
N LEU D 50 -8.34 26.32 -9.12
CA LEU D 50 -7.88 24.95 -9.19
C LEU D 50 -7.71 24.50 -10.60
N GLY D 51 -8.66 24.91 -11.43
CA GLY D 51 -8.64 24.49 -12.81
C GLY D 51 -7.36 24.92 -13.49
N GLU D 52 -6.91 26.14 -13.17
CA GLU D 52 -5.73 26.69 -13.83
C GLU D 52 -4.53 25.93 -13.34
N GLN D 53 -4.48 25.68 -12.04
CA GLN D 53 -3.34 24.98 -11.47
C GLN D 53 -3.25 23.56 -12.05
N ILE D 54 -4.40 22.89 -12.17
CA ILE D 54 -4.45 21.56 -12.76
C ILE D 54 -4.05 21.59 -14.21
N ALA D 55 -4.54 22.59 -14.95
CA ALA D 55 -4.18 22.69 -16.36
C ALA D 55 -2.65 22.84 -16.52
N ALA D 56 -2.01 23.64 -15.66
CA ALA D 56 -0.53 23.77 -15.73
C ALA D 56 0.18 22.47 -15.35
N ASP D 57 -0.26 21.80 -14.29
CA ASP D 57 0.40 20.59 -13.84
C ASP D 57 0.28 19.45 -14.84
N TYR D 58 -0.75 19.44 -15.66
CA TYR D 58 -0.96 18.31 -16.57
C TYR D 58 -0.84 18.71 -18.05
N ALA D 59 -0.14 19.81 -18.33
CA ALA D 59 -0.09 20.40 -19.68
C ALA D 59 0.41 19.43 -20.75
N GLU D 60 1.33 18.55 -20.39
CA GLU D 60 1.94 17.60 -21.32
C GLU D 60 1.08 16.33 -21.51
N GLU D 61 0.16 16.06 -20.59
CA GLU D 61 -0.54 14.78 -20.59
C GLU D 61 -1.84 14.92 -19.78
N PRO D 62 -2.92 15.28 -20.46
CA PRO D 62 -4.15 15.58 -19.72
C PRO D 62 -4.68 14.34 -18.95
N PRO D 63 -5.28 14.55 -17.77
CA PRO D 63 -5.78 13.45 -16.97
C PRO D 63 -7.11 12.95 -17.45
N VAL D 64 -7.39 11.71 -17.04
CA VAL D 64 -8.74 11.18 -16.98
C VAL D 64 -9.28 11.64 -15.63
N LEU D 65 -10.32 12.49 -15.66
CA LEU D 65 -11.04 12.86 -14.47
C LEU D 65 -11.97 11.66 -14.12
N VAL D 66 -11.86 11.20 -12.88
CA VAL D 66 -12.71 10.16 -12.39
C VAL D 66 -13.54 10.69 -11.28
N GLY D 67 -14.84 10.47 -11.41
CA GLY D 67 -15.77 10.81 -10.32
C GLY D 67 -16.56 9.62 -9.82
N VAL D 68 -16.77 9.59 -8.51
CA VAL D 68 -17.63 8.59 -7.89
C VAL D 68 -19.01 9.20 -7.65
N LEU D 69 -20.01 8.64 -8.31
CA LEU D 69 -21.35 9.08 -8.21
C LEU D 69 -21.86 8.88 -6.78
N ARG D 70 -22.80 9.71 -6.33
CA ARG D 70 -23.39 10.86 -7.05
C ARG D 70 -22.80 12.17 -6.56
N GLY D 71 -22.06 12.11 -5.43
CA GLY D 71 -21.56 13.29 -4.78
C GLY D 71 -20.59 14.16 -5.57
N ALA D 72 -19.88 13.54 -6.51
CA ALA D 72 -18.96 14.24 -7.35
C ALA D 72 -19.55 14.99 -8.54
N VAL D 73 -20.84 14.92 -8.76
CA VAL D 73 -21.42 15.47 -10.02
C VAL D 73 -21.14 16.95 -10.24
N MSE D 74 -21.50 17.80 -9.27
CA MSE D 74 -21.41 19.23 -9.49
C MSE D 74 -19.93 19.59 -9.62
O MSE D 74 -19.55 20.32 -10.51
CB MSE D 74 -22.00 20.04 -8.35
CG MSE D 74 -23.41 19.85 -7.95
SE MSE D 74 -24.57 19.40 -9.39
CE MSE D 74 -26.39 19.41 -8.72
N VAL D 75 -19.10 19.10 -8.68
CA VAL D 75 -17.69 19.51 -8.68
C VAL D 75 -17.05 19.05 -9.99
N MSE D 76 -17.34 17.87 -10.46
CA MSE D 76 -16.77 17.41 -11.67
C MSE D 76 -17.24 18.20 -12.86
O MSE D 76 -16.44 18.58 -13.67
CB MSE D 76 -17.16 15.97 -11.74
CG MSE D 76 -16.49 15.36 -12.92
SE MSE D 76 -15.02 14.15 -12.48
CE MSE D 76 -15.47 12.94 -13.89
N ALA D 77 -18.50 18.44 -12.99
CA ALA D 77 -19.02 19.23 -14.13
C ALA D 77 -18.44 20.61 -14.15
N ASP D 78 -18.29 21.20 -12.99
CA ASP D 78 -17.83 22.58 -12.93
C ASP D 78 -16.30 22.65 -13.06
N LEU D 79 -15.58 21.78 -12.34
CA LEU D 79 -14.12 21.81 -12.42
C LEU D 79 -13.64 21.50 -13.81
N ALA D 80 -14.26 20.52 -14.43
CA ALA D 80 -13.81 20.04 -15.75
C ALA D 80 -13.83 21.19 -16.70
N ARG D 81 -14.87 21.99 -16.60
CA ARG D 81 -14.96 23.19 -17.44
C ARG D 81 -13.96 24.27 -17.15
N GLN D 82 -13.30 24.22 -16.03
CA GLN D 82 -12.27 25.21 -15.72
C GLN D 82 -10.91 24.68 -16.00
N ILE D 83 -10.81 23.47 -16.54
CA ILE D 83 -9.53 22.90 -16.88
C ILE D 83 -9.43 23.02 -18.38
N ASP D 84 -8.53 23.88 -18.83
CA ASP D 84 -8.35 24.10 -20.27
C ASP D 84 -7.35 23.08 -20.88
N LEU D 85 -7.73 21.82 -20.86
CA LEU D 85 -6.99 20.75 -21.48
C LEU D 85 -7.97 19.79 -22.05
N LYS D 86 -7.49 18.90 -22.91
CA LYS D 86 -8.34 17.83 -23.42
C LYS D 86 -8.46 16.70 -22.48
N VAL D 87 -9.17 16.94 -21.37
CA VAL D 87 -9.37 15.93 -20.40
C VAL D 87 -10.34 14.90 -20.92
N GLU D 88 -10.34 13.72 -20.29
CA GLU D 88 -11.47 12.78 -20.41
C GLU D 88 -12.18 12.69 -19.08
N MSE D 89 -13.37 12.14 -19.08
CA MSE D 89 -14.14 11.99 -17.86
C MSE D 89 -14.72 10.60 -17.79
O MSE D 89 -15.21 10.08 -18.80
CB MSE D 89 -15.34 12.97 -17.83
CG MSE D 89 -14.85 14.42 -18.08
SE MSE D 89 -16.37 15.72 -17.98
CE MSE D 89 -16.97 15.37 -19.72
N ASP D 90 -14.68 10.00 -16.64
CA ASP D 90 -15.16 8.65 -16.44
C ASP D 90 -15.79 8.61 -15.05
N TRP D 91 -16.66 7.66 -14.83
CA TRP D 91 -17.42 7.58 -13.59
C TRP D 91 -17.48 6.15 -12.99
N MSE D 92 -17.55 6.11 -11.69
CA MSE D 92 -17.87 4.89 -10.94
C MSE D 92 -19.11 5.07 -10.10
O MSE D 92 -19.43 6.18 -9.70
CB MSE D 92 -16.72 4.48 -10.05
CG MSE D 92 -15.49 4.29 -10.96
SE MSE D 92 -13.95 3.84 -9.78
CE MSE D 92 -14.59 2.11 -9.15
N ALA D 93 -19.76 3.95 -9.77
CA ALA D 93 -20.80 3.92 -8.78
C ALA D 93 -20.52 2.78 -7.79
N VAL D 94 -20.77 3.02 -6.51
CA VAL D 94 -20.38 2.06 -5.48
C VAL D 94 -21.47 1.84 -4.41
N SER D 95 -21.42 0.68 -3.78
CA SER D 95 -22.32 0.33 -2.64
C SER D 95 -21.41 -0.16 -1.51
N SER D 96 -21.95 -0.30 -0.32
CA SER D 96 -21.16 -0.77 0.83
C SER D 96 -21.13 -2.31 0.82
N TYR D 97 -20.08 -2.87 1.39
CA TYR D 97 -20.06 -4.26 1.77
C TYR D 97 -20.27 -4.29 3.31
N GLY D 98 -20.98 -3.32 3.90
CA GLY D 98 -21.31 -3.36 5.35
C GLY D 98 -20.07 -3.18 6.21
N SER D 99 -19.87 -4.09 7.13
CA SER D 99 -18.78 -3.93 8.10
C SER D 99 -17.41 -3.86 7.41
N GLY D 100 -17.26 -4.57 6.28
CA GLY D 100 -15.97 -4.54 5.51
C GLY D 100 -15.61 -3.16 5.04
N THR D 101 -16.60 -2.39 4.61
CA THR D 101 -16.34 -1.05 4.13
C THR D 101 -15.81 -0.16 5.24
N LYS D 102 -16.39 -0.26 6.40
CA LYS D 102 -15.88 0.48 7.53
C LYS D 102 -14.40 0.10 7.88
N SER D 103 -14.07 -1.18 7.89
CA SER D 103 -12.77 -1.54 8.36
C SER D 103 -11.64 -1.39 7.30
N SER D 104 -11.91 -1.55 6.00
CA SER D 104 -10.84 -1.43 5.02
C SER D 104 -11.09 -0.35 3.96
N GLY D 105 -12.31 0.16 3.87
CA GLY D 105 -12.67 1.05 2.78
C GLY D 105 -13.15 0.34 1.55
N VAL D 106 -13.09 -1.00 1.51
CA VAL D 106 -13.56 -1.71 0.32
C VAL D 106 -15.04 -1.38 0.02
N VAL D 107 -15.36 -1.20 -1.26
CA VAL D 107 -16.72 -1.02 -1.72
C VAL D 107 -17.07 -1.94 -2.83
N ARG D 108 -18.37 -2.12 -3.04
CA ARG D 108 -18.95 -2.95 -4.05
C ARG D 108 -19.16 -2.10 -5.30
N ILE D 109 -18.58 -2.53 -6.42
CA ILE D 109 -18.60 -1.71 -7.60
C ILE D 109 -19.86 -1.99 -8.35
N LEU D 110 -20.71 -0.99 -8.47
CA LEU D 110 -21.95 -1.11 -9.25
C LEU D 110 -21.83 -0.59 -10.64
N LYS D 111 -20.90 0.36 -10.87
CA LYS D 111 -20.46 0.63 -12.20
C LYS D 111 -18.98 0.90 -12.16
N ASP D 112 -18.23 0.18 -12.96
CA ASP D 112 -16.81 0.36 -13.01
C ASP D 112 -16.49 1.43 -14.00
N LEU D 113 -15.25 1.92 -13.96
CA LEU D 113 -14.72 2.71 -15.06
C LEU D 113 -15.01 2.05 -16.41
N SER D 114 -15.46 2.87 -17.35
CA SER D 114 -15.67 2.40 -18.69
C SER D 114 -14.35 2.24 -19.44
N GLY D 115 -13.33 3.01 -19.11
CA GLY D 115 -12.05 3.07 -19.89
C GLY D 115 -10.83 2.59 -19.13
N ASP D 116 -9.92 1.97 -19.87
CA ASP D 116 -8.61 1.49 -19.40
C ASP D 116 -7.86 2.76 -18.93
N ILE D 117 -7.28 2.74 -17.77
CA ILE D 117 -6.46 3.78 -17.31
C ILE D 117 -4.96 3.40 -17.34
N THR D 118 -4.61 2.25 -17.94
CA THR D 118 -3.22 1.85 -18.11
C THR D 118 -2.42 2.99 -18.71
N ASP D 119 -1.34 3.35 -18.04
CA ASP D 119 -0.41 4.41 -18.51
C ASP D 119 -1.04 5.77 -18.68
N ARG D 120 -2.21 5.98 -18.06
CA ARG D 120 -2.86 7.30 -18.07
C ARG D 120 -2.64 8.02 -16.74
N ASN D 121 -2.65 9.35 -16.80
CA ASN D 121 -2.75 10.14 -15.59
C ASN D 121 -4.25 10.19 -15.22
N VAL D 122 -4.55 9.90 -13.96
CA VAL D 122 -5.88 9.88 -13.46
C VAL D 122 -5.98 10.87 -12.30
N LEU D 123 -7.08 11.63 -12.31
CA LEU D 123 -7.39 12.58 -11.25
C LEU D 123 -8.76 12.29 -10.72
N ILE D 124 -8.81 11.71 -9.53
CA ILE D 124 -10.01 11.46 -8.86
C ILE D 124 -10.52 12.82 -8.37
N VAL D 125 -11.80 13.08 -8.65
CA VAL D 125 -12.41 14.38 -8.24
C VAL D 125 -13.45 13.98 -7.19
N GLU D 126 -13.16 14.35 -5.96
CA GLU D 126 -13.99 14.08 -4.84
C GLU D 126 -14.71 15.28 -4.30
N ASP D 127 -15.86 14.97 -3.73
CA ASP D 127 -16.68 15.98 -3.04
C ASP D 127 -16.16 16.32 -1.68
N ILE D 128 -15.84 15.28 -0.93
CA ILE D 128 -15.39 15.43 0.44
C ILE D 128 -14.35 14.39 0.75
N ILE D 129 -13.39 14.78 1.56
CA ILE D 129 -12.51 13.80 2.23
C ILE D 129 -12.55 13.98 3.73
N ASP D 130 -12.49 12.85 4.42
CA ASP D 130 -12.62 12.78 5.85
C ASP D 130 -11.95 11.50 6.39
N SER D 131 -12.42 10.97 7.54
CA SER D 131 -11.70 9.85 8.18
C SER D 131 -12.14 8.51 7.60
N GLY D 132 -13.18 8.48 6.78
CA GLY D 132 -13.54 7.28 6.05
C GLY D 132 -12.42 6.77 5.16
N LEU D 133 -12.35 5.44 5.06
CA LEU D 133 -11.29 4.75 4.35
C LEU D 133 -11.59 4.42 2.88
N THR D 134 -12.73 4.85 2.34
CA THR D 134 -13.06 4.46 0.95
C THR D 134 -12.20 5.13 -0.09
N LEU D 135 -11.81 6.38 0.12
CA LEU D 135 -10.88 7.00 -0.79
C LEU D 135 -9.55 6.25 -0.86
N LYS D 136 -8.97 5.97 0.27
CA LYS D 136 -7.71 5.27 0.35
C LYS D 136 -7.82 3.94 -0.38
N TRP D 137 -8.87 3.19 -0.09
CA TRP D 137 -9.01 1.94 -0.79
C TRP D 137 -9.18 2.16 -2.31
N LEU D 138 -10.01 3.15 -2.71
CA LEU D 138 -10.17 3.38 -4.12
C LEU D 138 -8.84 3.70 -4.80
N LEU D 139 -8.03 4.49 -4.14
CA LEU D 139 -6.79 4.91 -4.71
C LEU D 139 -5.91 3.71 -4.98
N SER D 140 -5.84 2.85 -3.99
CA SER D 140 -5.07 1.63 -4.10
C SER D 140 -5.68 0.72 -5.17
N ASN D 141 -7.01 0.69 -5.28
CA ASN D 141 -7.61 -0.04 -6.39
C ASN D 141 -7.19 0.52 -7.76
N LEU D 142 -7.21 1.85 -7.94
CA LEU D 142 -6.92 2.38 -9.26
C LEU D 142 -5.47 2.23 -9.58
N ARG D 143 -4.65 2.35 -8.57
CA ARG D 143 -3.20 2.09 -8.75
C ARG D 143 -2.84 0.68 -9.06
N SER D 144 -3.71 -0.26 -8.77
CA SER D 144 -3.51 -1.63 -9.23
C SER D 144 -3.90 -1.84 -10.74
N ARG D 145 -4.40 -0.82 -11.45
CA ARG D 145 -4.80 -0.96 -12.85
C ARG D 145 -3.82 -0.42 -13.87
N GLY D 146 -2.57 -0.26 -13.46
CA GLY D 146 -1.48 0.25 -14.30
C GLY D 146 -1.42 1.69 -14.70
N PRO D 147 -2.07 2.61 -13.97
CA PRO D 147 -2.01 4.02 -14.47
C PRO D 147 -0.63 4.61 -14.26
N LYS D 148 -0.30 5.62 -15.00
CA LYS D 148 0.94 6.32 -14.80
C LYS D 148 0.96 7.02 -13.47
N SER D 149 -0.14 7.64 -13.09
CA SER D 149 -0.24 8.27 -11.78
C SER D 149 -1.71 8.47 -11.45
N VAL D 150 -2.01 8.54 -10.16
CA VAL D 150 -3.36 8.79 -9.65
C VAL D 150 -3.22 9.78 -8.58
N GLU D 151 -3.97 10.89 -8.70
CA GLU D 151 -3.92 11.96 -7.74
C GLU D 151 -5.34 12.32 -7.43
N VAL D 152 -5.53 13.15 -6.43
CA VAL D 152 -6.88 13.51 -5.96
C VAL D 152 -7.07 15.04 -5.89
N ALA D 153 -8.24 15.48 -6.35
CA ALA D 153 -8.73 16.84 -6.20
C ALA D 153 -10.01 16.74 -5.42
N ALA D 154 -10.07 17.40 -4.30
CA ALA D 154 -11.25 17.29 -3.42
C ALA D 154 -11.81 18.66 -3.15
N LEU D 155 -13.12 18.85 -3.30
CA LEU D 155 -13.68 20.13 -3.08
C LEU D 155 -13.53 20.49 -1.60
N LEU D 156 -13.90 19.58 -0.74
CA LEU D 156 -13.99 19.86 0.69
C LEU D 156 -13.17 18.88 1.52
N ARG D 157 -12.53 19.39 2.57
CA ARG D 157 -11.77 18.56 3.51
C ARG D 157 -12.14 18.88 4.91
N LYS D 158 -12.54 17.85 5.64
CA LYS D 158 -12.87 18.01 7.04
C LYS D 158 -11.64 17.75 7.91
N PRO D 159 -11.65 18.22 9.17
CA PRO D 159 -10.52 18.01 10.10
C PRO D 159 -10.08 16.56 10.26
N ASP D 160 -11.03 15.63 10.35
CA ASP D 160 -10.67 14.24 10.59
C ASP D 160 -10.00 13.56 9.37
N ALA D 161 -9.91 14.26 8.24
CA ALA D 161 -9.15 13.72 7.10
C ALA D 161 -7.66 13.53 7.41
N ALA D 162 -7.15 14.31 8.34
CA ALA D 162 -5.75 14.13 8.86
C ALA D 162 -5.45 12.70 9.38
N ARG D 163 -6.47 11.97 9.79
CA ARG D 163 -6.30 10.63 10.41
C ARG D 163 -6.02 9.55 9.39
N VAL D 164 -6.32 9.79 8.11
CA VAL D 164 -5.98 8.80 7.06
C VAL D 164 -4.72 9.28 6.35
N ASP D 165 -3.77 8.38 6.16
CA ASP D 165 -2.52 8.76 5.53
C ASP D 165 -2.65 8.72 4.03
N ILE D 166 -3.20 9.78 3.46
CA ILE D 166 -3.14 9.93 2.02
C ILE D 166 -2.79 11.35 1.56
N ASP D 167 -2.00 11.38 0.49
CA ASP D 167 -1.65 12.67 -0.08
C ASP D 167 -2.74 13.13 -1.11
N VAL D 168 -3.41 14.23 -0.78
CA VAL D 168 -4.36 14.88 -1.65
C VAL D 168 -3.75 16.15 -2.22
N LYS D 169 -3.51 16.15 -3.51
CA LYS D 169 -2.81 17.23 -4.15
C LYS D 169 -3.61 18.53 -4.25
N TYR D 170 -4.91 18.45 -4.49
CA TYR D 170 -5.70 19.68 -4.73
C TYR D 170 -6.87 19.70 -3.79
N ILE D 171 -7.00 20.80 -3.04
CA ILE D 171 -8.06 20.95 -2.05
C ILE D 171 -8.73 22.28 -2.22
N GLY D 172 -10.05 22.25 -2.37
CA GLY D 172 -10.85 23.45 -2.53
C GLY D 172 -10.90 24.24 -1.28
N PHE D 173 -11.41 23.61 -0.22
CA PHE D 173 -11.66 24.32 1.03
C PHE D 173 -11.49 23.35 2.19
N ASP D 174 -10.89 23.83 3.27
CA ASP D 174 -11.00 23.16 4.57
C ASP D 174 -12.29 23.62 5.17
N ILE D 175 -13.06 22.67 5.66
CA ILE D 175 -14.28 23.01 6.35
C ILE D 175 -14.30 22.35 7.72
N PRO D 176 -15.21 22.84 8.60
CA PRO D 176 -15.27 22.27 9.96
C PRO D 176 -16.04 20.97 9.90
N SER D 177 -16.10 20.24 11.02
CA SER D 177 -16.79 18.91 11.06
C SER D 177 -18.31 19.10 11.25
N GLU D 178 -18.99 19.26 10.16
CA GLU D 178 -20.37 19.56 10.13
C GLU D 178 -20.89 18.62 9.09
N PHE D 179 -22.14 18.24 9.23
CA PHE D 179 -22.73 17.56 8.11
C PHE D 179 -23.08 18.60 7.06
N VAL D 180 -22.47 18.46 5.86
CA VAL D 180 -22.66 19.42 4.79
C VAL D 180 -23.55 18.93 3.65
N ILE D 181 -24.32 19.88 3.06
CA ILE D 181 -25.27 19.55 1.96
C ILE D 181 -25.16 20.57 0.87
N GLY D 182 -25.67 20.22 -0.31
CA GLY D 182 -25.65 21.11 -1.44
C GLY D 182 -24.51 20.83 -2.37
N TYR D 183 -24.56 21.45 -3.54
CA TYR D 183 -23.49 21.32 -4.55
C TYR D 183 -23.20 19.84 -4.77
N GLY D 184 -24.30 19.10 -4.92
CA GLY D 184 -24.24 17.65 -5.25
C GLY D 184 -24.26 16.75 -4.07
N LEU D 185 -24.02 17.28 -2.89
CA LEU D 185 -24.04 16.48 -1.65
C LEU D 185 -25.44 16.42 -1.05
N ASP D 186 -25.83 15.23 -0.64
CA ASP D 186 -27.19 14.99 -0.18
C ASP D 186 -27.29 14.68 1.33
N TYR D 187 -28.51 14.86 1.83
CA TYR D 187 -28.97 14.18 2.99
C TYR D 187 -30.22 13.45 2.64
N ALA D 188 -30.19 12.14 2.84
CA ALA D 188 -31.28 11.23 2.44
C ALA D 188 -31.81 11.54 1.03
N GLU D 189 -30.89 11.69 0.08
CA GLU D 189 -31.20 12.03 -1.35
C GLU D 189 -31.65 13.47 -1.68
N ASN D 190 -31.82 14.29 -0.66
CA ASN D 190 -32.22 15.67 -0.86
C ASN D 190 -31.06 16.64 -0.90
N TYR D 191 -31.32 17.84 -1.47
CA TYR D 191 -30.49 19.04 -1.41
C TYR D 191 -29.28 19.00 -2.34
N ARG D 192 -29.20 17.99 -3.23
CA ARG D 192 -28.06 17.95 -4.12
C ARG D 192 -28.06 19.16 -5.05
N ASN D 193 -29.24 19.75 -5.31
CA ASN D 193 -29.31 20.87 -6.28
C ASN D 193 -29.12 22.28 -5.70
N LEU D 194 -28.78 22.41 -4.42
CA LEU D 194 -28.45 23.70 -3.89
C LEU D 194 -27.16 24.14 -4.56
N PRO D 195 -27.07 25.42 -4.92
CA PRO D 195 -25.90 25.89 -5.64
C PRO D 195 -24.75 26.32 -4.75
N TYR D 196 -24.95 26.20 -3.46
CA TYR D 196 -23.96 26.47 -2.46
C TYR D 196 -23.76 25.21 -1.60
N VAL D 197 -22.82 25.28 -0.69
CA VAL D 197 -22.65 24.25 0.32
C VAL D 197 -23.15 24.83 1.61
N GLY D 198 -24.09 24.13 2.21
CA GLY D 198 -24.63 24.47 3.50
C GLY D 198 -24.36 23.46 4.59
N VAL D 199 -24.63 23.86 5.79
CA VAL D 199 -24.65 22.97 6.92
C VAL D 199 -26.09 22.50 7.10
N LEU D 200 -26.27 21.18 7.17
CA LEU D 200 -27.59 20.67 7.47
C LEU D 200 -28.07 21.09 8.83
N SER D 201 -29.30 21.61 8.84
CA SER D 201 -29.97 22.03 10.10
C SER D 201 -30.38 20.85 10.96
N ARG D 202 -30.08 20.88 12.26
CA ARG D 202 -30.51 19.78 13.13
C ARG D 202 -32.01 19.50 13.19
N SER D 203 -32.80 20.49 12.84
CA SER D 203 -34.26 20.28 12.79
C SER D 203 -34.69 19.19 11.77
N VAL D 204 -33.88 18.94 10.74
CA VAL D 204 -34.11 17.83 9.79
C VAL D 204 -33.82 16.41 10.36
N TYR D 205 -33.01 16.31 11.41
CA TYR D 205 -32.82 15.05 12.15
C TYR D 205 -33.08 15.13 13.70
N GLU D 206 -33.85 16.10 14.20
CA GLU D 206 -34.18 16.11 15.64
C GLU D 206 -35.57 16.67 15.98
N VAL E 24 29.36 2.07 -31.37
CA VAL E 24 29.94 3.47 -31.33
C VAL E 24 30.82 3.74 -32.56
N PRO E 25 30.48 4.77 -33.33
CA PRO E 25 31.21 4.99 -34.58
C PRO E 25 32.68 5.33 -34.35
N GLN E 26 33.51 4.91 -35.29
CA GLN E 26 34.96 5.15 -35.24
C GLN E 26 35.33 6.69 -35.36
N THR E 27 34.50 7.48 -36.00
CA THR E 27 34.72 8.94 -36.07
C THR E 27 34.45 9.61 -34.70
N HIS E 28 33.78 8.95 -33.79
CA HIS E 28 33.46 9.57 -32.52
C HIS E 28 34.72 9.82 -31.66
N PRO E 29 34.99 11.10 -31.24
CA PRO E 29 36.27 11.43 -30.51
C PRO E 29 36.24 11.05 -29.00
N HIS E 30 36.75 9.86 -28.67
CA HIS E 30 36.75 9.28 -27.35
C HIS E 30 37.88 8.24 -27.34
N PRO E 31 38.52 7.99 -26.19
CA PRO E 31 39.59 6.98 -26.25
C PRO E 31 39.05 5.58 -26.62
N ASP E 32 39.82 4.81 -27.36
CA ASP E 32 39.42 3.44 -27.66
C ASP E 32 39.43 2.49 -26.44
N VAL E 33 40.29 2.74 -25.47
CA VAL E 33 40.38 1.93 -24.27
C VAL E 33 40.53 2.82 -23.05
N ASP E 34 39.81 2.61 -21.96
CA ASP E 34 40.12 3.37 -20.71
C ASP E 34 41.32 2.75 -20.05
N ARG E 35 42.10 3.49 -19.28
CA ARG E 35 43.31 2.91 -18.69
C ARG E 35 43.00 1.93 -17.60
N VAL E 36 43.46 0.72 -17.79
CA VAL E 36 43.30 -0.35 -16.83
C VAL E 36 44.60 -0.60 -16.11
N LEU E 37 44.56 -0.55 -14.78
CA LEU E 37 45.75 -0.80 -13.97
C LEU E 37 45.84 -2.28 -13.64
N LEU E 38 44.75 -2.86 -13.19
CA LEU E 38 44.72 -4.31 -12.88
C LEU E 38 43.48 -4.89 -13.48
N ASP E 39 43.63 -5.90 -14.30
CA ASP E 39 42.47 -6.44 -14.99
C ASP E 39 41.82 -7.52 -14.20
N GLU E 40 40.64 -7.88 -14.66
CA GLU E 40 39.80 -8.80 -13.91
C GLU E 40 40.52 -10.14 -13.59
N GLN E 41 41.26 -10.67 -14.55
CA GLN E 41 41.98 -11.91 -14.36
C GLN E 41 43.15 -11.76 -13.38
N GLN E 42 43.89 -10.65 -13.44
CA GLN E 42 44.95 -10.43 -12.50
C GLN E 42 44.45 -10.37 -11.08
N ILE E 43 43.30 -9.71 -10.86
CA ILE E 43 42.70 -9.65 -9.53
C ILE E 43 42.29 -11.04 -9.05
N ARG E 44 41.60 -11.78 -9.91
CA ARG E 44 41.17 -13.09 -9.56
C ARG E 44 42.37 -14.07 -9.24
N ASP E 45 43.41 -14.07 -10.05
CA ASP E 45 44.54 -14.90 -9.80
C ASP E 45 45.16 -14.53 -8.45
N ARG E 46 45.34 -13.23 -8.21
CA ARG E 46 46.01 -12.84 -6.99
C ARG E 46 45.17 -13.17 -5.73
N LEU E 47 43.85 -13.01 -5.80
CA LEU E 47 43.01 -13.32 -4.65
C LEU E 47 42.95 -14.82 -4.45
N ALA E 48 43.07 -15.61 -5.50
CA ALA E 48 43.22 -17.04 -5.32
C ALA E 48 44.46 -17.40 -4.46
N GLU E 49 45.61 -16.75 -4.74
CA GLU E 49 46.85 -16.99 -3.97
C GLU E 49 46.71 -16.50 -2.55
N LEU E 50 46.14 -15.33 -2.37
CA LEU E 50 45.90 -14.84 -1.01
C LEU E 50 44.99 -15.74 -0.26
N GLY E 51 44.00 -16.26 -0.92
CA GLY E 51 43.00 -17.12 -0.25
C GLY E 51 43.60 -18.38 0.30
N GLU E 52 44.53 -18.90 -0.45
CA GLU E 52 45.16 -20.18 -0.15
C GLU E 52 46.09 -19.94 1.02
N GLN E 53 46.81 -18.81 0.97
CA GLN E 53 47.71 -18.51 2.04
C GLN E 53 46.95 -18.26 3.36
N ILE E 54 45.87 -17.49 3.29
CA ILE E 54 45.04 -17.22 4.44
C ILE E 54 44.48 -18.55 5.00
N ALA E 55 44.01 -19.43 4.11
CA ALA E 55 43.46 -20.67 4.59
C ALA E 55 44.49 -21.49 5.37
N ALA E 56 45.75 -21.53 4.90
CA ALA E 56 46.77 -22.29 5.63
C ALA E 56 47.07 -21.59 6.97
N ASP E 57 47.22 -20.25 6.98
CA ASP E 57 47.59 -19.56 8.19
C ASP E 57 46.53 -19.67 9.26
N TYR E 58 45.26 -19.81 8.88
CA TYR E 58 44.19 -19.85 9.89
C TYR E 58 43.53 -21.23 10.05
N ALA E 59 44.20 -22.28 9.61
CA ALA E 59 43.61 -23.62 9.54
C ALA E 59 42.97 -24.09 10.85
N GLU E 60 43.54 -23.70 11.98
CA GLU E 60 43.13 -24.17 13.26
C GLU E 60 41.99 -23.36 13.83
N GLU E 61 41.77 -22.15 13.30
CA GLU E 61 40.84 -21.23 13.91
C GLU E 61 40.47 -20.17 12.86
N PRO E 62 39.42 -20.45 12.09
CA PRO E 62 39.07 -19.54 11.02
C PRO E 62 38.74 -18.07 11.49
N PRO E 63 39.09 -17.07 10.70
CA PRO E 63 38.86 -15.67 11.04
C PRO E 63 37.44 -15.21 10.78
N VAL E 64 37.09 -14.17 11.49
CA VAL E 64 36.01 -13.27 11.14
C VAL E 64 36.62 -12.28 10.15
N LEU E 65 36.09 -12.28 8.91
CA LEU E 65 36.46 -11.27 7.92
C LEU E 65 35.64 -10.00 8.17
N VAL E 66 36.32 -8.89 8.28
CA VAL E 66 35.69 -7.62 8.54
C VAL E 66 35.97 -6.64 7.43
N GLY E 67 34.90 -6.13 6.85
CA GLY E 67 35.01 -5.20 5.79
C GLY E 67 34.33 -3.85 6.10
N VAL E 68 34.95 -2.79 5.66
CA VAL E 68 34.42 -1.43 5.82
C VAL E 68 33.73 -1.05 4.51
N LEU E 69 32.45 -0.79 4.58
CA LEU E 69 31.67 -0.37 3.45
C LEU E 69 32.10 0.99 2.97
N ARG E 70 31.98 1.29 1.68
CA ARG E 70 31.44 0.44 0.63
C ARG E 70 32.57 -0.08 -0.23
N GLY E 71 33.76 0.50 -0.04
CA GLY E 71 34.92 0.09 -0.83
C GLY E 71 35.29 -1.40 -0.81
N ALA E 72 35.01 -2.05 0.30
CA ALA E 72 35.47 -3.45 0.53
C ALA E 72 34.56 -4.48 -0.07
N VAL E 73 33.47 -4.06 -0.67
CA VAL E 73 32.47 -5.04 -1.14
C VAL E 73 33.00 -6.10 -2.09
N MSE E 74 33.62 -5.70 -3.19
CA MSE E 74 34.07 -6.66 -4.21
C MSE E 74 35.20 -7.52 -3.60
O MSE E 74 35.16 -8.75 -3.73
CB MSE E 74 34.61 -6.02 -5.49
CG MSE E 74 33.63 -5.47 -6.57
SE MSE E 74 31.89 -4.87 -5.93
CE MSE E 74 31.05 -4.14 -7.53
N VAL E 75 36.23 -6.90 -3.02
CA VAL E 75 37.37 -7.71 -2.49
C VAL E 75 36.92 -8.73 -1.44
N MSE E 76 36.02 -8.36 -0.55
CA MSE E 76 35.43 -9.29 0.38
C MSE E 76 34.59 -10.37 -0.20
O MSE E 76 34.72 -11.49 0.22
CB MSE E 76 34.52 -8.64 1.38
CG MSE E 76 35.25 -7.93 2.48
SE MSE E 76 35.30 -8.74 4.23
CE MSE E 76 33.49 -8.70 4.86
N ALA E 77 33.73 -10.07 -1.14
CA ALA E 77 32.90 -11.12 -1.75
C ALA E 77 33.81 -12.11 -2.49
N ASP E 78 34.85 -11.58 -3.19
CA ASP E 78 35.68 -12.43 -3.95
C ASP E 78 36.69 -13.22 -3.08
N LEU E 79 37.33 -12.54 -2.16
CA LEU E 79 38.36 -13.21 -1.33
C LEU E 79 37.78 -14.26 -0.44
N ALA E 80 36.61 -13.98 0.12
CA ALA E 80 36.00 -14.90 1.03
C ALA E 80 35.79 -16.22 0.30
N ARG E 81 35.40 -16.15 -0.97
CA ARG E 81 35.14 -17.35 -1.75
C ARG E 81 36.40 -18.12 -2.12
N GLN E 82 37.58 -17.52 -1.94
CA GLN E 82 38.83 -18.19 -2.15
C GLN E 82 39.48 -18.74 -0.89
N ILE E 83 38.80 -18.62 0.24
CA ILE E 83 39.35 -19.06 1.49
C ILE E 83 38.55 -20.31 1.87
N ASP E 84 39.19 -21.47 1.81
CA ASP E 84 38.49 -22.75 2.09
C ASP E 84 38.55 -23.05 3.59
N LEU E 85 37.84 -22.25 4.35
CA LEU E 85 37.66 -22.46 5.79
C LEU E 85 36.28 -22.00 6.11
N LYS E 86 35.84 -22.33 7.30
CA LYS E 86 34.55 -21.80 7.75
C LYS E 86 34.74 -20.40 8.33
N VAL E 87 34.97 -19.44 7.45
CA VAL E 87 35.05 -18.03 7.87
C VAL E 87 33.69 -17.51 8.22
N GLU E 88 33.67 -16.42 8.97
CA GLU E 88 32.49 -15.61 9.15
C GLU E 88 32.76 -14.25 8.56
N MSE E 89 31.74 -13.46 8.39
CA MSE E 89 31.91 -12.17 7.75
C MSE E 89 31.10 -11.14 8.46
O MSE E 89 29.93 -11.42 8.84
CB MSE E 89 31.34 -12.23 6.26
CG MSE E 89 31.97 -13.33 5.41
SE MSE E 89 31.35 -13.34 3.51
CE MSE E 89 32.00 -11.60 2.80
N ASP E 90 31.65 -9.93 8.60
CA ASP E 90 30.97 -8.89 9.33
C ASP E 90 31.43 -7.55 8.70
N TRP E 91 30.66 -6.50 8.95
CA TRP E 91 30.78 -5.23 8.24
C TRP E 91 30.65 -4.03 9.12
N MSE E 92 31.39 -2.99 8.75
CA MSE E 92 31.22 -1.68 9.37
C MSE E 92 30.93 -0.63 8.37
O MSE E 92 31.27 -0.77 7.20
CB MSE E 92 32.46 -1.28 10.15
CG MSE E 92 32.71 -2.34 11.21
SE MSE E 92 34.46 -1.91 12.12
CE MSE E 92 33.84 -0.23 12.92
N ALA E 93 30.20 0.38 8.79
CA ALA E 93 30.07 1.59 7.98
C ALA E 93 30.59 2.76 8.78
N VAL E 94 31.29 3.66 8.10
CA VAL E 94 31.94 4.79 8.79
C VAL E 94 31.73 6.11 8.03
N SER E 95 31.95 7.18 8.73
CA SER E 95 31.95 8.45 8.11
C SER E 95 32.95 9.37 8.77
N SER E 96 33.24 10.48 8.13
CA SER E 96 34.32 11.37 8.57
C SER E 96 33.89 12.23 9.72
N TYR E 97 34.81 12.52 10.64
CA TYR E 97 34.59 13.57 11.63
C TYR E 97 35.33 14.82 11.20
N GLY E 98 35.56 14.99 9.91
CA GLY E 98 36.18 16.26 9.39
C GLY E 98 37.65 16.31 9.78
N SER E 99 38.06 17.40 10.37
CA SER E 99 39.50 17.60 10.64
C SER E 99 40.08 16.51 11.60
N GLY E 100 39.26 16.01 12.51
CA GLY E 100 39.67 14.93 13.38
C GLY E 100 40.14 13.66 12.65
N THR E 101 39.45 13.33 11.58
CA THR E 101 39.75 12.13 10.82
C THR E 101 41.13 12.24 10.20
N LYS E 102 41.45 13.42 9.68
CA LYS E 102 42.77 13.69 9.07
C LYS E 102 43.89 13.61 10.12
N SER E 103 43.67 14.14 11.31
CA SER E 103 44.73 14.15 12.28
C SER E 103 44.90 12.87 13.15
N SER E 104 43.84 12.11 13.47
CA SER E 104 44.02 10.87 14.27
C SER E 104 43.48 9.59 13.62
N GLY E 105 42.75 9.72 12.51
CA GLY E 105 42.19 8.57 11.85
C GLY E 105 40.83 8.21 12.43
N VAL E 106 40.42 8.85 13.51
CA VAL E 106 39.12 8.58 14.10
C VAL E 106 38.00 8.80 13.05
N VAL E 107 37.09 7.87 13.01
CA VAL E 107 35.91 7.97 12.14
C VAL E 107 34.67 7.75 13.01
N ARG E 108 33.53 8.24 12.50
CA ARG E 108 32.27 8.03 13.14
C ARG E 108 31.86 6.61 12.71
N ILE E 109 31.41 5.81 13.68
CA ILE E 109 30.82 4.49 13.37
C ILE E 109 29.31 4.69 13.08
N LEU E 110 28.91 4.54 11.80
CA LEU E 110 27.53 4.55 11.43
C LEU E 110 26.94 3.18 11.58
N LYS E 111 27.72 2.14 11.36
CA LYS E 111 27.29 0.80 11.69
C LYS E 111 28.42 0.09 12.24
N ASP E 112 28.27 -0.42 13.47
CA ASP E 112 29.33 -1.16 14.05
C ASP E 112 29.24 -2.69 13.66
N LEU E 113 30.27 -3.48 14.00
CA LEU E 113 30.26 -4.91 13.93
C LEU E 113 29.05 -5.49 14.64
N SER E 114 28.43 -6.44 13.98
CA SER E 114 27.29 -7.13 14.61
C SER E 114 27.76 -8.08 15.65
N GLY E 115 28.93 -8.69 15.47
CA GLY E 115 29.43 -9.79 16.37
C GLY E 115 30.52 -9.35 17.37
N ASP E 116 30.45 -9.88 18.57
CA ASP E 116 31.58 -9.88 19.57
C ASP E 116 32.80 -10.53 18.94
N ILE E 117 33.95 -9.86 18.97
CA ILE E 117 35.15 -10.47 18.45
C ILE E 117 36.13 -10.94 19.58
N THR E 118 35.68 -10.90 20.82
CA THR E 118 36.42 -11.43 21.95
C THR E 118 36.97 -12.82 21.71
N ASP E 119 38.27 -12.98 21.85
CA ASP E 119 38.96 -14.22 21.64
C ASP E 119 38.82 -14.78 20.22
N ARG E 120 38.49 -13.94 19.24
CA ARG E 120 38.41 -14.42 17.86
C ARG E 120 39.62 -13.96 17.12
N ASN E 121 39.99 -14.70 16.06
CA ASN E 121 40.85 -14.17 15.05
C ASN E 121 40.03 -13.31 14.06
N VAL E 122 40.54 -12.10 13.78
CA VAL E 122 39.85 -11.13 12.94
C VAL E 122 40.80 -10.78 11.82
N LEU E 123 40.24 -10.73 10.62
CA LEU E 123 41.00 -10.31 9.43
C LEU E 123 40.21 -9.17 8.74
N ILE E 124 40.75 -7.96 8.81
CA ILE E 124 40.20 -6.83 8.13
C ILE E 124 40.56 -7.00 6.67
N VAL E 125 39.57 -6.85 5.79
CA VAL E 125 39.79 -6.94 4.38
C VAL E 125 39.56 -5.54 3.77
N GLU E 126 40.64 -4.96 3.32
CA GLU E 126 40.62 -3.61 2.78
C GLU E 126 40.70 -3.60 1.28
N ASP E 127 40.06 -2.64 0.68
CA ASP E 127 40.34 -2.26 -0.69
C ASP E 127 41.67 -1.59 -0.94
N ILE E 128 42.05 -0.61 -0.14
CA ILE E 128 43.24 0.14 -0.37
C ILE E 128 43.82 0.71 0.89
N ILE E 129 45.13 0.71 0.96
CA ILE E 129 45.81 1.36 2.02
C ILE E 129 46.57 2.54 1.44
N ASP E 130 46.66 3.63 2.22
CA ASP E 130 47.53 4.78 1.88
C ASP E 130 47.96 5.58 3.13
N SER E 131 48.14 6.88 3.00
CA SER E 131 48.69 7.68 4.11
C SER E 131 47.63 8.07 5.09
N GLY E 132 46.36 7.89 4.72
CA GLY E 132 45.32 8.10 5.70
C GLY E 132 45.55 7.26 6.98
N LEU E 133 45.24 7.85 8.13
CA LEU E 133 45.36 7.19 9.42
C LEU E 133 44.19 6.29 9.85
N THR E 134 43.21 6.09 9.00
CA THR E 134 41.98 5.49 9.49
C THR E 134 42.19 3.98 9.75
N LEU E 135 42.98 3.30 8.94
CA LEU E 135 43.22 1.88 9.16
C LEU E 135 43.95 1.67 10.49
N LYS E 136 44.90 2.53 10.78
CA LYS E 136 45.59 2.44 12.05
C LYS E 136 44.63 2.65 13.23
N TRP E 137 43.78 3.67 13.15
CA TRP E 137 42.80 3.90 14.20
C TRP E 137 41.85 2.67 14.29
N LEU E 138 41.40 2.15 13.17
CA LEU E 138 40.49 1.02 13.22
C LEU E 138 41.14 -0.22 13.86
N LEU E 139 42.39 -0.48 13.53
CA LEU E 139 43.09 -1.63 14.06
C LEU E 139 43.20 -1.53 15.59
N SER E 140 43.55 -0.33 16.04
CA SER E 140 43.56 -0.10 17.45
C SER E 140 42.14 -0.20 18.09
N ASN E 141 41.11 0.30 17.43
CA ASN E 141 39.76 0.17 17.92
C ASN E 141 39.30 -1.32 18.02
N LEU E 142 39.63 -2.12 17.02
CA LEU E 142 39.26 -3.54 17.12
C LEU E 142 40.12 -4.28 18.19
N ARG E 143 41.40 -3.96 18.26
CA ARG E 143 42.25 -4.55 19.34
C ARG E 143 41.84 -4.16 20.76
N SER E 144 41.03 -3.13 20.92
CA SER E 144 40.47 -2.82 22.21
C SER E 144 39.27 -3.67 22.57
N ARG E 145 38.83 -4.55 21.68
CA ARG E 145 37.64 -5.34 21.94
C ARG E 145 37.90 -6.78 22.28
N GLY E 146 39.11 -7.06 22.75
CA GLY E 146 39.55 -8.38 23.20
C GLY E 146 39.75 -9.49 22.17
N PRO E 147 39.98 -9.16 20.87
CA PRO E 147 40.14 -10.30 19.96
C PRO E 147 41.45 -11.05 20.25
N LYS E 148 41.54 -12.31 19.83
CA LYS E 148 42.79 -13.04 19.90
C LYS E 148 43.86 -12.47 18.98
N SER E 149 43.51 -12.08 17.75
CA SER E 149 44.45 -11.38 16.89
C SER E 149 43.66 -10.62 15.80
N VAL E 150 44.30 -9.56 15.28
CA VAL E 150 43.68 -8.74 14.23
C VAL E 150 44.79 -8.61 13.27
N GLU E 151 44.55 -9.03 12.02
CA GLU E 151 45.48 -8.82 10.92
C GLU E 151 44.75 -8.11 9.77
N VAL E 152 45.50 -7.72 8.73
CA VAL E 152 44.90 -7.02 7.60
C VAL E 152 45.28 -7.71 6.30
N ALA E 153 44.31 -7.81 5.42
CA ALA E 153 44.50 -8.17 4.02
C ALA E 153 43.99 -7.03 3.20
N ALA E 154 44.85 -6.51 2.32
CA ALA E 154 44.47 -5.39 1.47
C ALA E 154 44.64 -5.72 0.02
N LEU E 155 43.68 -5.37 -0.81
CA LEU E 155 43.87 -5.57 -2.21
C LEU E 155 45.03 -4.68 -2.77
N LEU E 156 44.98 -3.38 -2.47
CA LEU E 156 45.88 -2.37 -3.05
C LEU E 156 46.63 -1.57 -2.00
N ARG E 157 47.87 -1.29 -2.30
CA ARG E 157 48.64 -0.42 -1.47
C ARG E 157 49.40 0.61 -2.26
N LYS E 158 49.30 1.88 -1.85
CA LYS E 158 49.96 2.98 -2.57
C LYS E 158 51.28 3.30 -1.88
N PRO E 159 52.20 4.05 -2.56
CA PRO E 159 53.51 4.44 -2.02
C PRO E 159 53.41 5.19 -0.74
N ASP E 160 52.46 6.13 -0.63
CA ASP E 160 52.34 6.91 0.61
C ASP E 160 51.79 6.11 1.86
N ALA E 161 51.40 4.86 1.67
CA ALA E 161 51.18 3.97 2.83
C ALA E 161 52.44 3.78 3.73
N ALA E 162 53.65 3.88 3.18
CA ALA E 162 54.93 3.82 3.96
C ALA E 162 55.03 4.88 5.10
N ARG E 163 54.25 5.96 5.00
CA ARG E 163 54.25 7.03 5.99
C ARG E 163 53.49 6.66 7.29
N VAL E 164 52.65 5.62 7.23
CA VAL E 164 51.96 5.11 8.42
C VAL E 164 52.57 3.78 8.79
N ASP E 165 52.90 3.59 10.05
CA ASP E 165 53.54 2.34 10.47
C ASP E 165 52.48 1.26 10.69
N ILE E 166 52.06 0.61 9.58
CA ILE E 166 51.12 -0.51 9.60
C ILE E 166 51.63 -1.84 9.06
N ASP E 167 51.56 -2.86 9.90
CA ASP E 167 51.94 -4.21 9.54
C ASP E 167 50.74 -4.92 8.86
N VAL E 168 50.82 -5.07 7.54
CA VAL E 168 49.79 -5.62 6.71
C VAL E 168 50.23 -6.96 6.18
N LYS E 169 49.61 -8.02 6.69
CA LYS E 169 50.10 -9.38 6.47
C LYS E 169 49.82 -9.89 5.06
N TYR E 170 48.72 -9.45 4.43
CA TYR E 170 48.41 -9.88 3.07
C TYR E 170 48.13 -8.70 2.13
N ILE E 171 48.92 -8.57 1.07
CA ILE E 171 48.83 -7.47 0.14
C ILE E 171 48.64 -8.03 -1.24
N GLY E 172 47.63 -7.55 -1.95
CA GLY E 172 47.38 -7.94 -3.32
C GLY E 172 48.45 -7.38 -4.21
N PHE E 173 48.48 -6.05 -4.32
CA PHE E 173 49.29 -5.33 -5.28
C PHE E 173 49.78 -4.02 -4.65
N ASP E 174 51.06 -3.70 -4.82
CA ASP E 174 51.58 -2.34 -4.63
C ASP E 174 51.37 -1.55 -5.94
N ILE E 175 50.73 -0.40 -5.85
CA ILE E 175 50.33 0.32 -7.06
C ILE E 175 51.00 1.67 -6.96
N PRO E 176 51.18 2.34 -8.09
CA PRO E 176 51.53 3.77 -8.03
C PRO E 176 50.48 4.70 -7.38
N SER E 177 50.87 5.95 -7.12
CA SER E 177 49.94 6.97 -6.61
C SER E 177 49.06 7.54 -7.75
N GLU E 178 47.95 6.88 -8.01
CA GLU E 178 47.01 7.30 -9.04
C GLU E 178 45.67 7.26 -8.38
N PHE E 179 44.74 8.09 -8.86
CA PHE E 179 43.40 7.97 -8.37
C PHE E 179 42.79 6.77 -9.08
N VAL E 180 42.47 5.73 -8.32
CA VAL E 180 41.98 4.50 -8.87
C VAL E 180 40.49 4.43 -8.74
N ILE E 181 39.86 3.73 -9.69
CA ILE E 181 38.44 3.44 -9.64
C ILE E 181 38.18 2.02 -10.05
N GLY E 182 36.95 1.60 -9.84
CA GLY E 182 36.52 0.19 -10.11
C GLY E 182 36.70 -0.78 -8.94
N TYR E 183 36.16 -2.00 -9.12
CA TYR E 183 36.31 -3.08 -8.20
C TYR E 183 35.95 -2.55 -6.82
N GLY E 184 34.87 -1.84 -6.78
CA GLY E 184 34.27 -1.38 -5.54
C GLY E 184 34.74 0.00 -5.11
N LEU E 185 35.79 0.53 -5.72
CA LEU E 185 36.25 1.87 -5.49
C LEU E 185 35.51 2.89 -6.40
N ASP E 186 35.12 3.98 -5.79
CA ASP E 186 34.37 5.01 -6.57
C ASP E 186 35.12 6.35 -6.87
N TYR E 187 34.57 7.07 -7.83
CA TYR E 187 34.73 8.49 -7.88
C TYR E 187 33.34 9.10 -7.88
N ALA E 188 33.06 9.92 -6.85
CA ALA E 188 31.76 10.52 -6.64
C ALA E 188 30.66 9.47 -6.80
N GLU E 189 30.84 8.31 -6.14
CA GLU E 189 29.88 7.20 -6.15
C GLU E 189 29.79 6.37 -7.44
N ASN E 190 30.49 6.77 -8.50
CA ASN E 190 30.42 6.10 -9.76
C ASN E 190 31.58 5.11 -9.86
N TYR E 191 31.42 4.17 -10.78
CA TYR E 191 32.46 3.23 -11.24
C TYR E 191 32.78 2.10 -10.28
N ARG E 192 32.03 1.96 -9.19
CA ARG E 192 32.27 0.86 -8.32
C ARG E 192 32.04 -0.50 -8.99
N ASN E 193 31.19 -0.54 -10.03
CA ASN E 193 30.87 -1.81 -10.66
C ASN E 193 31.76 -2.19 -11.84
N LEU E 194 32.82 -1.47 -12.08
CA LEU E 194 33.84 -1.96 -13.00
C LEU E 194 34.48 -3.22 -12.45
N PRO E 195 34.68 -4.24 -13.28
CA PRO E 195 35.29 -5.47 -12.80
C PRO E 195 36.83 -5.49 -12.70
N TYR E 196 37.44 -4.37 -13.02
CA TYR E 196 38.81 -4.17 -13.01
C TYR E 196 39.09 -2.91 -12.20
N VAL E 197 40.38 -2.66 -11.97
CA VAL E 197 40.77 -1.45 -11.34
C VAL E 197 41.35 -0.61 -12.44
N GLY E 198 40.77 0.58 -12.56
CA GLY E 198 41.27 1.58 -13.50
C GLY E 198 41.78 2.85 -12.90
N VAL E 199 42.44 3.64 -13.75
CA VAL E 199 42.91 4.95 -13.36
C VAL E 199 41.91 5.97 -13.87
N LEU E 200 41.42 6.82 -13.01
CA LEU E 200 40.47 7.84 -13.46
C LEU E 200 41.23 8.87 -14.38
N SER E 201 40.93 9.22 -15.64
CA SER E 201 41.76 10.41 -16.14
C SER E 201 41.14 11.80 -15.94
N ARG E 202 42.01 12.79 -15.69
CA ARG E 202 41.71 14.22 -15.74
C ARG E 202 42.11 14.91 -17.02
N SER E 203 42.70 14.20 -17.98
CA SER E 203 43.29 14.80 -19.12
C SER E 203 42.24 15.08 -20.15
N VAL E 204 42.47 16.03 -21.02
CA VAL E 204 41.55 16.27 -22.14
C VAL E 204 41.89 15.29 -23.27
N TYR E 205 40.92 14.50 -23.67
CA TYR E 205 41.11 13.65 -24.82
C TYR E 205 41.10 14.47 -26.08
N GLU E 206 42.06 14.19 -26.98
CA GLU E 206 42.17 14.88 -28.21
C GLU E 206 42.18 13.78 -29.22
N ASP E 207 41.58 14.07 -30.36
CA ASP E 207 41.41 13.05 -31.41
C ASP E 207 42.64 13.04 -32.34
N VAL F 24 -0.22 31.65 -28.60
CA VAL F 24 0.04 31.00 -29.92
C VAL F 24 0.46 32.06 -30.97
N PRO F 25 1.63 31.91 -31.58
CA PRO F 25 2.06 32.85 -32.58
C PRO F 25 1.14 32.93 -33.79
N GLN F 26 1.07 34.12 -34.32
CA GLN F 26 0.17 34.45 -35.43
C GLN F 26 0.58 33.76 -36.75
N THR F 27 1.87 33.48 -36.93
CA THR F 27 2.35 32.68 -38.09
C THR F 27 1.93 31.19 -38.01
N HIS F 28 1.45 30.70 -36.89
CA HIS F 28 1.14 29.25 -36.77
C HIS F 28 -0.16 28.99 -37.57
N PRO F 29 -0.16 28.03 -38.52
CA PRO F 29 -1.37 27.74 -39.34
C PRO F 29 -2.41 26.86 -38.60
N HIS F 30 -3.39 27.49 -38.00
CA HIS F 30 -4.42 26.84 -37.19
C HIS F 30 -5.57 27.81 -37.22
N PRO F 31 -6.82 27.33 -37.14
CA PRO F 31 -7.90 28.32 -37.08
C PRO F 31 -7.84 29.25 -35.83
N ASP F 32 -8.22 30.50 -35.99
CA ASP F 32 -8.26 31.42 -34.87
C ASP F 32 -9.47 31.20 -33.90
N VAL F 33 -10.53 30.59 -34.39
CA VAL F 33 -11.72 30.35 -33.56
C VAL F 33 -12.39 29.07 -33.98
N ASP F 34 -12.83 28.28 -32.99
CA ASP F 34 -13.65 27.08 -33.25
C ASP F 34 -15.08 27.50 -33.41
N ARG F 35 -15.83 26.93 -34.37
CA ARG F 35 -17.23 27.37 -34.62
C ARG F 35 -18.14 27.01 -33.43
N VAL F 36 -18.53 28.04 -32.71
CA VAL F 36 -19.41 27.93 -31.57
C VAL F 36 -20.85 27.99 -32.02
N LEU F 37 -21.65 26.99 -31.67
CA LEU F 37 -23.07 26.98 -32.01
C LEU F 37 -23.87 27.67 -30.90
N LEU F 38 -23.59 27.30 -29.65
CA LEU F 38 -24.29 27.91 -28.51
C LEU F 38 -23.26 28.23 -27.51
N ASP F 39 -23.19 29.47 -27.10
CA ASP F 39 -22.19 29.85 -26.17
C ASP F 39 -22.62 29.66 -24.77
N GLU F 40 -21.68 29.79 -23.87
CA GLU F 40 -21.91 29.53 -22.45
C GLU F 40 -23.06 30.31 -21.86
N GLN F 41 -23.15 31.58 -22.21
CA GLN F 41 -24.20 32.44 -21.71
C GLN F 41 -25.57 32.06 -22.28
N GLN F 42 -25.64 31.75 -23.58
CA GLN F 42 -26.87 31.31 -24.15
C GLN F 42 -27.41 30.04 -23.49
N ILE F 43 -26.54 29.09 -23.17
CA ILE F 43 -26.96 27.88 -22.47
C ILE F 43 -27.45 28.21 -21.09
N ARG F 44 -26.70 29.01 -20.36
CA ARG F 44 -27.09 29.38 -19.02
C ARG F 44 -28.44 30.14 -19.00
N ASP F 45 -28.63 31.12 -19.89
CA ASP F 45 -29.92 31.83 -19.95
C ASP F 45 -31.08 30.88 -20.27
N ARG F 46 -30.87 30.01 -21.26
CA ARG F 46 -31.97 29.07 -21.60
C ARG F 46 -32.27 28.03 -20.49
N LEU F 47 -31.24 27.52 -19.81
CA LEU F 47 -31.49 26.61 -18.71
C LEU F 47 -32.17 27.31 -17.52
N ALA F 48 -31.93 28.60 -17.35
CA ALA F 48 -32.59 29.34 -16.30
C ALA F 48 -34.10 29.37 -16.57
N GLU F 49 -34.48 29.64 -17.83
CA GLU F 49 -35.88 29.62 -18.22
C GLU F 49 -36.48 28.24 -18.10
N LEU F 50 -35.75 27.20 -18.54
CA LEU F 50 -36.29 25.83 -18.37
C LEU F 50 -36.47 25.45 -16.92
N GLY F 51 -35.52 25.85 -16.10
CA GLY F 51 -35.59 25.58 -14.68
C GLY F 51 -36.79 26.17 -14.00
N GLU F 52 -37.14 27.37 -14.41
CA GLU F 52 -38.22 28.09 -13.82
C GLU F 52 -39.55 27.44 -14.25
N GLN F 53 -39.64 27.09 -15.52
CA GLN F 53 -40.83 26.46 -16.03
C GLN F 53 -41.02 25.07 -15.38
N ILE F 54 -39.95 24.31 -15.22
CA ILE F 54 -39.99 22.99 -14.56
C ILE F 54 -40.40 23.15 -13.10
N ALA F 55 -39.92 24.19 -12.43
CA ALA F 55 -40.25 24.33 -11.03
C ALA F 55 -41.74 24.60 -10.87
N ALA F 56 -42.32 25.41 -11.76
CA ALA F 56 -43.71 25.69 -11.67
C ALA F 56 -44.53 24.44 -11.99
N ASP F 57 -44.18 23.70 -13.04
CA ASP F 57 -44.97 22.55 -13.41
C ASP F 57 -44.93 21.45 -12.37
N TYR F 58 -43.87 21.36 -11.60
CA TYR F 58 -43.73 20.25 -10.64
C TYR F 58 -43.82 20.71 -9.18
N ALA F 59 -44.42 21.88 -8.96
CA ALA F 59 -44.45 22.51 -7.63
C ALA F 59 -45.02 21.58 -6.55
N GLU F 60 -45.97 20.73 -6.92
CA GLU F 60 -46.64 19.91 -5.94
C GLU F 60 -45.91 18.63 -5.63
N GLU F 61 -45.02 18.22 -6.51
CA GLU F 61 -44.45 16.91 -6.44
C GLU F 61 -43.14 16.85 -7.25
N PRO F 62 -42.02 17.11 -6.58
CA PRO F 62 -40.80 17.37 -7.35
C PRO F 62 -40.33 16.08 -8.04
N PRO F 63 -39.70 16.19 -9.22
CA PRO F 63 -39.30 15.05 -9.96
C PRO F 63 -38.02 14.44 -9.46
N VAL F 64 -37.85 13.18 -9.80
CA VAL F 64 -36.57 12.54 -9.86
C VAL F 64 -35.98 12.85 -11.24
N LEU F 65 -34.87 13.59 -11.27
CA LEU F 65 -34.17 13.86 -12.48
C LEU F 65 -33.34 12.64 -12.79
N VAL F 66 -33.52 12.12 -14.00
CA VAL F 66 -32.74 10.99 -14.43
C VAL F 66 -31.85 11.35 -15.58
N GLY F 67 -30.58 11.02 -15.42
CA GLY F 67 -29.64 11.27 -16.48
C GLY F 67 -28.93 10.02 -16.93
N VAL F 68 -28.69 9.95 -18.25
CA VAL F 68 -27.94 8.86 -18.82
C VAL F 68 -26.50 9.35 -19.05
N LEU F 69 -25.56 8.69 -18.40
CA LEU F 69 -24.17 8.99 -18.52
C LEU F 69 -23.66 8.69 -19.90
N ARG F 70 -22.67 9.41 -20.41
CA ARG F 70 -21.96 10.51 -19.79
C ARG F 70 -22.42 11.84 -20.32
N GLY F 71 -23.15 11.81 -21.44
CA GLY F 71 -23.58 13.01 -22.12
C GLY F 71 -24.36 14.02 -21.26
N ALA F 72 -25.09 13.50 -20.30
CA ALA F 72 -26.06 14.31 -19.50
C ALA F 72 -25.41 15.01 -18.37
N VAL F 73 -24.14 14.78 -18.14
CA VAL F 73 -23.52 15.35 -16.93
C VAL F 73 -23.65 16.88 -16.77
N MSE F 74 -23.25 17.65 -17.76
CA MSE F 74 -23.25 19.11 -17.65
C MSE F 74 -24.70 19.65 -17.61
O MSE F 74 -25.03 20.40 -16.71
CB MSE F 74 -22.62 19.82 -18.85
CG MSE F 74 -21.24 19.50 -19.28
SE MSE F 74 -20.14 19.31 -17.72
CE MSE F 74 -18.40 18.74 -18.44
N VAL F 75 -25.55 19.23 -18.57
CA VAL F 75 -26.95 19.69 -18.53
C VAL F 75 -27.66 19.31 -17.22
N MSE F 76 -27.45 18.12 -16.70
CA MSE F 76 -27.99 17.77 -15.42
C MSE F 76 -27.45 18.54 -14.26
O MSE F 76 -28.23 19.01 -13.49
CB MSE F 76 -27.67 16.34 -15.03
CG MSE F 76 -28.53 15.27 -15.67
SE MSE F 76 -30.08 14.67 -14.68
CE MSE F 76 -29.27 13.62 -13.28
N ALA F 77 -26.16 18.72 -14.13
CA ALA F 77 -25.59 19.53 -13.02
C ALA F 77 -26.19 20.95 -13.09
N ASP F 78 -26.31 21.50 -14.27
CA ASP F 78 -26.66 22.89 -14.41
C ASP F 78 -28.16 23.09 -14.26
N LEU F 79 -28.94 22.25 -14.92
CA LEU F 79 -30.38 22.41 -14.91
C LEU F 79 -30.90 22.18 -13.52
N ALA F 80 -30.32 21.21 -12.82
CA ALA F 80 -30.79 20.89 -11.50
C ALA F 80 -30.71 22.12 -10.64
N ARG F 81 -29.59 22.81 -10.75
CA ARG F 81 -29.34 23.99 -9.96
C ARG F 81 -30.26 25.19 -10.35
N GLN F 82 -30.94 25.13 -11.49
CA GLN F 82 -31.90 26.12 -11.87
C GLN F 82 -33.33 25.74 -11.53
N ILE F 83 -33.55 24.61 -10.86
CA ILE F 83 -34.84 24.17 -10.49
C ILE F 83 -34.97 24.35 -9.00
N ASP F 84 -35.80 25.29 -8.59
CA ASP F 84 -35.96 25.61 -7.17
C ASP F 84 -37.07 24.70 -6.55
N LEU F 85 -36.78 23.42 -6.44
CA LEU F 85 -37.61 22.43 -5.79
C LEU F 85 -36.68 21.39 -5.17
N LYS F 86 -37.24 20.57 -4.27
CA LYS F 86 -36.46 19.46 -3.73
C LYS F 86 -36.43 18.26 -4.69
N VAL F 87 -35.70 18.43 -5.77
CA VAL F 87 -35.54 17.32 -6.71
C VAL F 87 -34.62 16.28 -6.15
N GLU F 88 -34.68 15.08 -6.71
CA GLU F 88 -33.70 14.10 -6.50
C GLU F 88 -33.00 13.90 -7.82
N MSE F 89 -31.90 13.20 -7.78
CA MSE F 89 -31.19 12.92 -9.00
C MSE F 89 -30.82 11.48 -9.02
O MSE F 89 -30.28 10.94 -7.98
CB MSE F 89 -29.89 13.75 -9.03
CG MSE F 89 -30.19 15.28 -8.87
SE MSE F 89 -28.54 16.36 -9.17
CE MSE F 89 -28.02 16.13 -7.38
N ASP F 90 -30.92 10.86 -10.17
CA ASP F 90 -30.50 9.44 -10.28
C ASP F 90 -29.85 9.27 -11.68
N TRP F 91 -29.06 8.22 -11.85
CA TRP F 91 -28.31 8.01 -13.05
C TRP F 91 -28.38 6.61 -13.62
N MSE F 92 -28.26 6.54 -14.96
CA MSE F 92 -28.09 5.28 -15.64
C MSE F 92 -26.86 5.30 -16.46
O MSE F 92 -26.41 6.35 -16.92
CB MSE F 92 -29.28 4.92 -16.55
CG MSE F 92 -30.51 4.86 -15.62
SE MSE F 92 -32.08 4.57 -16.84
CE MSE F 92 -31.58 2.76 -17.40
N ALA F 93 -26.28 4.10 -16.66
CA ALA F 93 -25.26 3.94 -17.67
C ALA F 93 -25.64 2.84 -18.65
N VAL F 94 -25.35 3.04 -19.94
CA VAL F 94 -25.88 2.16 -20.94
C VAL F 94 -24.80 1.92 -21.95
N SER F 95 -24.95 0.83 -22.69
CA SER F 95 -24.04 0.52 -23.81
C SER F 95 -24.90 -0.10 -24.93
N SER F 96 -24.33 -0.25 -26.10
CA SER F 96 -25.04 -0.69 -27.30
C SER F 96 -25.14 -2.18 -27.34
N TYR F 97 -26.25 -2.69 -27.87
CA TYR F 97 -26.34 -4.06 -28.25
C TYR F 97 -26.16 -4.19 -29.80
N GLY F 98 -25.48 -3.25 -30.42
CA GLY F 98 -25.12 -3.38 -31.85
C GLY F 98 -26.35 -3.17 -32.70
N SER F 99 -26.59 -4.11 -33.60
CA SER F 99 -27.67 -3.93 -34.57
C SER F 99 -29.08 -3.78 -33.86
N GLY F 100 -29.25 -4.42 -32.71
CA GLY F 100 -30.48 -4.33 -31.95
C GLY F 100 -30.81 -2.91 -31.49
N THR F 101 -29.78 -2.19 -31.10
CA THR F 101 -29.95 -0.83 -30.67
C THR F 101 -30.44 0.09 -31.81
N LYS F 102 -29.90 -0.09 -32.99
CA LYS F 102 -30.36 0.67 -34.15
C LYS F 102 -31.83 0.32 -34.54
N SER F 103 -32.25 -0.92 -34.45
CA SER F 103 -33.58 -1.26 -34.89
C SER F 103 -34.69 -1.12 -33.83
N SER F 104 -34.43 -1.28 -32.52
CA SER F 104 -35.49 -1.04 -31.51
C SER F 104 -35.16 0.01 -30.43
N GLY F 105 -33.93 0.49 -30.39
CA GLY F 105 -33.52 1.44 -29.38
C GLY F 105 -33.05 0.73 -28.13
N VAL F 106 -33.18 -0.59 -28.08
CA VAL F 106 -32.79 -1.32 -26.86
C VAL F 106 -31.30 -1.10 -26.58
N VAL F 107 -30.99 -0.86 -25.31
CA VAL F 107 -29.58 -0.71 -24.88
C VAL F 107 -29.34 -1.63 -23.68
N ARG F 108 -28.09 -1.95 -23.47
CA ARG F 108 -27.66 -2.75 -22.35
C ARG F 108 -27.57 -1.81 -21.16
N ILE F 109 -28.21 -2.17 -20.07
CA ILE F 109 -28.09 -1.40 -18.81
C ILE F 109 -26.88 -1.82 -18.03
N LEU F 110 -25.89 -0.93 -17.97
CA LEU F 110 -24.65 -1.19 -17.26
C LEU F 110 -24.77 -0.72 -15.84
N LYS F 111 -25.51 0.34 -15.63
CA LYS F 111 -25.89 0.70 -14.32
C LYS F 111 -27.29 1.15 -14.34
N ASP F 112 -28.11 0.49 -13.56
CA ASP F 112 -29.51 0.84 -13.55
C ASP F 112 -29.74 1.95 -12.49
N LEU F 113 -30.92 2.52 -12.51
CA LEU F 113 -31.37 3.43 -11.45
C LEU F 113 -31.07 2.77 -10.11
N SER F 114 -30.60 3.56 -9.19
CA SER F 114 -30.60 3.08 -7.82
C SER F 114 -31.95 3.07 -7.15
N GLY F 115 -32.84 3.99 -7.48
CA GLY F 115 -34.13 4.19 -6.73
C GLY F 115 -35.37 3.70 -7.48
N ASP F 116 -36.31 3.18 -6.72
CA ASP F 116 -37.68 2.83 -7.20
C ASP F 116 -38.33 4.09 -7.66
N ILE F 117 -38.93 4.09 -8.84
CA ILE F 117 -39.61 5.25 -9.30
C ILE F 117 -41.14 5.06 -9.25
N THR F 118 -41.60 3.98 -8.65
CA THR F 118 -43.03 3.73 -8.46
C THR F 118 -43.74 4.93 -7.88
N ASP F 119 -44.72 5.40 -8.59
CA ASP F 119 -45.57 6.56 -8.19
C ASP F 119 -44.79 7.86 -8.09
N ARG F 120 -43.62 7.94 -8.73
CA ARG F 120 -42.83 9.18 -8.71
C ARG F 120 -42.96 9.87 -10.02
N ASN F 121 -42.77 11.18 -10.02
CA ASN F 121 -42.60 11.92 -11.25
C ASN F 121 -41.15 11.87 -11.63
N VAL F 122 -40.87 11.60 -12.88
CA VAL F 122 -39.52 11.36 -13.38
C VAL F 122 -39.35 12.27 -14.55
N LEU F 123 -38.21 12.91 -14.55
CA LEU F 123 -37.83 13.76 -15.64
C LEU F 123 -36.48 13.26 -16.13
N ILE F 124 -36.49 12.74 -17.31
CA ILE F 124 -35.25 12.39 -18.02
C ILE F 124 -34.63 13.67 -18.55
N VAL F 125 -33.38 13.89 -18.23
CA VAL F 125 -32.67 15.08 -18.70
C VAL F 125 -31.61 14.61 -19.74
N GLU F 126 -31.84 15.02 -20.97
CA GLU F 126 -31.03 14.62 -22.08
C GLU F 126 -30.13 15.73 -22.55
N ASP F 127 -28.96 15.36 -23.03
CA ASP F 127 -28.17 16.21 -23.87
C ASP F 127 -28.68 16.47 -25.26
N ILE F 128 -29.05 15.45 -26.01
CA ILE F 128 -29.56 15.63 -27.34
C ILE F 128 -30.60 14.64 -27.67
N ILE F 129 -31.50 15.02 -28.54
CA ILE F 129 -32.39 14.13 -29.16
C ILE F 129 -32.18 14.14 -30.67
N ASP F 130 -32.33 12.97 -31.31
CA ASP F 130 -32.28 12.85 -32.76
C ASP F 130 -33.04 11.61 -33.22
N SER F 131 -32.50 10.99 -34.23
CA SER F 131 -33.28 10.02 -34.91
C SER F 131 -33.08 8.61 -34.37
N GLY F 132 -32.13 8.49 -33.50
CA GLY F 132 -31.98 7.31 -32.72
C GLY F 132 -33.23 6.97 -31.89
N LEU F 133 -33.50 5.66 -31.78
CA LEU F 133 -34.64 5.14 -31.04
C LEU F 133 -34.42 4.94 -29.51
N THR F 134 -33.28 5.30 -28.97
CA THR F 134 -32.94 4.87 -27.61
C THR F 134 -33.76 5.63 -26.56
N LEU F 135 -34.04 6.92 -26.81
CA LEU F 135 -34.89 7.65 -25.92
C LEU F 135 -36.31 7.05 -25.89
N LYS F 136 -36.87 6.70 -27.02
CA LYS F 136 -38.18 6.08 -27.06
C LYS F 136 -38.23 4.76 -26.32
N TRP F 137 -37.23 3.92 -26.53
CA TRP F 137 -37.08 2.69 -25.72
C TRP F 137 -36.87 2.97 -24.21
N LEU F 138 -36.02 3.90 -23.84
CA LEU F 138 -35.84 4.22 -22.47
C LEU F 138 -37.13 4.77 -21.80
N LEU F 139 -37.89 5.62 -22.51
CA LEU F 139 -39.12 6.14 -22.01
C LEU F 139 -40.10 4.99 -21.73
N SER F 140 -40.21 4.08 -22.69
CA SER F 140 -41.05 2.91 -22.48
C SER F 140 -40.53 2.00 -21.36
N ASN F 141 -39.22 1.85 -21.23
CA ASN F 141 -38.66 1.06 -20.10
C ASN F 141 -38.99 1.70 -18.75
N LEU F 142 -38.84 3.01 -18.61
CA LEU F 142 -39.14 3.63 -17.31
C LEU F 142 -40.64 3.60 -17.04
N ARG F 143 -41.45 3.76 -18.06
CA ARG F 143 -42.89 3.69 -17.89
C ARG F 143 -43.37 2.32 -17.45
N SER F 144 -42.58 1.28 -17.69
CA SER F 144 -42.91 -0.04 -17.20
C SER F 144 -42.57 -0.25 -15.74
N ARG F 145 -42.01 0.75 -15.04
CA ARG F 145 -41.66 0.59 -13.64
C ARG F 145 -42.60 1.24 -12.65
N GLY F 146 -43.83 1.52 -13.10
CA GLY F 146 -44.88 2.17 -12.31
C GLY F 146 -44.74 3.66 -11.90
N PRO F 147 -43.98 4.50 -12.65
CA PRO F 147 -43.92 5.91 -12.19
C PRO F 147 -45.25 6.58 -12.43
N LYS F 148 -45.49 7.66 -11.73
CA LYS F 148 -46.67 8.48 -11.95
C LYS F 148 -46.60 9.14 -13.30
N SER F 149 -45.44 9.67 -13.70
CA SER F 149 -45.30 10.24 -15.01
C SER F 149 -43.81 10.24 -15.34
N VAL F 150 -43.52 10.21 -16.63
CA VAL F 150 -42.16 10.35 -17.14
C VAL F 150 -42.24 11.37 -18.24
N GLU F 151 -41.46 12.45 -18.12
CA GLU F 151 -41.36 13.44 -19.19
C GLU F 151 -39.88 13.58 -19.55
N VAL F 152 -39.61 14.40 -20.54
CA VAL F 152 -38.26 14.66 -20.98
C VAL F 152 -37.93 16.13 -21.08
N ALA F 153 -36.74 16.48 -20.63
CA ALA F 153 -36.10 17.74 -20.89
C ALA F 153 -34.84 17.50 -21.64
N ALA F 154 -34.69 18.14 -22.79
CA ALA F 154 -33.48 17.97 -23.61
C ALA F 154 -32.81 19.30 -23.90
N LEU F 155 -31.48 19.34 -23.84
CA LEU F 155 -30.81 20.55 -24.16
C LEU F 155 -30.91 20.87 -25.68
N LEU F 156 -30.65 19.88 -26.50
CA LEU F 156 -30.57 20.02 -27.92
C LEU F 156 -31.45 19.08 -28.68
N ARG F 157 -32.03 19.58 -29.76
CA ARG F 157 -32.82 18.71 -30.66
C ARG F 157 -32.50 18.97 -32.12
N LYS F 158 -32.15 17.89 -32.82
CA LYS F 158 -31.78 18.00 -34.23
C LYS F 158 -33.01 17.80 -35.10
N PRO F 159 -32.93 18.20 -36.39
CA PRO F 159 -34.07 18.04 -37.37
C PRO F 159 -34.53 16.64 -37.52
N ASP F 160 -33.61 15.67 -37.57
CA ASP F 160 -34.03 14.26 -37.73
C ASP F 160 -34.73 13.63 -36.47
N ALA F 161 -34.80 14.36 -35.35
CA ALA F 161 -35.68 13.94 -34.25
C ALA F 161 -37.17 13.86 -34.63
N ALA F 162 -37.62 14.67 -35.60
CA ALA F 162 -39.02 14.64 -36.12
C ALA F 162 -39.49 13.24 -36.64
N ARG F 163 -38.53 12.40 -37.04
CA ARG F 163 -38.87 11.07 -37.53
C ARG F 163 -39.54 10.22 -36.46
N VAL F 164 -39.06 10.34 -35.23
CA VAL F 164 -39.47 9.50 -34.14
C VAL F 164 -40.52 10.23 -33.34
N ASP F 165 -41.63 9.56 -33.12
CA ASP F 165 -42.78 10.20 -32.49
C ASP F 165 -42.63 10.16 -30.98
N ILE F 166 -41.92 11.13 -30.42
CA ILE F 166 -41.98 11.34 -28.98
C ILE F 166 -42.13 12.78 -28.50
N ASP F 167 -42.98 12.89 -27.50
CA ASP F 167 -43.33 14.15 -26.94
C ASP F 167 -42.25 14.54 -25.93
N VAL F 168 -41.51 15.59 -26.25
CA VAL F 168 -40.53 16.18 -25.38
C VAL F 168 -41.01 17.52 -24.82
N LYS F 169 -41.26 17.57 -23.52
CA LYS F 169 -41.94 18.69 -22.90
C LYS F 169 -41.05 19.93 -22.76
N TYR F 170 -39.74 19.73 -22.54
CA TYR F 170 -38.84 20.88 -22.40
C TYR F 170 -37.64 20.76 -23.35
N ILE F 171 -37.46 21.76 -24.23
CA ILE F 171 -36.43 21.77 -25.24
C ILE F 171 -35.64 23.03 -25.11
N GLY F 172 -34.34 22.90 -24.96
CA GLY F 172 -33.45 24.02 -24.92
C GLY F 172 -33.42 24.70 -26.25
N PHE F 173 -32.93 24.00 -27.26
CA PHE F 173 -32.61 24.61 -28.57
C PHE F 173 -32.87 23.57 -29.65
N ASP F 174 -33.55 23.97 -30.72
CA ASP F 174 -33.56 23.24 -31.97
C ASP F 174 -32.31 23.67 -32.74
N ILE F 175 -31.50 22.71 -33.16
CA ILE F 175 -30.20 23.03 -33.78
C ILE F 175 -30.25 22.41 -35.16
N PRO F 176 -29.45 22.92 -36.09
CA PRO F 176 -29.19 22.14 -37.29
C PRO F 176 -28.52 20.73 -37.15
N SER F 177 -28.49 19.98 -38.25
CA SER F 177 -27.83 18.68 -38.25
C SER F 177 -26.31 18.85 -38.42
N GLU F 178 -25.61 19.01 -37.30
CA GLU F 178 -24.17 19.16 -37.30
C GLU F 178 -23.66 18.22 -36.25
N PHE F 179 -22.41 17.74 -36.42
CA PHE F 179 -21.86 16.97 -35.37
C PHE F 179 -21.48 18.01 -34.33
N VAL F 180 -22.13 17.96 -33.19
CA VAL F 180 -21.85 18.87 -32.10
C VAL F 180 -20.96 18.28 -31.01
N ILE F 181 -20.19 19.15 -30.37
CA ILE F 181 -19.33 18.72 -29.23
C ILE F 181 -19.38 19.74 -28.15
N GLY F 182 -18.84 19.37 -26.98
CA GLY F 182 -18.85 20.29 -25.82
C GLY F 182 -20.03 20.06 -24.89
N TYR F 183 -19.94 20.66 -23.72
CA TYR F 183 -21.07 20.73 -22.75
C TYR F 183 -21.51 19.31 -22.50
N GLY F 184 -20.50 18.48 -22.34
CA GLY F 184 -20.68 17.07 -21.99
C GLY F 184 -20.77 16.12 -23.14
N LEU F 185 -20.95 16.64 -24.37
CA LEU F 185 -20.98 15.86 -25.57
C LEU F 185 -19.50 15.66 -26.11
N ASP F 186 -19.21 14.43 -26.48
CA ASP F 186 -17.83 14.10 -26.97
C ASP F 186 -17.68 13.78 -28.46
N TYR F 187 -16.44 13.83 -28.90
CA TYR F 187 -16.01 13.13 -30.05
C TYR F 187 -14.83 12.28 -29.63
N ALA F 188 -14.98 10.95 -29.76
CA ALA F 188 -13.99 9.97 -29.35
C ALA F 188 -13.51 10.31 -27.93
N GLU F 189 -14.46 10.57 -27.02
CA GLU F 189 -14.21 10.91 -25.60
C GLU F 189 -13.67 12.31 -25.28
N ASN F 190 -13.32 13.07 -26.31
CA ASN F 190 -12.72 14.38 -26.11
C ASN F 190 -13.84 15.45 -26.14
N TYR F 191 -13.47 16.61 -25.64
CA TYR F 191 -14.23 17.89 -25.75
C TYR F 191 -15.42 17.98 -24.86
N ARG F 192 -15.63 17.03 -23.97
CA ARG F 192 -16.78 17.08 -23.10
C ARG F 192 -16.70 18.25 -22.17
N ASN F 193 -15.48 18.72 -21.87
CA ASN F 193 -15.37 19.85 -20.90
C ASN F 193 -15.38 21.24 -21.52
N LEU F 194 -15.70 21.37 -22.80
CA LEU F 194 -15.95 22.70 -23.36
C LEU F 194 -17.19 23.27 -22.73
N PRO F 195 -17.19 24.58 -22.39
CA PRO F 195 -18.31 25.16 -21.71
C PRO F 195 -19.45 25.59 -22.63
N TYR F 196 -19.26 25.36 -23.91
CA TYR F 196 -20.13 25.77 -24.95
C TYR F 196 -20.37 24.59 -25.82
N VAL F 197 -21.32 24.71 -26.73
CA VAL F 197 -21.56 23.68 -27.69
C VAL F 197 -20.99 24.15 -28.99
N GLY F 198 -20.07 23.34 -29.53
CA GLY F 198 -19.41 23.66 -30.79
C GLY F 198 -19.67 22.64 -31.85
N VAL F 199 -19.36 23.05 -33.07
CA VAL F 199 -19.47 22.16 -34.23
C VAL F 199 -18.08 21.58 -34.49
N LEU F 200 -17.99 20.28 -34.53
CA LEU F 200 -16.70 19.66 -34.77
C LEU F 200 -16.31 19.96 -36.25
N SER F 201 -15.12 20.47 -36.51
CA SER F 201 -14.77 20.69 -37.89
C SER F 201 -14.09 19.46 -38.44
N ARG F 202 -14.40 19.02 -39.68
CA ARG F 202 -13.67 17.94 -40.34
C ARG F 202 -12.90 18.28 -41.62
N SER F 203 -12.88 19.57 -41.92
CA SER F 203 -12.39 20.08 -43.13
C SER F 203 -10.86 20.31 -42.93
N VAL F 204 -10.11 20.38 -44.01
CA VAL F 204 -8.71 20.72 -43.91
C VAL F 204 -8.56 22.24 -43.74
N TYR F 205 -7.88 22.65 -42.71
CA TYR F 205 -7.52 24.05 -42.48
C TYR F 205 -6.43 24.44 -43.41
N GLU F 206 -6.58 25.61 -44.04
CA GLU F 206 -5.58 26.13 -44.93
C GLU F 206 -5.32 27.51 -44.42
N ASP F 207 -4.09 27.97 -44.58
CA ASP F 207 -3.63 29.24 -44.10
C ASP F 207 -3.74 30.39 -45.09
N PRO G 29 32.72 -33.38 -1.69
CA PRO G 29 31.40 -32.97 -1.16
C PRO G 29 31.45 -32.40 0.26
N HIS G 30 30.97 -31.19 0.46
CA HIS G 30 31.03 -30.58 1.81
C HIS G 30 30.09 -31.37 2.74
N PRO G 31 30.56 -31.71 3.95
CA PRO G 31 29.73 -32.55 4.83
C PRO G 31 28.48 -31.82 5.43
N ASP G 32 28.49 -30.50 5.55
CA ASP G 32 27.33 -29.74 5.98
C ASP G 32 26.35 -29.38 4.87
N VAL G 33 26.72 -29.69 3.64
CA VAL G 33 25.87 -29.50 2.48
C VAL G 33 25.24 -30.84 2.04
N ASP G 34 23.94 -30.94 2.10
CA ASP G 34 23.28 -32.14 1.57
C ASP G 34 23.51 -32.35 0.06
N ARG G 35 23.41 -31.26 -0.71
CA ARG G 35 23.60 -31.27 -2.14
C ARG G 35 23.75 -29.85 -2.69
N VAL G 36 24.37 -29.71 -3.86
CA VAL G 36 24.53 -28.45 -4.52
C VAL G 36 23.29 -28.23 -5.34
N LEU G 37 22.64 -27.09 -5.13
CA LEU G 37 21.44 -26.73 -5.83
C LEU G 37 21.81 -25.94 -7.07
N LEU G 38 22.64 -24.91 -6.92
CA LEU G 38 23.08 -24.11 -8.05
C LEU G 38 24.58 -23.98 -7.99
N ASP G 39 25.29 -24.35 -9.07
CA ASP G 39 26.75 -24.33 -9.03
C ASP G 39 27.25 -23.00 -9.49
N GLU G 40 28.52 -22.80 -9.26
CA GLU G 40 29.15 -21.51 -9.46
C GLU G 40 28.98 -21.00 -10.91
N GLN G 41 29.14 -21.91 -11.88
CA GLN G 41 28.94 -21.54 -13.29
C GLN G 41 27.45 -21.19 -13.64
N GLN G 42 26.50 -21.95 -13.11
CA GLN G 42 25.09 -21.61 -13.32
C GLN G 42 24.79 -20.20 -12.80
N ILE G 43 25.30 -19.85 -11.63
CA ILE G 43 25.02 -18.53 -11.08
C ILE G 43 25.64 -17.44 -11.96
N ARG G 44 26.91 -17.58 -12.26
CA ARG G 44 27.57 -16.67 -13.14
C ARG G 44 26.86 -16.50 -14.50
N ASP G 45 26.45 -17.60 -15.14
CA ASP G 45 25.76 -17.46 -16.42
C ASP G 45 24.45 -16.70 -16.27
N ARG G 46 23.67 -17.05 -15.26
CA ARG G 46 22.39 -16.39 -15.07
C ARG G 46 22.54 -14.88 -14.77
N LEU G 47 23.49 -14.51 -13.95
CA LEU G 47 23.69 -13.09 -13.62
C LEU G 47 24.16 -12.35 -14.81
N ALA G 48 24.91 -13.00 -15.69
CA ALA G 48 25.31 -12.36 -16.91
C ALA G 48 24.09 -11.96 -17.79
N GLU G 49 23.13 -12.88 -17.91
CA GLU G 49 21.87 -12.59 -18.61
C GLU G 49 21.09 -11.49 -17.87
N LEU G 50 20.97 -11.57 -16.53
CA LEU G 50 20.19 -10.55 -15.84
C LEU G 50 20.82 -9.19 -16.01
N GLY G 51 22.13 -9.17 -15.94
CA GLY G 51 22.88 -7.95 -16.07
C GLY G 51 22.58 -7.23 -17.39
N GLU G 52 22.47 -8.01 -18.46
CA GLU G 52 22.24 -7.44 -19.77
C GLU G 52 20.85 -6.94 -19.87
N GLN G 53 19.89 -7.71 -19.35
CA GLN G 53 18.51 -7.29 -19.39
C GLN G 53 18.31 -6.01 -18.57
N ILE G 54 18.93 -5.93 -17.38
CA ILE G 54 18.88 -4.72 -16.59
C ILE G 54 19.52 -3.53 -17.32
N ALA G 55 20.66 -3.77 -17.96
CA ALA G 55 21.38 -2.67 -18.61
C ALA G 55 20.53 -2.11 -19.74
N ALA G 56 19.85 -2.97 -20.47
CA ALA G 56 18.94 -2.47 -21.51
C ALA G 56 17.73 -1.71 -20.91
N ASP G 57 17.11 -2.26 -19.86
CA ASP G 57 15.93 -1.63 -19.28
C ASP G 57 16.25 -0.28 -18.66
N TYR G 58 17.45 -0.05 -18.19
CA TYR G 58 17.78 1.22 -17.53
C TYR G 58 18.77 2.07 -18.29
N ALA G 59 18.88 1.84 -19.60
CA ALA G 59 19.88 2.52 -20.44
C ALA G 59 19.86 4.06 -20.34
N GLU G 60 18.70 4.65 -20.15
CA GLU G 60 18.56 6.09 -20.08
C GLU G 60 18.83 6.70 -18.72
N GLU G 61 18.79 5.89 -17.67
CA GLU G 61 18.81 6.40 -16.31
C GLU G 61 19.22 5.26 -15.38
N PRO G 62 20.54 5.06 -15.19
CA PRO G 62 21.01 3.95 -14.38
C PRO G 62 20.42 3.96 -12.99
N PRO G 63 20.07 2.78 -12.48
CA PRO G 63 19.64 2.65 -11.07
C PRO G 63 20.70 2.78 -9.97
N VAL G 64 20.20 3.10 -8.76
CA VAL G 64 20.90 2.92 -7.53
C VAL G 64 20.57 1.46 -7.09
N LEU G 65 21.58 0.62 -7.05
CA LEU G 65 21.44 -0.75 -6.58
C LEU G 65 21.43 -0.67 -5.06
N VAL G 66 20.40 -1.23 -4.46
CA VAL G 66 20.32 -1.26 -3.00
C VAL G 66 20.36 -2.69 -2.53
N GLY G 67 21.26 -2.96 -1.57
CA GLY G 67 21.34 -4.28 -0.97
C GLY G 67 21.22 -4.25 0.53
N VAL G 68 20.55 -5.27 1.07
CA VAL G 68 20.36 -5.38 2.47
C VAL G 68 21.38 -6.42 2.97
N LEU G 69 22.27 -5.96 3.85
CA LEU G 69 23.28 -6.80 4.42
C LEU G 69 22.67 -7.92 5.26
N ARG G 70 23.33 -9.06 5.40
CA ARG G 70 24.60 -9.45 4.76
C ARG G 70 24.35 -10.35 3.57
N GLY G 71 23.12 -10.86 3.48
CA GLY G 71 22.77 -11.86 2.48
C GLY G 71 22.92 -11.45 1.03
N ALA G 72 22.80 -10.15 0.76
CA ALA G 72 22.92 -9.61 -0.59
C ALA G 72 24.34 -9.44 -1.09
N VAL G 73 25.35 -9.71 -0.27
CA VAL G 73 26.71 -9.30 -0.64
C VAL G 73 27.20 -9.91 -1.95
N MSE G 74 27.17 -11.23 -2.09
CA MSE G 74 27.80 -11.90 -3.22
C MSE G 74 26.93 -11.53 -4.49
O MSE G 74 27.46 -11.12 -5.49
CB MSE G 74 27.85 -13.41 -3.12
CG MSE G 74 29.03 -14.16 -2.38
SE MSE G 74 29.53 -13.18 -0.74
CE MSE G 74 30.89 -14.53 -0.10
N VAL G 75 25.62 -11.66 -4.41
CA VAL G 75 24.74 -11.31 -5.56
C VAL G 75 24.93 -9.86 -6.01
N MSE G 76 25.00 -8.95 -5.09
CA MSE G 76 25.22 -7.58 -5.42
C MSE G 76 26.57 -7.28 -6.01
O MSE G 76 26.63 -6.63 -7.00
CB MSE G 76 24.98 -6.82 -4.16
CG MSE G 76 25.06 -5.36 -4.49
SE MSE G 76 23.39 -4.36 -4.48
CE MSE G 76 22.09 -5.33 -3.51
N ALA G 77 27.64 -7.78 -5.45
CA ALA G 77 29.01 -7.60 -6.04
C ALA G 77 29.03 -8.14 -7.43
N ASP G 78 28.41 -9.31 -7.65
CA ASP G 78 28.56 -9.98 -8.89
C ASP G 78 27.63 -9.42 -9.95
N LEU G 79 26.36 -9.20 -9.59
CA LEU G 79 25.42 -8.64 -10.57
C LEU G 79 25.83 -7.27 -11.00
N ALA G 80 26.31 -6.47 -10.04
CA ALA G 80 26.67 -5.07 -10.37
C ALA G 80 27.71 -5.07 -11.45
N ARG G 81 28.61 -6.03 -11.40
CA ARG G 81 29.69 -6.13 -12.41
C ARG G 81 29.22 -6.63 -13.74
N GLN G 82 28.02 -7.19 -13.80
CA GLN G 82 27.43 -7.61 -15.06
C GLN G 82 26.47 -6.57 -15.64
N ILE G 83 26.34 -5.42 -14.99
CA ILE G 83 25.47 -4.36 -15.49
C ILE G 83 26.36 -3.28 -16.07
N ASP G 84 26.31 -3.10 -17.39
CA ASP G 84 27.23 -2.16 -18.08
C ASP G 84 26.56 -0.77 -18.14
N LEU G 85 26.38 -0.17 -16.98
CA LEU G 85 25.88 1.17 -16.84
C LEU G 85 26.57 1.78 -15.65
N LYS G 86 26.48 3.10 -15.53
CA LYS G 86 27.02 3.75 -14.37
C LYS G 86 26.10 3.71 -13.20
N VAL G 87 25.95 2.53 -12.63
CA VAL G 87 25.11 2.33 -11.49
C VAL G 87 25.78 2.95 -10.27
N GLU G 88 24.97 3.17 -9.24
CA GLU G 88 25.50 3.43 -7.93
C GLU G 88 25.13 2.29 -7.06
N MSE G 89 25.78 2.18 -5.89
CA MSE G 89 25.50 1.10 -4.96
C MSE G 89 25.33 1.66 -3.57
O MSE G 89 26.07 2.55 -3.16
CB MSE G 89 26.64 0.10 -4.94
CG MSE G 89 26.97 -0.40 -6.38
SE MSE G 89 28.45 -1.78 -6.28
CE MSE G 89 27.65 -3.27 -5.28
N ASP G 90 24.30 1.23 -2.88
CA ASP G 90 24.04 1.71 -1.52
C ASP G 90 23.54 0.49 -0.71
N TRP G 91 23.63 0.58 0.62
CA TRP G 91 23.39 -0.53 1.49
C TRP G 91 22.57 -0.18 2.73
N MSE G 92 21.83 -1.16 3.20
CA MSE G 92 21.13 -1.10 4.47
C MSE G 92 21.48 -2.26 5.35
O MSE G 92 21.86 -3.33 4.86
CB MSE G 92 19.63 -1.04 4.28
CG MSE G 92 19.26 0.12 3.37
SE MSE G 92 17.31 0.11 3.06
CE MSE G 92 16.72 0.43 4.88
N ALA G 93 21.37 -2.07 6.65
CA ALA G 93 21.48 -3.15 7.62
C ALA G 93 20.27 -3.11 8.53
N VAL G 94 19.71 -4.28 8.82
CA VAL G 94 18.47 -4.33 9.56
C VAL G 94 18.49 -5.37 10.67
N SER G 95 17.61 -5.20 11.65
CA SER G 95 17.41 -6.12 12.77
C SER G 95 15.89 -6.33 12.86
N SER G 96 15.46 -7.33 13.60
CA SER G 96 14.05 -7.64 13.73
C SER G 96 13.49 -6.77 14.87
N TYR G 97 12.21 -6.51 14.78
CA TYR G 97 11.47 -5.99 15.88
C TYR G 97 10.64 -7.14 16.47
N GLY G 98 11.11 -8.37 16.35
CA GLY G 98 10.41 -9.53 16.96
C GLY G 98 9.10 -9.80 16.30
N SER G 99 8.05 -9.87 17.10
CA SER G 99 6.75 -10.29 16.56
C SER G 99 6.24 -9.30 15.46
N GLY G 100 6.61 -8.02 15.57
CA GLY G 100 6.23 -7.03 14.58
C GLY G 100 6.76 -7.33 13.19
N THR G 101 7.99 -7.80 13.14
CA THR G 101 8.56 -8.13 11.86
C THR G 101 7.80 -9.25 11.17
N LYS G 102 7.40 -10.26 11.93
CA LYS G 102 6.66 -11.34 11.37
C LYS G 102 5.32 -10.82 10.80
N SER G 103 4.65 -9.94 11.51
CA SER G 103 3.29 -9.63 11.11
C SER G 103 3.24 -8.52 10.02
N SER G 104 4.19 -7.58 9.96
CA SER G 104 4.09 -6.52 8.97
C SER G 104 5.31 -6.42 8.04
N GLY G 105 6.39 -7.10 8.39
CA GLY G 105 7.62 -6.97 7.68
C GLY G 105 8.47 -5.82 8.14
N VAL G 106 7.99 -5.01 9.09
CA VAL G 106 8.80 -3.91 9.59
C VAL G 106 10.12 -4.42 10.18
N VAL G 107 11.19 -3.65 9.94
CA VAL G 107 12.50 -3.93 10.47
C VAL G 107 13.15 -2.73 11.04
N ARG G 108 14.05 -2.98 11.98
CA ARG G 108 14.77 -1.96 12.72
C ARG G 108 15.96 -1.62 11.90
N ILE G 109 16.11 -0.32 11.56
CA ILE G 109 17.17 0.04 10.64
C ILE G 109 18.37 0.28 11.47
N LEU G 110 19.42 -0.49 11.20
CA LEU G 110 20.73 -0.29 11.87
C LEU G 110 21.71 0.49 11.03
N LYS G 111 21.57 0.43 9.70
CA LYS G 111 22.19 1.39 8.85
C LYS G 111 21.28 1.74 7.68
N ASP G 112 20.98 3.00 7.48
CA ASP G 112 20.04 3.43 6.46
C ASP G 112 20.81 3.74 5.24
N LEU G 113 20.08 3.93 4.11
CA LEU G 113 20.74 4.37 2.90
C LEU G 113 21.54 5.62 3.17
N SER G 114 22.73 5.66 2.58
CA SER G 114 23.57 6.82 2.69
C SER G 114 23.15 7.94 1.78
N GLY G 115 22.48 7.61 0.68
CA GLY G 115 22.05 8.59 -0.33
C GLY G 115 20.54 8.81 -0.42
N ASP G 116 20.16 10.04 -0.74
CA ASP G 116 18.84 10.41 -1.21
C ASP G 116 18.47 9.64 -2.46
N ILE G 117 17.29 9.07 -2.52
CA ILE G 117 16.84 8.42 -3.74
C ILE G 117 15.74 9.19 -4.44
N THR G 118 15.45 10.40 -3.98
CA THR G 118 14.44 11.25 -4.60
C THR G 118 14.65 11.32 -6.10
N ASP G 119 13.63 10.98 -6.86
CA ASP G 119 13.66 11.02 -8.33
C ASP G 119 14.70 10.13 -8.98
N ARG G 120 15.18 9.11 -8.28
CA ARG G 120 16.11 8.17 -8.84
C ARG G 120 15.34 6.89 -9.18
N ASN G 121 15.89 6.13 -10.12
CA ASN G 121 15.55 4.71 -10.26
C ASN G 121 16.36 3.86 -9.26
N VAL G 122 15.66 2.99 -8.53
CA VAL G 122 16.22 2.17 -7.50
C VAL G 122 15.92 0.70 -7.86
N LEU G 123 16.93 -0.12 -7.70
CA LEU G 123 16.81 -1.56 -7.89
C LEU G 123 17.33 -2.23 -6.62
N ILE G 124 16.40 -2.79 -5.86
CA ILE G 124 16.76 -3.59 -4.72
C ILE G 124 17.28 -4.91 -5.25
N VAL G 125 18.41 -5.33 -4.72
CA VAL G 125 19.00 -6.64 -5.12
C VAL G 125 18.86 -7.53 -3.89
N GLU G 126 18.07 -8.56 -4.02
CA GLU G 126 17.87 -9.54 -2.97
C GLU G 126 18.48 -10.92 -3.23
N ASP G 127 18.94 -11.54 -2.15
CA ASP G 127 19.37 -12.95 -2.10
C ASP G 127 18.28 -14.02 -2.24
N ILE G 128 17.18 -13.82 -1.53
CA ILE G 128 16.03 -14.72 -1.55
C ILE G 128 14.73 -13.96 -1.38
N ILE G 129 13.68 -14.41 -2.07
CA ILE G 129 12.36 -14.03 -1.74
C ILE G 129 11.49 -15.24 -1.37
N ASP G 130 10.58 -15.03 -0.42
CA ASP G 130 9.72 -16.09 0.11
C ASP G 130 8.50 -15.48 0.73
N SER G 131 7.90 -16.15 1.72
CA SER G 131 6.63 -15.70 2.28
C SER G 131 6.85 -14.62 3.33
N GLY G 132 8.09 -14.39 3.78
CA GLY G 132 8.38 -13.29 4.65
C GLY G 132 8.03 -11.93 4.06
N LEU G 133 7.54 -11.06 4.93
CA LEU G 133 6.98 -9.77 4.55
C LEU G 133 7.98 -8.63 4.52
N THR G 134 9.26 -8.89 4.77
CA THR G 134 10.21 -7.78 4.91
C THR G 134 10.51 -7.08 3.59
N LEU G 135 10.57 -7.82 2.51
CA LEU G 135 10.67 -7.17 1.23
C LEU G 135 9.51 -6.22 0.87
N LYS G 136 8.30 -6.64 1.10
CA LYS G 136 7.17 -5.83 0.84
C LYS G 136 7.24 -4.59 1.64
N TRP G 137 7.57 -4.72 2.90
CA TRP G 137 7.65 -3.53 3.74
C TRP G 137 8.78 -2.59 3.27
N LEU G 138 9.97 -3.14 2.96
CA LEU G 138 11.05 -2.35 2.49
C LEU G 138 10.67 -1.61 1.20
N LEU G 139 9.98 -2.28 0.30
CA LEU G 139 9.60 -1.65 -0.95
C LEU G 139 8.70 -0.44 -0.70
N SER G 140 7.71 -0.65 0.14
CA SER G 140 6.88 0.45 0.52
C SER G 140 7.66 1.57 1.26
N ASN G 141 8.60 1.21 2.12
CA ASN G 141 9.40 2.20 2.72
C ASN G 141 10.22 3.03 1.71
N LEU G 142 10.83 2.37 0.74
CA LEU G 142 11.64 3.14 -0.19
C LEU G 142 10.75 4.01 -1.10
N ARG G 143 9.59 3.52 -1.40
CA ARG G 143 8.67 4.27 -2.21
C ARG G 143 8.25 5.53 -1.49
N SER G 144 8.24 5.53 -0.17
CA SER G 144 7.87 6.73 0.56
C SER G 144 8.93 7.84 0.48
N ARG G 145 10.08 7.57 -0.18
CA ARG G 145 11.22 8.51 -0.14
C ARG G 145 11.39 9.28 -1.43
N GLY G 146 10.33 9.36 -2.20
CA GLY G 146 10.28 10.06 -3.51
C GLY G 146 11.05 9.52 -4.67
N PRO G 147 11.31 8.18 -4.75
CA PRO G 147 12.11 7.75 -5.93
C PRO G 147 11.24 7.79 -7.18
N LYS G 148 11.85 7.87 -8.34
CA LYS G 148 11.10 7.74 -9.58
C LYS G 148 10.53 6.34 -9.72
N SER G 149 11.29 5.30 -9.35
CA SER G 149 10.77 3.95 -9.38
C SER G 149 11.60 3.06 -8.51
N VAL G 150 11.00 1.98 -8.04
CA VAL G 150 11.69 0.98 -7.25
C VAL G 150 11.26 -0.34 -7.81
N GLU G 151 12.25 -1.15 -8.20
CA GLU G 151 12.00 -2.50 -8.68
C GLU G 151 12.91 -3.45 -7.90
N VAL G 152 12.73 -4.75 -8.11
CA VAL G 152 13.50 -5.75 -7.39
C VAL G 152 14.10 -6.77 -8.34
N ALA G 153 15.33 -7.13 -8.04
CA ALA G 153 16.04 -8.24 -8.65
C ALA G 153 16.38 -9.20 -7.56
N ALA G 154 15.94 -10.44 -7.69
CA ALA G 154 16.21 -11.44 -6.66
C ALA G 154 16.92 -12.66 -7.19
N LEU G 155 17.98 -13.13 -6.53
CA LEU G 155 18.67 -14.30 -7.02
C LEU G 155 17.78 -15.54 -6.96
N LEU G 156 17.15 -15.76 -5.82
CA LEU G 156 16.42 -16.99 -5.55
C LEU G 156 14.99 -16.72 -5.14
N ARG G 157 14.08 -17.55 -5.66
CA ARG G 157 12.70 -17.48 -5.28
C ARG G 157 12.22 -18.87 -4.86
N LYS G 158 11.68 -18.95 -3.68
CA LYS G 158 11.03 -20.12 -3.18
C LYS G 158 9.59 -20.14 -3.51
N PRO G 159 8.97 -21.36 -3.51
CA PRO G 159 7.57 -21.48 -3.84
C PRO G 159 6.65 -20.56 -3.02
N ASP G 160 6.92 -20.42 -1.73
CA ASP G 160 5.98 -19.68 -0.88
C ASP G 160 6.03 -18.16 -1.14
N ALA G 161 6.92 -17.73 -2.02
CA ALA G 161 6.91 -16.32 -2.41
C ALA G 161 5.60 -15.91 -3.12
N ALA G 162 4.91 -16.87 -3.72
CA ALA G 162 3.60 -16.62 -4.33
C ALA G 162 2.54 -16.06 -3.35
N ARG G 163 2.72 -16.28 -2.05
CA ARG G 163 1.76 -15.85 -1.02
C ARG G 163 1.84 -14.36 -0.71
N VAL G 164 2.90 -13.68 -1.11
CA VAL G 164 3.00 -12.25 -0.93
C VAL G 164 2.76 -11.58 -2.28
N ASP G 165 1.93 -10.55 -2.29
CA ASP G 165 1.62 -9.87 -3.52
C ASP G 165 2.63 -8.79 -3.81
N ILE G 166 3.76 -9.18 -4.39
CA ILE G 166 4.67 -8.19 -4.94
C ILE G 166 5.23 -8.52 -6.30
N ASP G 167 5.39 -7.48 -7.07
CA ASP G 167 5.94 -7.59 -8.40
C ASP G 167 7.49 -7.57 -8.33
N VAL G 168 8.12 -8.72 -8.62
CA VAL G 168 9.56 -8.85 -8.74
C VAL G 168 9.99 -8.99 -10.19
N LYS G 169 10.64 -7.96 -10.71
CA LYS G 169 10.89 -7.87 -12.13
C LYS G 169 11.96 -8.84 -12.62
N TYR G 170 12.97 -9.10 -11.81
CA TYR G 170 14.09 -9.93 -12.26
C TYR G 170 14.31 -11.05 -11.24
N ILE G 171 14.27 -12.28 -11.72
CA ILE G 171 14.44 -13.48 -10.87
C ILE G 171 15.47 -14.41 -11.44
N GLY G 172 16.46 -14.74 -10.62
CA GLY G 172 17.57 -15.60 -11.06
C GLY G 172 17.09 -16.99 -11.26
N PHE G 173 16.58 -17.59 -10.19
CA PHE G 173 16.19 -19.00 -10.19
C PHE G 173 15.00 -19.22 -9.26
N ASP G 174 14.10 -20.06 -9.69
CA ASP G 174 13.11 -20.65 -8.79
C ASP G 174 13.80 -21.85 -8.13
N ILE G 175 13.67 -21.95 -6.81
CA ILE G 175 14.21 -23.07 -6.13
C ILE G 175 13.11 -23.69 -5.24
N PRO G 176 13.35 -24.94 -4.77
CA PRO G 176 12.36 -25.63 -3.92
C PRO G 176 12.48 -25.13 -2.50
N SER G 177 11.54 -25.52 -1.64
CA SER G 177 11.49 -24.96 -0.25
C SER G 177 12.46 -25.72 0.63
N GLU G 178 13.67 -25.25 0.67
CA GLU G 178 14.65 -25.88 1.45
C GLU G 178 15.49 -24.80 2.05
N PHE G 179 16.16 -25.14 3.13
CA PHE G 179 17.03 -24.19 3.72
C PHE G 179 18.34 -24.15 2.92
N VAL G 180 18.64 -22.98 2.34
CA VAL G 180 19.77 -22.87 1.40
C VAL G 180 20.90 -22.10 2.01
N ILE G 181 22.12 -22.46 1.60
CA ILE G 181 23.35 -21.86 2.15
C ILE G 181 24.35 -21.70 1.03
N GLY G 182 25.34 -20.88 1.29
CA GLY G 182 26.31 -20.46 0.31
C GLY G 182 25.94 -19.18 -0.46
N TYR G 183 26.94 -18.66 -1.18
CA TYR G 183 26.82 -17.49 -2.03
C TYR G 183 26.21 -16.35 -1.23
N GLY G 184 26.78 -16.19 -0.05
CA GLY G 184 26.44 -15.10 0.87
C GLY G 184 25.39 -15.44 1.88
N LEU G 185 24.67 -16.56 1.66
CA LEU G 185 23.62 -16.96 2.60
C LEU G 185 24.22 -17.86 3.70
N ASP G 186 23.85 -17.59 4.93
CA ASP G 186 24.40 -18.32 6.07
C ASP G 186 23.41 -19.28 6.78
N TYR G 187 24.01 -20.19 7.55
CA TYR G 187 23.35 -20.79 8.66
C TYR G 187 24.22 -20.57 9.88
N ALA G 188 23.65 -19.93 10.88
CA ALA G 188 24.30 -19.52 12.11
C ALA G 188 25.65 -18.86 11.77
N GLU G 189 25.64 -17.94 10.82
CA GLU G 189 26.85 -17.16 10.39
C GLU G 189 27.90 -17.94 9.60
N ASN G 190 27.70 -19.27 9.44
CA ASN G 190 28.56 -20.08 8.60
C ASN G 190 28.07 -20.23 7.15
N TYR G 191 29.04 -20.56 6.27
CA TYR G 191 28.83 -20.99 4.90
C TYR G 191 28.56 -19.87 3.89
N ARG G 192 28.77 -18.60 4.29
CA ARG G 192 28.53 -17.54 3.37
C ARG G 192 29.56 -17.55 2.25
N ASN G 193 30.72 -18.15 2.48
CA ASN G 193 31.78 -18.15 1.47
C ASN G 193 31.77 -19.32 0.53
N LEU G 194 30.77 -20.20 0.57
CA LEU G 194 30.66 -21.23 -0.44
C LEU G 194 30.34 -20.53 -1.78
N PRO G 195 30.98 -20.99 -2.89
CA PRO G 195 30.79 -20.30 -4.16
C PRO G 195 29.55 -20.75 -4.91
N TYR G 196 28.82 -21.67 -4.33
CA TYR G 196 27.61 -22.20 -4.92
C TYR G 196 26.48 -22.06 -3.87
N VAL G 197 25.28 -22.41 -4.26
CA VAL G 197 24.16 -22.48 -3.35
C VAL G 197 23.87 -23.90 -3.10
N GLY G 198 23.89 -24.27 -1.84
CA GLY G 198 23.61 -25.61 -1.42
C GLY G 198 22.37 -25.71 -0.55
N VAL G 199 21.94 -26.93 -0.34
CA VAL G 199 20.94 -27.25 0.63
C VAL G 199 21.63 -27.64 1.95
N LEU G 200 21.25 -26.98 3.03
CA LEU G 200 21.81 -27.34 4.35
C LEU G 200 21.41 -28.78 4.77
N SER G 201 22.42 -29.55 5.16
CA SER G 201 22.27 -30.95 5.59
C SER G 201 21.60 -31.02 6.96
N ARG G 202 20.58 -31.85 7.11
CA ARG G 202 19.91 -32.00 8.42
C ARG G 202 20.79 -32.42 9.59
N SER G 203 21.91 -33.02 9.26
CA SER G 203 22.88 -33.38 10.31
C SER G 203 23.42 -32.16 11.09
N VAL G 204 23.43 -30.98 10.47
CA VAL G 204 23.84 -29.75 11.15
C VAL G 204 22.76 -29.19 12.15
N TYR G 205 21.47 -29.44 11.93
CA TYR G 205 20.43 -28.94 12.89
C TYR G 205 19.62 -30.03 13.61
N VAL H 24 -22.99 -39.19 12.99
CA VAL H 24 -23.89 -38.48 13.96
C VAL H 24 -24.55 -39.48 14.93
N PRO H 25 -24.35 -39.28 16.22
CA PRO H 25 -24.85 -40.28 17.14
C PRO H 25 -26.38 -40.35 17.17
N GLN H 26 -26.90 -41.54 17.43
CA GLN H 26 -28.35 -41.81 17.43
C GLN H 26 -29.08 -41.16 18.65
N THR H 27 -28.38 -40.94 19.76
CA THR H 27 -28.89 -40.14 20.85
C THR H 27 -29.07 -38.62 20.48
N HIS H 28 -28.51 -38.16 19.38
CA HIS H 28 -28.57 -36.73 19.11
C HIS H 28 -29.96 -36.40 18.69
N PRO H 29 -30.58 -35.35 19.37
CA PRO H 29 -32.00 -35.19 19.01
C PRO H 29 -32.19 -34.25 17.86
N HIS H 30 -32.48 -34.75 16.70
CA HIS H 30 -32.64 -33.90 15.54
C HIS H 30 -33.35 -34.79 14.56
N PRO H 31 -33.99 -34.16 13.48
CA PRO H 31 -34.72 -35.10 12.62
C PRO H 31 -33.81 -36.10 11.94
N ASP H 32 -34.29 -37.32 11.82
CA ASP H 32 -33.49 -38.35 11.12
C ASP H 32 -33.24 -38.04 9.66
N VAL H 33 -34.27 -37.65 8.93
CA VAL H 33 -34.06 -37.22 7.57
C VAL H 33 -34.67 -35.88 7.34
N ASP H 34 -33.88 -34.93 6.86
CA ASP H 34 -34.48 -33.69 6.48
C ASP H 34 -35.33 -34.00 5.29
N ARG H 35 -36.45 -33.38 5.27
CA ARG H 35 -37.48 -33.78 4.32
C ARG H 35 -37.11 -33.42 2.89
N VAL H 36 -36.82 -34.45 2.10
CA VAL H 36 -36.44 -34.32 0.71
C VAL H 36 -37.72 -34.33 -0.10
N LEU H 37 -37.90 -33.30 -0.92
CA LEU H 37 -39.05 -33.17 -1.75
C LEU H 37 -38.79 -33.81 -3.12
N LEU H 38 -37.67 -33.47 -3.74
CA LEU H 38 -37.29 -34.07 -5.03
C LEU H 38 -35.86 -34.50 -4.93
N ASP H 39 -35.59 -35.78 -5.17
CA ASP H 39 -34.23 -36.27 -5.01
C ASP H 39 -33.43 -36.10 -6.28
N GLU H 40 -32.14 -36.31 -6.13
CA GLU H 40 -31.19 -36.05 -7.20
C GLU H 40 -31.56 -36.80 -8.50
N GLN H 41 -31.98 -38.06 -8.36
CA GLN H 41 -32.33 -38.87 -9.53
C GLN H 41 -33.63 -38.38 -10.17
N GLN H 42 -34.62 -38.01 -9.36
CA GLN H 42 -35.85 -37.47 -9.93
C GLN H 42 -35.57 -36.21 -10.75
N ILE H 43 -34.71 -35.33 -10.23
CA ILE H 43 -34.41 -34.10 -10.98
C ILE H 43 -33.72 -34.43 -12.30
N ARG H 44 -32.71 -35.28 -12.23
CA ARG H 44 -32.00 -35.69 -13.41
C ARG H 44 -32.92 -36.33 -14.46
N ASP H 45 -33.80 -37.24 -14.04
CA ASP H 45 -34.70 -37.89 -15.01
C ASP H 45 -35.61 -36.85 -15.66
N ARG H 46 -36.18 -35.96 -14.86
CA ARG H 46 -37.11 -34.98 -15.41
C ARG H 46 -36.43 -33.97 -16.37
N LEU H 47 -35.22 -33.53 -16.03
CA LEU H 47 -34.50 -32.62 -16.92
C LEU H 47 -34.06 -33.30 -18.20
N ALA H 48 -33.82 -34.63 -18.14
CA ALA H 48 -33.56 -35.39 -19.35
C ALA H 48 -34.78 -35.35 -20.31
N GLU H 49 -35.98 -35.49 -19.77
CA GLU H 49 -37.19 -35.42 -20.57
C GLU H 49 -37.39 -34.00 -21.10
N LEU H 50 -37.26 -33.02 -20.23
CA LEU H 50 -37.42 -31.62 -20.71
C LEU H 50 -36.41 -31.25 -21.79
N GLY H 51 -35.19 -31.73 -21.62
CA GLY H 51 -34.15 -31.45 -22.59
C GLY H 51 -34.49 -31.95 -23.96
N GLU H 52 -35.12 -33.14 -24.00
CA GLU H 52 -35.44 -33.72 -25.27
C GLU H 52 -36.57 -32.97 -25.89
N GLN H 53 -37.58 -32.64 -25.10
CA GLN H 53 -38.71 -31.93 -25.62
C GLN H 53 -38.27 -30.55 -26.15
N ILE H 54 -37.42 -29.85 -25.41
CA ILE H 54 -36.87 -28.58 -25.85
C ILE H 54 -36.03 -28.73 -27.13
N ALA H 55 -35.25 -29.77 -27.22
CA ALA H 55 -34.42 -29.97 -28.41
C ALA H 55 -35.30 -30.18 -29.66
N ALA H 56 -36.39 -30.93 -29.52
CA ALA H 56 -37.30 -31.09 -30.66
C ALA H 56 -38.02 -29.79 -31.02
N ASP H 57 -38.51 -29.06 -30.02
CA ASP H 57 -39.22 -27.82 -30.29
C ASP H 57 -38.37 -26.75 -30.91
N TYR H 58 -37.07 -26.72 -30.64
CA TYR H 58 -36.20 -25.63 -31.17
C TYR H 58 -35.22 -26.12 -32.26
N ALA H 59 -35.52 -27.25 -32.87
CA ALA H 59 -34.55 -27.94 -33.79
C ALA H 59 -34.04 -27.04 -34.89
N GLU H 60 -34.89 -26.16 -35.40
CA GLU H 60 -34.53 -25.31 -36.52
C GLU H 60 -33.76 -24.04 -36.11
N GLU H 61 -33.82 -23.69 -34.84
CA GLU H 61 -33.31 -22.43 -34.39
C GLU H 61 -33.07 -22.49 -32.86
N PRO H 62 -31.90 -22.95 -32.47
CA PRO H 62 -31.65 -23.10 -31.05
C PRO H 62 -31.81 -21.81 -30.24
N PRO H 63 -32.25 -21.95 -29.01
CA PRO H 63 -32.44 -20.79 -28.13
C PRO H 63 -31.20 -20.29 -27.45
N VAL H 64 -31.25 -19.02 -27.07
CA VAL H 64 -30.40 -18.48 -26.04
C VAL H 64 -31.07 -18.81 -24.73
N LEU H 65 -30.37 -19.56 -23.88
CA LEU H 65 -30.85 -19.88 -22.54
C LEU H 65 -30.49 -18.74 -21.70
N VAL H 66 -31.48 -18.21 -20.97
CA VAL H 66 -31.23 -17.09 -20.08
C VAL H 66 -31.54 -17.47 -18.66
N GLY H 67 -30.59 -17.25 -17.79
CA GLY H 67 -30.78 -17.51 -16.39
C GLY H 67 -30.59 -16.30 -15.54
N VAL H 68 -31.43 -16.18 -14.51
CA VAL H 68 -31.29 -15.16 -13.49
C VAL H 68 -30.54 -15.75 -12.28
N LEU H 69 -29.39 -15.18 -11.98
CA LEU H 69 -28.59 -15.59 -10.83
C LEU H 69 -29.33 -15.28 -9.51
N ARG H 70 -29.07 -16.03 -8.45
CA ARG H 70 -28.16 -17.17 -8.37
C ARG H 70 -28.94 -18.46 -8.42
N GLY H 71 -30.27 -18.34 -8.23
CA GLY H 71 -31.13 -19.51 -8.16
C GLY H 71 -31.08 -20.46 -9.35
N ALA H 72 -30.85 -19.90 -10.53
CA ALA H 72 -30.88 -20.66 -11.76
C ALA H 72 -29.62 -21.45 -12.08
N VAL H 73 -28.59 -21.32 -11.26
CA VAL H 73 -27.29 -21.97 -11.58
C VAL H 73 -27.34 -23.48 -11.83
N MSE H 74 -27.89 -24.25 -10.90
CA MSE H 74 -27.94 -25.69 -11.06
C MSE H 74 -28.83 -26.09 -12.20
O MSE H 74 -28.46 -26.91 -13.06
CB MSE H 74 -28.46 -26.42 -9.82
CG MSE H 74 -27.81 -26.19 -8.50
SE MSE H 74 -25.93 -26.23 -8.66
CE MSE H 74 -25.28 -25.72 -6.85
N VAL H 75 -30.06 -25.55 -12.24
CA VAL H 75 -31.00 -25.99 -13.32
C VAL H 75 -30.46 -25.67 -14.70
N MSE H 76 -29.88 -24.51 -14.88
CA MSE H 76 -29.28 -24.12 -16.12
C MSE H 76 -28.11 -24.98 -16.49
O MSE H 76 -28.06 -25.42 -17.60
CB MSE H 76 -28.65 -22.74 -16.11
CG MSE H 76 -29.61 -21.57 -16.25
SE MSE H 76 -29.83 -20.91 -18.07
CE MSE H 76 -28.31 -19.79 -18.42
N ALA H 77 -27.19 -25.24 -15.58
CA ALA H 77 -26.01 -26.09 -15.91
C ALA H 77 -26.50 -27.48 -16.28
N ASP H 78 -27.54 -27.95 -15.59
CA ASP H 78 -27.98 -29.33 -15.87
C ASP H 78 -28.85 -29.46 -17.12
N LEU H 79 -29.81 -28.57 -17.24
CA LEU H 79 -30.73 -28.62 -18.36
C LEU H 79 -30.03 -28.37 -19.68
N ALA H 80 -29.12 -27.43 -19.69
CA ALA H 80 -28.39 -27.13 -20.88
C ALA H 80 -27.73 -28.39 -21.43
N ARG H 81 -27.12 -29.18 -20.55
CA ARG H 81 -26.40 -30.38 -20.94
C ARG H 81 -27.35 -31.49 -21.40
N GLN H 82 -28.66 -31.35 -21.17
CA GLN H 82 -29.64 -32.30 -21.66
C GLN H 82 -30.33 -31.80 -22.93
N ILE H 83 -29.92 -30.65 -23.46
CA ILE H 83 -30.47 -30.13 -24.70
C ILE H 83 -29.46 -30.31 -25.83
N ASP H 84 -29.76 -31.20 -26.78
CA ASP H 84 -28.82 -31.55 -27.82
C ASP H 84 -28.97 -30.63 -29.02
N LEU H 85 -28.66 -29.36 -28.80
CA LEU H 85 -28.64 -28.36 -29.82
C LEU H 85 -27.52 -27.40 -29.52
N LYS H 86 -27.20 -26.56 -30.48
CA LYS H 86 -26.24 -25.50 -30.24
C LYS H 86 -26.87 -24.30 -29.55
N VAL H 87 -27.20 -24.48 -28.28
CA VAL H 87 -27.73 -23.41 -27.48
C VAL H 87 -26.59 -22.43 -27.12
N GLU H 88 -26.96 -21.21 -26.79
CA GLU H 88 -26.09 -20.29 -26.15
C GLU H 88 -26.63 -20.08 -24.74
N MSE H 89 -25.81 -19.52 -23.87
CA MSE H 89 -26.15 -19.26 -22.48
C MSE H 89 -25.81 -17.84 -22.10
O MSE H 89 -24.74 -17.37 -22.45
CB MSE H 89 -25.43 -20.22 -21.55
CG MSE H 89 -25.66 -21.67 -21.89
SE MSE H 89 -24.77 -22.95 -20.71
CE MSE H 89 -25.75 -22.75 -19.08
N ASP H 90 -26.68 -17.19 -21.36
CA ASP H 90 -26.49 -15.79 -20.98
C ASP H 90 -27.18 -15.60 -19.62
N TRP H 91 -26.73 -14.61 -18.87
CA TRP H 91 -27.15 -14.44 -17.49
C TRP H 91 -27.53 -13.04 -17.11
N MSE H 92 -28.43 -12.93 -16.11
CA MSE H 92 -28.74 -11.67 -15.50
C MSE H 92 -28.59 -11.74 -14.06
O MSE H 92 -28.69 -12.81 -13.48
CB MSE H 92 -30.16 -11.22 -15.85
CG MSE H 92 -30.28 -11.11 -17.41
SE MSE H 92 -32.16 -10.55 -17.83
CE MSE H 92 -32.72 -12.30 -17.50
N ALA H 93 -28.25 -10.61 -13.44
CA ALA H 93 -28.30 -10.51 -12.05
C ALA H 93 -29.27 -9.35 -11.69
N VAL H 94 -30.09 -9.58 -10.67
CA VAL H 94 -31.12 -8.58 -10.33
C VAL H 94 -31.12 -8.36 -8.82
N SER H 95 -31.71 -7.23 -8.40
CA SER H 95 -31.91 -6.94 -7.00
C SER H 95 -33.28 -6.25 -6.91
N SER H 96 -33.77 -6.12 -5.69
CA SER H 96 -35.11 -5.54 -5.42
C SER H 96 -35.14 -4.03 -5.42
N TYR H 97 -36.24 -3.45 -5.91
CA TYR H 97 -36.50 -2.06 -5.75
C TYR H 97 -37.55 -1.91 -4.62
N GLY H 98 -37.58 -2.84 -3.67
CA GLY H 98 -38.42 -2.64 -2.45
C GLY H 98 -39.88 -2.80 -2.79
N SER H 99 -40.68 -1.81 -2.39
CA SER H 99 -42.12 -1.93 -2.57
C SER H 99 -42.53 -2.02 -4.08
N GLY H 100 -41.76 -1.39 -4.95
CA GLY H 100 -42.00 -1.50 -6.38
C GLY H 100 -41.94 -2.93 -6.93
N THR H 101 -41.00 -3.73 -6.44
CA THR H 101 -40.84 -5.08 -6.89
C THR H 101 -42.04 -5.91 -6.56
N LYS H 102 -42.60 -5.69 -5.38
CA LYS H 102 -43.81 -6.38 -5.00
C LYS H 102 -45.03 -5.98 -5.87
N SER H 103 -45.17 -4.71 -6.19
CA SER H 103 -46.35 -4.32 -6.88
C SER H 103 -46.29 -4.45 -8.43
N SER H 104 -45.14 -4.27 -9.08
CA SER H 104 -45.08 -4.45 -10.55
C SER H 104 -44.14 -5.56 -11.04
N GLY H 105 -43.33 -6.09 -10.16
CA GLY H 105 -42.34 -7.10 -10.58
C GLY H 105 -41.07 -6.45 -11.06
N VAL H 106 -41.03 -5.14 -11.19
CA VAL H 106 -39.78 -4.48 -11.59
C VAL H 106 -38.63 -4.77 -10.64
N VAL H 107 -37.48 -5.06 -11.22
CA VAL H 107 -36.29 -5.29 -10.47
C VAL H 107 -35.18 -4.39 -11.03
N ARG H 108 -34.17 -4.20 -10.21
CA ARG H 108 -33.00 -3.51 -10.62
C ARG H 108 -32.12 -4.50 -11.38
N ILE H 109 -31.64 -4.08 -12.57
CA ILE H 109 -30.72 -4.94 -13.31
C ILE H 109 -29.32 -4.62 -12.83
N LEU H 110 -28.74 -5.54 -12.08
CA LEU H 110 -27.32 -5.41 -11.67
C LEU H 110 -26.41 -5.87 -12.74
N LYS H 111 -26.80 -6.92 -13.44
CA LYS H 111 -26.03 -7.33 -14.62
C LYS H 111 -27.05 -7.64 -15.69
N ASP H 112 -26.99 -6.93 -16.78
CA ASP H 112 -27.85 -7.22 -17.93
C ASP H 112 -27.30 -8.35 -18.78
N LEU H 113 -28.14 -8.83 -19.68
CA LEU H 113 -27.65 -9.71 -20.78
C LEU H 113 -26.46 -9.15 -21.49
N SER H 114 -25.48 -10.03 -21.73
CA SER H 114 -24.35 -9.74 -22.51
C SER H 114 -24.67 -9.58 -24.00
N GLY H 115 -25.56 -10.42 -24.52
CA GLY H 115 -25.90 -10.48 -25.93
C GLY H 115 -27.22 -9.80 -26.36
N ASP H 116 -27.20 -9.18 -27.53
CA ASP H 116 -28.45 -8.73 -28.28
C ASP H 116 -29.33 -9.97 -28.53
N ILE H 117 -30.61 -9.89 -28.22
CA ILE H 117 -31.50 -11.01 -28.48
C ILE H 117 -32.38 -10.79 -29.71
N THR H 118 -32.15 -9.69 -30.40
CA THR H 118 -32.93 -9.32 -31.56
C THR H 118 -33.04 -10.50 -32.50
N ASP H 119 -34.27 -10.88 -32.83
CA ASP H 119 -34.58 -11.99 -33.74
C ASP H 119 -34.12 -13.35 -33.27
N ARG H 120 -33.82 -13.51 -31.98
CA ARG H 120 -33.40 -14.80 -31.46
C ARG H 120 -34.57 -15.44 -30.75
N ASN H 121 -34.54 -16.75 -30.62
CA ASN H 121 -35.40 -17.50 -29.72
C ASN H 121 -34.70 -17.52 -28.33
N VAL H 122 -35.45 -17.17 -27.28
CA VAL H 122 -34.95 -17.05 -25.97
C VAL H 122 -35.74 -17.92 -25.07
N LEU H 123 -35.04 -18.61 -24.18
CA LEU H 123 -35.66 -19.49 -23.23
C LEU H 123 -35.14 -19.12 -21.88
N ILE H 124 -35.99 -18.48 -21.08
CA ILE H 124 -35.67 -18.18 -19.71
C ILE H 124 -35.71 -19.49 -18.95
N VAL H 125 -34.66 -19.78 -18.19
CA VAL H 125 -34.64 -21.00 -17.39
C VAL H 125 -34.73 -20.58 -15.93
N GLU H 126 -35.82 -20.96 -15.26
CA GLU H 126 -36.09 -20.56 -13.89
C GLU H 126 -35.95 -21.70 -12.94
N ASP H 127 -35.50 -21.39 -11.73
CA ASP H 127 -35.61 -22.25 -10.54
C ASP H 127 -37.03 -22.49 -9.96
N ILE H 128 -37.81 -21.44 -9.83
CA ILE H 128 -39.12 -21.51 -9.27
C ILE H 128 -40.03 -20.49 -9.85
N ILE H 129 -41.28 -20.83 -10.00
CA ILE H 129 -42.29 -19.79 -10.26
C ILE H 129 -43.32 -19.84 -9.17
N ASP H 130 -43.81 -18.66 -8.83
CA ASP H 130 -44.86 -18.52 -7.82
C ASP H 130 -45.65 -17.23 -8.06
N SER H 131 -46.20 -16.63 -7.01
CA SER H 131 -47.13 -15.50 -7.18
C SER H 131 -46.37 -14.21 -7.36
N GLY H 132 -45.06 -14.21 -7.11
CA GLY H 132 -44.24 -13.05 -7.44
C GLY H 132 -44.34 -12.63 -8.92
N LEU H 133 -44.34 -11.31 -9.14
CA LEU H 133 -44.53 -10.70 -10.45
C LEU H 133 -43.23 -10.52 -11.24
N THR H 134 -42.08 -10.96 -10.73
CA THR H 134 -40.81 -10.60 -11.37
C THR H 134 -40.59 -11.33 -12.68
N LEU H 135 -41.03 -12.60 -12.77
CA LEU H 135 -40.95 -13.30 -14.05
C LEU H 135 -41.82 -12.65 -15.16
N LYS H 136 -43.04 -12.25 -14.82
CA LYS H 136 -43.85 -11.51 -15.75
C LYS H 136 -43.20 -10.21 -16.22
N TRP H 137 -42.71 -9.41 -15.28
CA TRP H 137 -42.03 -8.20 -15.67
C TRP H 137 -40.76 -8.53 -16.56
N LEU H 138 -39.96 -9.52 -16.18
CA LEU H 138 -38.79 -9.89 -16.98
C LEU H 138 -39.16 -10.37 -18.41
N LEU H 139 -40.20 -11.16 -18.53
CA LEU H 139 -40.69 -11.58 -19.81
C LEU H 139 -41.05 -10.39 -20.71
N SER H 140 -41.78 -9.47 -20.14
CA SER H 140 -42.15 -8.27 -20.89
C SER H 140 -40.91 -7.43 -21.19
N ASN H 141 -39.98 -7.37 -20.27
CA ASN H 141 -38.74 -6.67 -20.55
C ASN H 141 -38.00 -7.31 -21.76
N LEU H 142 -37.88 -8.62 -21.79
CA LEU H 142 -37.07 -9.24 -22.85
C LEU H 142 -37.84 -9.13 -24.18
N ARG H 143 -39.16 -9.22 -24.11
CA ARG H 143 -39.95 -9.06 -25.30
C ARG H 143 -39.84 -7.64 -25.87
N SER H 144 -39.45 -6.65 -25.08
CA SER H 144 -39.24 -5.29 -25.61
C SER H 144 -37.92 -5.15 -26.39
N ARG H 145 -37.11 -6.20 -26.45
CA ARG H 145 -35.78 -6.09 -27.04
C ARG H 145 -35.68 -6.70 -28.43
N GLY H 146 -36.82 -6.87 -29.08
CA GLY H 146 -36.93 -7.49 -30.41
C GLY H 146 -36.73 -8.99 -30.63
N PRO H 147 -36.89 -9.83 -29.59
CA PRO H 147 -36.53 -11.27 -29.88
C PRO H 147 -37.58 -11.85 -30.75
N LYS H 148 -37.28 -12.94 -31.42
CA LYS H 148 -38.29 -13.66 -32.21
C LYS H 148 -39.31 -14.28 -31.29
N SER H 149 -38.87 -14.87 -30.19
CA SER H 149 -39.80 -15.41 -29.18
C SER H 149 -39.10 -15.53 -27.84
N VAL H 150 -39.87 -15.50 -26.78
CA VAL H 150 -39.37 -15.70 -25.43
C VAL H 150 -40.32 -16.67 -24.79
N GLU H 151 -39.79 -17.79 -24.28
CA GLU H 151 -40.57 -18.80 -23.53
C GLU H 151 -39.87 -19.05 -22.20
N VAL H 152 -40.52 -19.81 -21.33
CA VAL H 152 -39.97 -20.10 -20.01
C VAL H 152 -39.98 -21.61 -19.72
N ALA H 153 -38.87 -22.07 -19.16
CA ALA H 153 -38.73 -23.38 -18.60
C ALA H 153 -38.45 -23.16 -17.12
N ALA H 154 -39.25 -23.77 -16.27
CA ALA H 154 -39.08 -23.63 -14.82
C ALA H 154 -38.95 -25.02 -14.17
N LEU H 155 -37.99 -25.19 -13.29
CA LEU H 155 -37.89 -26.46 -12.57
C LEU H 155 -39.10 -26.71 -11.67
N LEU H 156 -39.45 -25.73 -10.87
CA LEU H 156 -40.46 -25.90 -9.85
C LEU H 156 -41.59 -24.88 -10.03
N ARG H 157 -42.81 -25.35 -9.84
CA ARG H 157 -43.96 -24.46 -9.77
C ARG H 157 -44.78 -24.67 -8.50
N LYS H 158 -45.06 -23.59 -7.79
CA LYS H 158 -45.87 -23.66 -6.59
C LYS H 158 -47.31 -23.40 -6.95
N PRO H 159 -48.26 -23.79 -6.06
CA PRO H 159 -49.72 -23.51 -6.27
C PRO H 159 -50.10 -22.06 -6.57
N ASP H 160 -49.51 -21.11 -5.85
CA ASP H 160 -49.84 -19.70 -6.06
C ASP H 160 -49.32 -19.11 -7.40
N ALA H 161 -48.55 -19.87 -8.17
CA ALA H 161 -48.20 -19.44 -9.53
C ALA H 161 -49.43 -19.23 -10.43
N ALA H 162 -50.51 -19.96 -10.16
CA ALA H 162 -51.78 -19.80 -10.90
C ALA H 162 -52.34 -18.36 -10.88
N ARG H 163 -51.97 -17.56 -9.87
CA ARG H 163 -52.52 -16.17 -9.72
C ARG H 163 -51.85 -15.18 -10.67
N VAL H 164 -50.71 -15.54 -11.29
CA VAL H 164 -50.11 -14.66 -12.31
C VAL H 164 -50.38 -15.24 -13.70
N ASP H 165 -50.86 -14.40 -14.61
CA ASP H 165 -51.26 -14.88 -15.91
C ASP H 165 -50.06 -14.92 -16.82
N ILE H 166 -49.29 -16.00 -16.72
CA ILE H 166 -48.23 -16.24 -17.71
C ILE H 166 -48.12 -17.68 -18.19
N ASP H 167 -47.84 -17.78 -19.47
CA ASP H 167 -47.71 -19.07 -20.11
C ASP H 167 -46.28 -19.59 -19.94
N VAL H 168 -46.14 -20.68 -19.16
CA VAL H 168 -44.87 -21.33 -18.95
C VAL H 168 -44.85 -22.65 -19.68
N LYS H 169 -44.05 -22.72 -20.72
CA LYS H 169 -44.13 -23.83 -21.64
C LYS H 169 -43.57 -25.12 -21.06
N TYR H 170 -42.53 -25.02 -20.23
CA TYR H 170 -41.87 -26.23 -19.70
C TYR H 170 -41.74 -26.18 -18.19
N ILE H 171 -42.31 -27.18 -17.52
CA ILE H 171 -42.36 -27.24 -16.05
C ILE H 171 -41.87 -28.55 -15.59
N GLY H 172 -40.91 -28.50 -14.70
CA GLY H 172 -40.32 -29.73 -14.15
C GLY H 172 -41.31 -30.40 -13.26
N PHE H 173 -41.69 -29.73 -12.18
CA PHE H 173 -42.49 -30.35 -11.10
C PHE H 173 -43.42 -29.32 -10.50
N ASP H 174 -44.66 -29.73 -10.20
CA ASP H 174 -45.52 -28.96 -9.33
C ASP H 174 -45.17 -29.36 -7.91
N ILE H 175 -44.99 -28.38 -7.04
CA ILE H 175 -44.66 -28.66 -5.68
C ILE H 175 -45.64 -27.92 -4.77
N PRO H 176 -45.74 -28.36 -3.52
CA PRO H 176 -46.64 -27.68 -2.60
C PRO H 176 -46.03 -26.35 -2.16
N SER H 177 -46.80 -25.55 -1.43
CA SER H 177 -46.31 -24.26 -0.93
C SER H 177 -45.47 -24.48 0.32
N GLU H 178 -44.19 -24.72 0.11
CA GLU H 178 -43.25 -24.96 1.19
C GLU H 178 -42.09 -24.07 0.89
N PHE H 179 -41.35 -23.69 1.92
CA PHE H 179 -40.10 -23.02 1.67
C PHE H 179 -39.09 -24.10 1.26
N VAL H 180 -38.60 -24.04 0.03
CA VAL H 180 -37.73 -25.07 -0.51
C VAL H 180 -36.29 -24.58 -0.55
N ILE H 181 -35.37 -25.52 -0.39
CA ILE H 181 -33.95 -25.25 -0.44
C ILE H 181 -33.25 -26.34 -1.23
N GLY H 182 -32.00 -26.05 -1.61
CA GLY H 182 -31.18 -26.96 -2.39
C GLY H 182 -31.26 -26.72 -3.89
N TYR H 183 -30.35 -27.35 -4.62
CA TYR H 183 -30.35 -27.35 -6.09
C TYR H 183 -30.35 -25.91 -6.54
N GLY H 184 -29.47 -25.15 -5.90
CA GLY H 184 -29.27 -23.76 -6.21
C GLY H 184 -30.15 -22.77 -5.46
N LEU H 185 -31.20 -23.24 -4.80
CA LEU H 185 -32.08 -22.40 -3.98
C LEU H 185 -31.50 -22.28 -2.54
N ASP H 186 -31.51 -21.07 -2.03
CA ASP H 186 -30.98 -20.84 -0.68
C ASP H 186 -31.98 -20.47 0.43
N TYR H 187 -31.48 -20.59 1.67
CA TYR H 187 -32.04 -19.87 2.77
C TYR H 187 -30.89 -19.12 3.41
N ALA H 188 -31.00 -17.79 3.43
CA ALA H 188 -29.97 -16.90 3.91
C ALA H 188 -28.62 -17.29 3.34
N GLU H 189 -28.57 -17.50 2.02
CA GLU H 189 -27.34 -17.88 1.30
C GLU H 189 -26.82 -19.33 1.49
N ASN H 190 -27.43 -20.09 2.39
CA ASN H 190 -27.02 -21.47 2.64
C ASN H 190 -27.83 -22.46 1.83
N TYR H 191 -27.28 -23.65 1.71
CA TYR H 191 -27.93 -24.85 1.16
C TYR H 191 -28.05 -24.89 -0.36
N ARG H 192 -27.44 -23.94 -1.06
CA ARG H 192 -27.55 -23.96 -2.53
C ARG H 192 -26.87 -25.16 -3.10
N ASN H 193 -25.92 -25.72 -2.38
CA ASN H 193 -25.15 -26.89 -2.92
C ASN H 193 -25.74 -28.26 -2.63
N LEU H 194 -26.92 -28.33 -2.04
CA LEU H 194 -27.57 -29.60 -1.87
C LEU H 194 -27.91 -30.12 -3.27
N PRO H 195 -27.74 -31.44 -3.51
CA PRO H 195 -28.03 -31.98 -4.84
C PRO H 195 -29.49 -32.32 -5.06
N TYR H 196 -30.29 -32.07 -4.05
CA TYR H 196 -31.70 -32.36 -4.09
C TYR H 196 -32.46 -31.10 -3.69
N VAL H 197 -33.79 -31.14 -3.81
CA VAL H 197 -34.61 -30.06 -3.35
C VAL H 197 -35.27 -30.54 -2.06
N GLY H 198 -35.04 -29.78 -0.99
CA GLY H 198 -35.60 -30.09 0.31
C GLY H 198 -36.51 -29.02 0.84
N VAL H 199 -37.21 -29.36 1.93
CA VAL H 199 -38.08 -28.42 2.64
C VAL H 199 -37.35 -27.96 3.87
N LEU H 200 -37.24 -26.67 4.02
CA LEU H 200 -36.52 -26.13 5.15
C LEU H 200 -37.35 -26.36 6.42
N SER H 201 -36.77 -26.92 7.46
CA SER H 201 -37.51 -27.30 8.69
C SER H 201 -38.03 -26.00 9.37
N ARG H 202 -39.32 -25.96 9.75
CA ARG H 202 -40.01 -24.82 10.40
C ARG H 202 -40.48 -25.02 11.86
N SER H 203 -40.72 -26.26 12.17
CA SER H 203 -41.33 -26.68 13.38
C SER H 203 -40.27 -26.95 14.41
N VAL H 204 -40.61 -26.95 15.68
CA VAL H 204 -39.63 -27.34 16.71
C VAL H 204 -39.53 -28.88 16.70
N TYR H 205 -38.32 -29.39 16.46
CA TYR H 205 -38.08 -30.83 16.57
C TYR H 205 -38.13 -31.29 17.98
N GLU H 206 -38.81 -32.43 18.19
CA GLU H 206 -38.90 -33.03 19.48
C GLU H 206 -38.47 -34.45 19.32
N ASP H 207 -37.83 -34.96 20.36
CA ASP H 207 -37.19 -36.25 20.29
C ASP H 207 -38.13 -37.35 20.73
MG MG I . -12.28 -18.48 -16.03
MG MG J . 11.94 18.00 16.37
MG MG K . -6.82 19.71 8.74
MG MG L . 24.48 4.65 32.29
MG MG M . -17.18 11.20 -2.62
MG MG N . -24.24 9.73 2.17
MG MG O . 38.50 0.77 2.67
MG MG P . 39.49 6.96 -32.50
MG MG Q . -28.05 11.42 -24.16
MG MG R . 17.81 -10.43 1.62
MG MG S . -35.27 -17.36 -9.87
MG MG T . -33.50 -39.90 16.67
#